data_5XUZ
#
_entry.id   5XUZ
#
_cell.length_a   101.946
_cell.length_b   103.540
_cell.length_c   342.683
_cell.angle_alpha   90.00
_cell.angle_beta   90.00
_cell.angle_gamma   90.00
#
_symmetry.space_group_name_H-M   'P 21 21 21'
#
loop_
_entity.id
_entity.type
_entity.pdbx_description
1 polymer LbCpf1
2 polymer crRNA
3 polymer 'DNA (29-MER)'
4 polymer "DNA (5'-D(*CP*GP*TP*CP*CP*CP*CP*CP*A)-3')"
5 non-polymer 'MAGNESIUM ION'
6 non-polymer 1,2-ETHANEDIOL
7 non-polymer 'SODIUM ION'
8 water water
#
loop_
_entity_poly.entity_id
_entity_poly.type
_entity_poly.pdbx_seq_one_letter_code
_entity_poly.pdbx_strand_id
1 'polypeptide(L)'
;GSHMSKLEKFTNCYSLSKTLRFKAIPVGKTQENIDNKRLLVEDEKRAEDYKGVKKLLDRYYLSFINDVLHSIKLKNLNNY
ISLFRKKTRTEKENKELENLEINLRKEIAKAFKGNEGYKSLFKKDIIETILPEFLDDKDEIALVNSFNGFTTAFTGFFDN
RENMFSEEAKSTSIAFRCINENLTRYISNMDIFEKVDAIFDKHEVQEIKEKILNSDYDVEDFFEGEFFNFVLTQEGIDVY
NAIIGGFVTESGEKIKGLNEYINLYNQKTKQKLPKFKPLYKQVLSDRESLSFYGEGYTSDEEVLEVFRNTLNKNSEIFSS
IKKLEKLFKNFDEYSSAGIFVKNGPAISTISKDIFGEWNVIRDKWNAEYDDIHLKKKAVVTEKYEDDRRKSFKKIGSFSL
EQLQEYADADLSVVEKLKEIIIQKVDEIYKVYGSSEKLFDADFVLEKSLKKNDAVVAIMKDLLDSVKSFENYIKAFFGEG
KETNRDESFYGDFVLAYDILLKVDHIYDAIRNYVTQKPYSKDKFKLYFQNPQFMGGWDKDKETDYRATILRYGSKYYLAI
MDKKYAKCLQKIDKDDVNGNYEKINYKLLPGPNKMLPKVFFSKKWMAYYNPSEDIQKIYKNGTFKKGDMFNLNDCHKLID
FFKDSISRYPKWSNAYDFNFSETEKYKDIAGFYREVEEQGYKVSFESASKKEVDKLVEEGKLYMFQIYNKDFSDKSHGTP
NLHTMYFKLLFDENNHGQIRLSGGAELFMRRASLKKEELVVHPANSPIANKNPDNPKKTTTLSYDVYKDKRFSEDQYELH
IPIAINKCPKNIFKINTEVRVLLKHDDNPYVIGIDRGERNLLYIVVVDGKGNIVEQYSLNEIINNFNGIRIKTDYHSLLD
KKEKERFEARQNWTSIENIKELKAGYISQVVHKICELVEKYDAVIALEDLNSGFKNSRVKVEKQVYQKFEKMLIDKLNYM
VDKKSNPCATGGALKGYQITNKFESFKSMSTQNGFIFYIPAWLTSKIDPSTGFVNLLKTKYTSIADSKKFISSFDRIMYV
PEEDLFEFALDYKNFSRTDADYIKKWKLYSYGNRIRIFRNPKKNNVFDWEEVCLTSAYKELFNKYGINYQQGDIRALLCE
QSDKAFYSSFMALMSLMLQMRNSITGRTDVDFLISPVKNSDGIFYDSRNYEAQENAILPKNADANGAYNIARKVLWAIGQ
FKKAEDEKLDKVKIAISNKEWLEYAQTSVKH
;
A,E
2 'polyribonucleotide' AAUUUCUACUAAGUGUAGAUGGAAAUUAGGUGCGCUUGGC B,F
3 'polydeoxyribonucleotide'
;(DG)(DC)(DC)(DA)(DA)(DG)(DC)(DG)(DC)(DA)(DC)(DC)(DT)(DA)(DA)(DT)(DT)(DT)(DC)(DC)
(DT)(DG)(DG)(DG)(DG)(DG)(DA)(DC)(DG)
;
C,G
4 'polydeoxyribonucleotide' (DC)(DG)(DT)(DC)(DC)(DC)(DC)(DC)(DA) D,H
#
loop_
_chem_comp.id
_chem_comp.type
_chem_comp.name
_chem_comp.formula
A RNA linking ADENOSINE-5'-MONOPHOSPHATE 'C10 H14 N5 O7 P'
C RNA linking CYTIDINE-5'-MONOPHOSPHATE 'C9 H14 N3 O8 P'
DA DNA linking 2'-DEOXYADENOSINE-5'-MONOPHOSPHATE 'C10 H14 N5 O6 P'
DC DNA linking 2'-DEOXYCYTIDINE-5'-MONOPHOSPHATE 'C9 H14 N3 O7 P'
DG DNA linking 2'-DEOXYGUANOSINE-5'-MONOPHOSPHATE 'C10 H14 N5 O7 P'
DT DNA linking THYMIDINE-5'-MONOPHOSPHATE 'C10 H15 N2 O8 P'
EDO non-polymer 1,2-ETHANEDIOL 'C2 H6 O2'
G RNA linking GUANOSINE-5'-MONOPHOSPHATE 'C10 H14 N5 O8 P'
MG non-polymer 'MAGNESIUM ION' 'Mg 2'
NA non-polymer 'SODIUM ION' 'Na 1'
U RNA linking URIDINE-5'-MONOPHOSPHATE 'C9 H13 N2 O9 P'
#
# COMPACT_ATOMS: atom_id res chain seq x y z
N GLY A 1 9.63 -3.52 -18.85
CA GLY A 1 8.91 -4.11 -19.96
C GLY A 1 7.78 -5.03 -19.52
N SER A 2 7.61 -5.17 -18.20
CA SER A 2 6.54 -6.01 -17.65
C SER A 2 5.17 -5.55 -18.15
N HIS A 3 4.32 -6.52 -18.49
CA HIS A 3 2.97 -6.25 -18.98
C HIS A 3 1.89 -6.52 -17.93
N MET A 4 2.22 -7.22 -16.86
CA MET A 4 1.23 -7.75 -15.95
C MET A 4 1.70 -7.54 -14.52
N SER A 5 0.84 -6.94 -13.69
CA SER A 5 1.21 -6.68 -12.30
C SER A 5 0.94 -7.94 -11.47
N LYS A 6 1.96 -8.72 -11.20
CA LYS A 6 1.75 -10.01 -10.55
C LYS A 6 1.90 -9.95 -9.04
N LEU A 7 2.80 -9.13 -8.52
CA LEU A 7 3.06 -9.16 -7.10
C LEU A 7 1.83 -8.77 -6.29
N GLU A 8 0.98 -7.88 -6.83
CA GLU A 8 -0.11 -7.31 -6.05
C GLU A 8 -1.15 -8.35 -5.63
N LYS A 9 -1.16 -9.52 -6.25
CA LYS A 9 -2.12 -10.54 -5.89
C LYS A 9 -1.67 -11.39 -4.71
N PHE A 10 -0.51 -11.08 -4.14
CA PHE A 10 0.11 -11.95 -3.13
C PHE A 10 0.29 -11.23 -1.79
N THR A 11 -0.78 -10.62 -1.28
CA THR A 11 -0.76 -10.04 0.06
C THR A 11 -1.76 -10.77 0.93
N ASN A 12 -1.48 -10.83 2.23
CA ASN A 12 -2.44 -11.34 3.21
C ASN A 12 -2.80 -12.80 2.91
N CYS A 13 -1.77 -13.61 2.64
CA CYS A 13 -1.91 -15.01 2.24
C CYS A 13 -1.76 -15.98 3.40
N TYR A 14 -0.85 -15.70 4.31
CA TYR A 14 -0.67 -16.62 5.42
C TYR A 14 0.04 -15.89 6.55
N SER A 15 -0.03 -16.48 7.72
CA SER A 15 0.45 -15.78 8.89
C SER A 15 1.87 -16.21 9.18
N LEU A 16 2.60 -15.33 9.84
CA LEU A 16 3.91 -15.67 10.34
C LEU A 16 4.17 -14.83 11.57
N SER A 17 5.08 -15.33 12.40
CA SER A 17 5.56 -14.63 13.58
C SER A 17 6.99 -14.20 13.37
N LYS A 18 7.35 -13.07 13.98
CA LYS A 18 8.71 -12.57 14.04
C LYS A 18 8.98 -11.99 15.41
N THR A 19 10.24 -11.70 15.67
CA THR A 19 10.67 -11.11 16.93
C THR A 19 11.38 -9.79 16.63
N LEU A 20 11.00 -8.76 17.36
CA LEU A 20 11.70 -7.47 17.35
C LEU A 20 12.55 -7.37 18.60
N ARG A 21 13.77 -6.87 18.48
CA ARG A 21 14.64 -6.78 19.65
C ARG A 21 15.04 -5.34 19.93
N PHE A 22 15.12 -5.00 21.21
CA PHE A 22 15.48 -3.65 21.58
C PHE A 22 16.42 -3.70 22.79
N LYS A 23 17.20 -2.65 22.93
CA LYS A 23 17.83 -2.33 24.19
C LYS A 23 16.77 -1.76 25.13
N ALA A 24 16.86 -2.11 26.41
CA ALA A 24 15.96 -1.61 27.43
C ALA A 24 16.78 -0.78 28.42
N ILE A 25 16.52 0.52 28.46
CA ILE A 25 17.37 1.45 29.21
C ILE A 25 16.63 1.80 30.50
N PRO A 26 17.15 1.41 31.67
CA PRO A 26 16.48 1.74 32.93
C PRO A 26 16.34 3.24 33.10
N VAL A 27 15.21 3.66 33.65
CA VAL A 27 14.89 5.07 33.81
C VAL A 27 14.91 5.43 35.29
N GLY A 28 15.41 6.61 35.63
CA GLY A 28 15.26 7.10 37.00
C GLY A 28 16.00 6.27 38.01
N LYS A 29 15.35 5.99 39.14
CA LYS A 29 15.94 5.13 40.15
C LYS A 29 15.78 3.63 39.85
N THR A 30 15.32 3.26 38.65
CA THR A 30 15.07 1.85 38.36
C THR A 30 16.30 0.99 38.64
N GLN A 31 17.45 1.36 38.07
CA GLN A 31 18.63 0.54 38.24
C GLN A 31 19.04 0.45 39.70
N GLU A 32 19.03 1.59 40.41
CA GLU A 32 19.38 1.56 41.82
C GLU A 32 18.46 0.63 42.61
N ASN A 33 17.16 0.68 42.34
CA ASN A 33 16.21 -0.16 43.08
C ASN A 33 16.43 -1.63 42.75
N ILE A 34 16.75 -1.94 41.49
CA ILE A 34 17.05 -3.32 41.11
C ILE A 34 18.34 -3.79 41.78
N ASP A 35 19.36 -2.92 41.81
CA ASP A 35 20.58 -3.28 42.52
C ASP A 35 20.27 -3.58 43.98
N ASN A 36 19.63 -2.63 44.66
CA ASN A 36 19.36 -2.82 46.07
C ASN A 36 18.53 -4.07 46.34
N LYS A 37 17.71 -4.48 45.39
CA LYS A 37 16.89 -5.65 45.68
C LYS A 37 17.56 -6.97 45.28
N ARG A 38 18.72 -6.91 44.64
CA ARG A 38 19.50 -8.08 44.23
C ARG A 38 18.83 -8.89 43.12
N LEU A 39 17.83 -8.33 42.44
CA LEU A 39 17.08 -9.07 41.42
C LEU A 39 18.01 -9.69 40.38
N LEU A 40 18.99 -8.93 39.89
CA LEU A 40 19.86 -9.46 38.85
C LEU A 40 20.67 -10.66 39.34
N VAL A 41 21.24 -10.55 40.54
CA VAL A 41 22.02 -11.66 41.08
C VAL A 41 21.15 -12.91 41.23
N GLU A 42 19.93 -12.74 41.74
CA GLU A 42 19.01 -13.87 41.86
C GLU A 42 18.74 -14.51 40.50
N ASP A 43 18.59 -13.69 39.45
CA ASP A 43 18.24 -14.24 38.16
C ASP A 43 19.44 -14.86 37.45
N GLU A 44 20.63 -14.29 37.63
CA GLU A 44 21.81 -14.92 37.05
C GLU A 44 22.02 -16.31 37.67
N LYS A 45 21.67 -16.46 38.95
CA LYS A 45 21.83 -17.72 39.65
C LYS A 45 20.72 -18.70 39.27
N ARG A 46 19.46 -18.22 39.24
CA ARG A 46 18.35 -19.04 38.79
C ARG A 46 18.61 -19.61 37.41
N ALA A 47 19.29 -18.86 36.53
CA ALA A 47 19.57 -19.39 35.20
C ALA A 47 20.50 -20.58 35.27
N GLU A 48 21.56 -20.48 36.08
CA GLU A 48 22.46 -21.60 36.27
C GLU A 48 21.70 -22.79 36.82
N ASP A 49 20.91 -22.58 37.87
CA ASP A 49 20.19 -23.67 38.53
C ASP A 49 19.15 -24.28 37.60
N TYR A 50 18.46 -23.44 36.84
CA TYR A 50 17.47 -23.91 35.87
C TYR A 50 18.09 -24.88 34.88
N LYS A 51 19.27 -24.53 34.34
CA LYS A 51 19.98 -25.46 33.47
C LYS A 51 20.30 -26.74 34.23
N GLY A 52 20.64 -26.62 35.51
CA GLY A 52 20.97 -27.80 36.29
C GLY A 52 19.80 -28.74 36.45
N VAL A 53 18.62 -28.19 36.76
CA VAL A 53 17.43 -29.01 36.90
C VAL A 53 17.08 -29.65 35.56
N LYS A 54 17.27 -28.92 34.47
CA LYS A 54 17.03 -29.50 33.16
C LYS A 54 17.94 -30.71 32.91
N LYS A 55 19.15 -30.66 33.43
CA LYS A 55 20.03 -31.83 33.32
C LYS A 55 19.53 -32.97 34.19
N LEU A 56 19.06 -32.67 35.40
CA LEU A 56 18.50 -33.73 36.25
C LEU A 56 17.24 -34.32 35.62
N LEU A 57 16.36 -33.47 35.09
CA LEU A 57 15.20 -33.97 34.37
C LEU A 57 15.62 -34.91 33.25
N ASP A 58 16.65 -34.53 32.49
CA ASP A 58 17.07 -35.36 31.37
C ASP A 58 17.55 -36.73 31.84
N ARG A 59 18.22 -36.78 32.99
CA ARG A 59 18.58 -38.09 33.58
C ARG A 59 17.34 -38.96 33.76
N TYR A 60 16.25 -38.38 34.26
CA TYR A 60 15.02 -39.15 34.41
C TYR A 60 14.41 -39.49 33.06
N TYR A 61 14.36 -38.52 32.13
CA TYR A 61 13.74 -38.80 30.84
C TYR A 61 14.49 -39.89 30.08
N LEU A 62 15.81 -39.84 30.11
CA LEU A 62 16.60 -40.84 29.40
C LEU A 62 16.39 -42.22 30.00
N SER A 63 16.27 -42.29 31.33
CA SER A 63 16.02 -43.56 31.98
C SER A 63 14.66 -44.11 31.58
N PHE A 64 13.66 -43.22 31.51
CA PHE A 64 12.32 -43.60 31.07
C PHE A 64 12.32 -44.06 29.62
N ILE A 65 13.12 -43.40 28.77
CA ILE A 65 13.18 -43.76 27.35
C ILE A 65 13.83 -45.13 27.17
N ASN A 66 14.94 -45.35 27.85
CA ASN A 66 15.67 -46.60 27.66
C ASN A 66 14.85 -47.79 28.14
N ASP A 67 14.18 -47.66 29.29
CA ASP A 67 13.31 -48.74 29.76
C ASP A 67 12.31 -49.15 28.69
N VAL A 68 11.70 -48.16 28.04
CA VAL A 68 10.68 -48.47 27.05
C VAL A 68 11.30 -49.02 25.78
N LEU A 69 12.34 -48.37 25.26
CA LEU A 69 12.98 -48.84 24.03
C LEU A 69 13.58 -50.23 24.21
N HIS A 70 14.20 -50.51 25.35
CA HIS A 70 14.72 -51.86 25.55
C HIS A 70 13.64 -52.93 25.49
N SER A 71 12.40 -52.57 25.77
CA SER A 71 11.31 -53.53 25.95
C SER A 71 10.41 -53.70 24.73
N ILE A 72 10.71 -53.07 23.62
CA ILE A 72 9.77 -53.01 22.51
C ILE A 72 10.20 -53.99 21.41
N LYS A 73 9.23 -54.69 20.85
CA LYS A 73 9.42 -55.49 19.64
C LYS A 73 8.48 -54.93 18.60
N LEU A 74 9.03 -54.22 17.61
CA LEU A 74 8.24 -53.75 16.49
C LEU A 74 7.61 -54.94 15.76
N LYS A 75 6.33 -54.81 15.42
CA LYS A 75 5.54 -55.91 14.85
C LYS A 75 5.67 -56.02 13.33
N ASN A 76 5.44 -54.90 12.63
CA ASN A 76 5.38 -54.91 11.17
C ASN A 76 6.67 -55.45 10.57
N LEU A 77 7.80 -55.11 11.19
CA LEU A 77 9.16 -55.15 10.65
C LEU A 77 9.36 -55.91 9.35
N ASN A 78 9.16 -57.22 9.38
CA ASN A 78 9.38 -58.05 8.20
CA ASN A 78 9.41 -58.03 8.19
C ASN A 78 8.49 -57.61 7.04
N ASN A 79 7.21 -57.34 7.33
CA ASN A 79 6.30 -56.79 6.32
C ASN A 79 6.83 -55.48 5.75
N TYR A 80 7.04 -54.50 6.63
CA TYR A 80 7.49 -53.18 6.20
C TYR A 80 8.74 -53.29 5.34
N ILE A 81 9.71 -54.09 5.79
CA ILE A 81 10.99 -54.16 5.08
C ILE A 81 10.78 -54.73 3.69
N SER A 82 9.91 -55.73 3.57
CA SER A 82 9.63 -56.34 2.28
C SER A 82 9.09 -55.30 1.30
N LEU A 83 7.99 -54.64 1.67
CA LEU A 83 7.43 -53.61 0.81
C LEU A 83 8.43 -52.47 0.59
N PHE A 84 9.16 -52.08 1.62
CA PHE A 84 10.10 -50.98 1.49
C PHE A 84 11.17 -51.27 0.46
N ARG A 85 11.42 -52.54 0.16
CA ARG A 85 12.43 -52.90 -0.81
C ARG A 85 11.85 -53.29 -2.16
N LYS A 86 10.55 -53.58 -2.24
CA LYS A 86 9.93 -53.93 -3.51
C LYS A 86 10.14 -52.83 -4.54
N LYS A 87 10.56 -53.23 -5.74
CA LYS A 87 11.01 -52.33 -6.80
C LYS A 87 9.91 -51.93 -7.78
N THR A 88 8.80 -52.65 -7.79
CA THR A 88 7.69 -52.41 -8.70
C THR A 88 6.43 -52.11 -7.89
N ARG A 89 6.45 -51.00 -7.15
CA ARG A 89 5.34 -50.62 -6.27
C ARG A 89 4.34 -49.74 -6.99
N THR A 90 3.10 -50.23 -7.09
CA THR A 90 1.98 -49.41 -7.52
C THR A 90 1.86 -48.17 -6.64
N GLU A 91 1.07 -47.18 -7.07
CA GLU A 91 0.71 -46.12 -6.14
C GLU A 91 -0.04 -46.67 -4.94
N LYS A 92 -0.78 -47.77 -5.14
CA LYS A 92 -1.54 -48.38 -4.04
C LYS A 92 -0.63 -49.03 -3.01
N GLU A 93 0.47 -49.64 -3.47
CA GLU A 93 1.42 -50.18 -2.52
C GLU A 93 2.21 -49.10 -1.80
N ASN A 94 2.32 -47.90 -2.40
CA ASN A 94 3.04 -46.83 -1.73
C ASN A 94 2.23 -46.25 -0.57
N LYS A 95 0.90 -46.16 -0.73
CA LYS A 95 0.06 -45.80 0.42
C LYS A 95 0.15 -46.88 1.49
N GLU A 96 0.16 -48.14 1.08
CA GLU A 96 0.36 -49.25 2.00
C GLU A 96 1.63 -49.09 2.81
N LEU A 97 2.72 -48.71 2.15
CA LEU A 97 3.98 -48.57 2.85
C LEU A 97 3.88 -47.44 3.85
N GLU A 98 3.22 -46.34 3.45
CA GLU A 98 3.00 -45.23 4.37
C GLU A 98 2.21 -45.67 5.60
N ASN A 99 1.17 -46.49 5.42
CA ASN A 99 0.41 -46.99 6.57
C ASN A 99 1.29 -47.82 7.50
N LEU A 100 2.03 -48.78 6.95
CA LEU A 100 2.94 -49.57 7.77
C LEU A 100 3.94 -48.69 8.51
N GLU A 101 4.40 -47.62 7.87
CA GLU A 101 5.36 -46.75 8.50
C GLU A 101 4.72 -45.93 9.63
N ILE A 102 3.51 -45.41 9.39
CA ILE A 102 2.77 -44.75 10.46
C ILE A 102 2.58 -45.69 11.64
N ASN A 103 2.22 -46.94 11.38
CA ASN A 103 1.95 -47.88 12.46
C ASN A 103 3.21 -48.19 13.27
N LEU A 104 4.36 -48.27 12.60
CA LEU A 104 5.60 -48.45 13.33
C LEU A 104 5.86 -47.27 14.27
N ARG A 105 5.64 -46.05 13.77
CA ARG A 105 5.82 -44.89 14.64
C ARG A 105 4.83 -44.88 15.78
N LYS A 106 3.61 -45.39 15.54
CA LYS A 106 2.60 -45.45 16.58
C LYS A 106 2.92 -46.51 17.63
N GLU A 107 3.51 -47.63 17.21
CA GLU A 107 3.97 -48.61 18.20
C GLU A 107 4.97 -47.96 19.16
N ILE A 108 5.88 -47.15 18.64
CA ILE A 108 6.89 -46.54 19.50
C ILE A 108 6.26 -45.48 20.39
N ALA A 109 5.41 -44.63 19.82
CA ALA A 109 4.82 -43.55 20.62
C ALA A 109 3.91 -44.10 21.70
N LYS A 110 3.00 -45.01 21.33
CA LYS A 110 2.06 -45.56 22.31
C LYS A 110 2.78 -46.33 23.41
N ALA A 111 3.91 -46.97 23.10
CA ALA A 111 4.68 -47.63 24.16
C ALA A 111 5.19 -46.62 25.17
N PHE A 112 5.46 -45.40 24.73
CA PHE A 112 5.83 -44.33 25.65
C PHE A 112 4.62 -43.82 26.42
N LYS A 113 3.52 -43.54 25.71
CA LYS A 113 2.38 -42.87 26.33
C LYS A 113 1.47 -43.82 27.08
N GLY A 114 1.63 -45.13 26.89
CA GLY A 114 0.78 -46.10 27.56
C GLY A 114 1.08 -46.28 29.02
N ASN A 115 2.30 -45.93 29.45
CA ASN A 115 2.57 -45.88 30.89
C ASN A 115 1.60 -44.91 31.55
N GLU A 116 1.12 -45.29 32.75
CA GLU A 116 0.18 -44.43 33.45
C GLU A 116 0.84 -43.19 34.02
N GLY A 117 2.16 -43.21 34.25
CA GLY A 117 2.84 -42.02 34.73
C GLY A 117 3.11 -40.96 33.68
N TYR A 118 2.83 -41.30 32.41
CA TYR A 118 3.31 -40.50 31.30
C TYR A 118 2.84 -39.05 31.39
N LYS A 119 1.57 -38.82 31.68
CA LYS A 119 1.07 -37.45 31.67
C LYS A 119 1.77 -36.59 32.72
N SER A 120 2.21 -37.20 33.83
CA SER A 120 2.88 -36.45 34.89
C SER A 120 4.26 -35.95 34.49
N LEU A 121 4.87 -36.53 33.45
CA LEU A 121 6.22 -36.15 33.07
C LEU A 121 6.33 -34.69 32.64
N PHE A 122 5.20 -34.02 32.37
CA PHE A 122 5.22 -32.66 31.82
C PHE A 122 4.31 -31.71 32.59
N LYS A 123 4.01 -32.03 33.84
CA LYS A 123 3.27 -31.17 34.77
C LYS A 123 4.13 -30.94 36.01
N LYS A 124 3.60 -30.16 36.95
CA LYS A 124 4.37 -29.82 38.14
C LYS A 124 4.85 -31.06 38.90
N ASP A 125 4.20 -32.21 38.71
CA ASP A 125 4.54 -33.40 39.48
C ASP A 125 5.98 -33.84 39.27
N ILE A 126 6.54 -33.64 38.07
CA ILE A 126 7.87 -34.24 37.86
C ILE A 126 8.92 -33.49 38.64
N ILE A 127 8.71 -32.21 38.93
CA ILE A 127 9.65 -31.49 39.77
C ILE A 127 9.30 -31.62 41.25
N GLU A 128 8.01 -31.71 41.59
CA GLU A 128 7.61 -31.77 42.98
C GLU A 128 7.80 -33.15 43.59
N THR A 129 7.49 -34.20 42.84
CA THR A 129 7.34 -35.55 43.36
C THR A 129 8.26 -36.56 42.68
N ILE A 130 8.20 -36.66 41.35
CA ILE A 130 8.81 -37.79 40.67
C ILE A 130 10.32 -37.67 40.67
N LEU A 131 10.85 -36.50 40.32
CA LEU A 131 12.31 -36.41 40.22
C LEU A 131 12.97 -36.47 41.60
N PRO A 132 12.42 -35.82 42.65
CA PRO A 132 12.99 -36.03 43.99
C PRO A 132 13.07 -37.50 44.38
N GLU A 133 11.99 -38.27 44.19
CA GLU A 133 11.98 -39.67 44.58
C GLU A 133 12.99 -40.47 43.76
N PHE A 134 13.28 -40.03 42.53
CA PHE A 134 14.20 -40.72 41.64
C PHE A 134 15.66 -40.39 41.92
N LEU A 135 15.92 -39.25 42.54
CA LEU A 135 17.29 -38.85 42.80
C LEU A 135 17.72 -39.37 44.17
N ASP A 136 19.04 -39.33 44.41
CA ASP A 136 19.56 -39.79 45.69
C ASP A 136 20.45 -38.74 46.36
N ASP A 137 21.11 -37.90 45.56
CA ASP A 137 22.01 -36.88 46.09
C ASP A 137 21.21 -35.77 46.77
N LYS A 138 21.58 -35.47 48.03
CA LYS A 138 20.83 -34.46 48.79
C LYS A 138 20.91 -33.08 48.15
N ASP A 139 22.03 -32.76 47.51
CA ASP A 139 22.18 -31.45 46.88
C ASP A 139 21.40 -31.38 45.57
N GLU A 140 21.32 -32.49 44.83
CA GLU A 140 20.51 -32.53 43.62
C GLU A 140 19.03 -32.41 43.97
N ILE A 141 18.60 -33.06 45.04
CA ILE A 141 17.19 -32.99 45.43
C ILE A 141 16.83 -31.58 45.84
N ALA A 142 17.75 -30.88 46.52
CA ALA A 142 17.45 -29.52 46.98
C ALA A 142 17.49 -28.51 45.84
N LEU A 143 18.31 -28.75 44.82
CA LEU A 143 18.24 -27.93 43.61
C LEU A 143 16.88 -28.04 42.94
N VAL A 144 16.34 -29.25 42.84
CA VAL A 144 15.02 -29.42 42.24
C VAL A 144 13.96 -28.80 43.10
N ASN A 145 14.05 -28.98 44.42
CA ASN A 145 13.03 -28.46 45.30
C ASN A 145 12.97 -26.93 45.25
N SER A 146 14.10 -26.28 44.94
CA SER A 146 14.08 -24.82 44.90
C SER A 146 13.15 -24.29 43.82
N PHE A 147 12.66 -25.13 42.92
CA PHE A 147 11.76 -24.70 41.86
C PHE A 147 10.30 -24.99 42.17
N ASN A 148 10.00 -25.49 43.37
CA ASN A 148 8.61 -25.60 43.77
C ASN A 148 7.96 -24.22 43.71
N GLY A 149 6.69 -24.20 43.32
CA GLY A 149 6.02 -22.92 43.07
C GLY A 149 6.59 -22.15 41.89
N PHE A 150 7.41 -22.82 41.07
CA PHE A 150 8.08 -22.16 39.95
C PHE A 150 8.16 -23.07 38.74
N THR A 151 7.33 -24.12 38.69
CA THR A 151 7.44 -25.10 37.62
C THR A 151 6.99 -24.55 36.27
N THR A 152 6.07 -23.58 36.23
CA THR A 152 5.64 -23.11 34.91
C THR A 152 6.77 -22.41 34.16
N ALA A 153 7.93 -22.22 34.78
CA ALA A 153 9.08 -21.74 34.02
C ALA A 153 9.69 -22.82 33.14
N PHE A 154 9.34 -24.09 33.35
CA PHE A 154 9.78 -25.21 32.52
C PHE A 154 8.80 -25.54 31.40
N THR A 155 7.76 -24.73 31.22
CA THR A 155 6.69 -25.08 30.30
C THR A 155 7.22 -25.27 28.88
N GLY A 156 8.10 -24.38 28.42
CA GLY A 156 8.69 -24.56 27.10
C GLY A 156 9.56 -25.80 27.00
N PHE A 157 10.39 -26.03 28.03
CA PHE A 157 11.19 -27.24 28.10
C PHE A 157 10.32 -28.48 28.06
N PHE A 158 9.21 -28.48 28.78
CA PHE A 158 8.31 -29.62 28.73
C PHE A 158 7.86 -29.89 27.31
N ASP A 159 7.56 -28.83 26.53
CA ASP A 159 7.22 -28.98 25.12
C ASP A 159 8.36 -29.58 24.30
N ASN A 160 9.60 -29.09 24.50
CA ASN A 160 10.76 -29.72 23.85
C ASN A 160 10.79 -31.22 24.14
N ARG A 161 10.54 -31.61 25.40
CA ARG A 161 10.63 -33.01 25.77
C ARG A 161 9.46 -33.80 25.21
N GLU A 162 8.25 -33.22 25.21
CA GLU A 162 7.10 -33.90 24.63
C GLU A 162 7.29 -34.17 23.14
N ASN A 163 8.00 -33.29 22.43
CA ASN A 163 8.27 -33.56 21.02
C ASN A 163 8.93 -34.92 20.83
N MET A 164 9.74 -35.36 21.81
CA MET A 164 10.45 -36.62 21.65
C MET A 164 9.49 -37.78 21.50
N PHE A 165 8.28 -37.63 22.00
CA PHE A 165 7.35 -38.73 22.11
C PHE A 165 6.24 -38.67 21.07
N SER A 166 6.31 -37.70 20.17
CA SER A 166 5.33 -37.59 19.10
C SER A 166 5.38 -38.83 18.21
N GLU A 167 4.23 -39.23 17.70
CA GLU A 167 4.20 -40.26 16.67
C GLU A 167 4.40 -39.69 15.28
N GLU A 168 4.45 -38.37 15.14
CA GLU A 168 4.51 -37.76 13.83
C GLU A 168 5.90 -37.92 13.21
N ALA A 169 5.95 -37.83 11.88
CA ALA A 169 7.22 -37.87 11.15
C ALA A 169 7.88 -36.49 11.17
N LYS A 170 8.41 -36.15 12.33
CA LYS A 170 8.95 -34.82 12.64
C LYS A 170 10.32 -34.97 13.27
N SER A 171 11.19 -33.99 13.01
CA SER A 171 12.63 -34.22 13.18
C SER A 171 13.05 -34.43 14.62
N THR A 172 12.32 -33.91 15.62
CA THR A 172 12.74 -34.11 17.00
C THR A 172 12.08 -35.29 17.70
N SER A 173 11.37 -36.14 16.96
CA SER A 173 10.68 -37.30 17.51
C SER A 173 11.60 -38.52 17.56
N ILE A 174 11.52 -39.26 18.66
CA ILE A 174 12.21 -40.54 18.76
C ILE A 174 11.69 -41.49 17.70
N ALA A 175 10.37 -41.53 17.49
CA ALA A 175 9.82 -42.46 16.52
C ALA A 175 10.33 -42.14 15.12
N PHE A 176 10.47 -40.86 14.80
CA PHE A 176 11.02 -40.46 13.52
C PHE A 176 12.46 -40.95 13.39
N ARG A 177 13.27 -40.70 14.41
CA ARG A 177 14.67 -41.11 14.35
C ARG A 177 14.80 -42.63 14.27
N CYS A 178 13.90 -43.36 14.93
CA CYS A 178 13.91 -44.81 14.83
C CYS A 178 13.45 -45.27 13.45
N ILE A 179 12.32 -44.77 12.98
CA ILE A 179 11.67 -45.41 11.86
C ILE A 179 12.05 -44.77 10.53
N ASN A 180 11.93 -43.43 10.45
CA ASN A 180 12.20 -42.75 9.18
C ASN A 180 13.69 -42.67 8.89
N GLU A 181 14.51 -42.51 9.92
CA GLU A 181 15.94 -42.37 9.67
C GLU A 181 16.69 -43.69 9.86
N ASN A 182 16.66 -44.29 11.05
CA ASN A 182 17.56 -45.42 11.30
C ASN A 182 17.10 -46.71 10.62
N LEU A 183 15.79 -47.00 10.63
CA LEU A 183 15.30 -48.19 9.93
C LEU A 183 15.61 -48.09 8.44
N THR A 184 15.47 -46.90 7.86
CA THR A 184 15.79 -46.69 6.45
C THR A 184 17.26 -46.99 6.18
N ARG A 185 18.12 -46.43 7.02
CA ARG A 185 19.56 -46.67 6.91
C ARG A 185 19.89 -48.13 7.21
N TYR A 186 19.17 -48.74 8.15
CA TYR A 186 19.37 -50.16 8.43
C TYR A 186 18.97 -51.02 7.23
N ILE A 187 17.84 -50.68 6.58
CA ILE A 187 17.40 -51.45 5.43
C ILE A 187 18.37 -51.30 4.28
N SER A 188 18.82 -50.07 4.04
CA SER A 188 19.84 -49.82 3.03
C SER A 188 21.09 -50.67 3.27
N ASN A 189 21.55 -50.76 4.52
CA ASN A 189 22.73 -51.57 4.82
C ASN A 189 22.47 -53.05 4.58
N MET A 190 21.23 -53.51 4.67
CA MET A 190 20.95 -54.91 4.36
C MET A 190 21.19 -55.20 2.87
N ASP A 191 20.78 -54.30 1.98
CA ASP A 191 21.04 -54.51 0.56
C ASP A 191 22.53 -54.49 0.26
N ILE A 192 23.25 -53.56 0.90
CA ILE A 192 24.69 -53.48 0.70
C ILE A 192 25.37 -54.74 1.20
N PHE A 193 24.98 -55.22 2.38
CA PHE A 193 25.55 -56.45 2.91
C PHE A 193 25.46 -57.59 1.90
N GLU A 194 24.27 -57.77 1.30
CA GLU A 194 24.13 -58.85 0.33
C GLU A 194 25.02 -58.64 -0.89
N LYS A 195 25.22 -57.38 -1.30
CA LYS A 195 26.10 -57.14 -2.44
C LYS A 195 27.56 -57.45 -2.09
N VAL A 196 28.01 -57.04 -0.90
CA VAL A 196 29.43 -56.99 -0.55
C VAL A 196 29.90 -58.16 0.32
N ASP A 197 28.98 -58.95 0.88
CA ASP A 197 29.33 -59.99 1.85
C ASP A 197 30.45 -60.90 1.38
N ALA A 198 30.58 -61.11 0.08
CA ALA A 198 31.53 -62.10 -0.40
C ALA A 198 32.98 -61.63 -0.24
N ILE A 199 33.25 -60.34 -0.04
CA ILE A 199 34.64 -59.95 0.10
C ILE A 199 35.20 -60.19 1.49
N PHE A 200 34.37 -60.44 2.50
CA PHE A 200 34.83 -60.51 3.87
C PHE A 200 35.41 -61.88 4.17
N ASP A 201 36.62 -61.89 4.71
CA ASP A 201 37.23 -63.15 5.13
C ASP A 201 36.64 -63.60 6.47
N LYS A 202 36.55 -64.93 6.63
CA LYS A 202 35.97 -65.49 7.83
C LYS A 202 36.75 -65.11 9.09
N HIS A 203 38.05 -64.89 8.95
CA HIS A 203 38.81 -64.44 10.12
C HIS A 203 38.55 -62.98 10.43
N GLU A 204 38.28 -62.18 9.40
CA GLU A 204 37.93 -60.77 9.63
C GLU A 204 36.59 -60.68 10.36
N VAL A 205 35.58 -61.42 9.88
CA VAL A 205 34.29 -61.47 10.56
C VAL A 205 34.44 -62.00 11.98
N GLN A 206 35.29 -63.03 12.16
CA GLN A 206 35.46 -63.62 13.48
C GLN A 206 36.11 -62.65 14.45
N GLU A 207 37.06 -61.84 13.97
CA GLU A 207 37.64 -60.81 14.83
C GLU A 207 36.58 -59.84 15.31
N ILE A 208 35.68 -59.41 14.41
CA ILE A 208 34.63 -58.48 14.81
C ILE A 208 33.71 -59.13 15.84
N LYS A 209 33.31 -60.38 15.60
CA LYS A 209 32.44 -61.09 16.54
C LYS A 209 33.08 -61.21 17.91
N GLU A 210 34.34 -61.65 17.98
CA GLU A 210 35.02 -61.77 19.27
C GLU A 210 35.24 -60.40 19.90
N LYS A 211 35.87 -59.48 19.17
CA LYS A 211 36.35 -58.24 19.76
C LYS A 211 35.31 -57.14 19.78
N ILE A 212 34.18 -57.29 19.10
CA ILE A 212 33.13 -56.28 19.12
C ILE A 212 31.80 -56.85 19.58
N LEU A 213 31.48 -58.08 19.20
CA LEU A 213 30.20 -58.67 19.60
C LEU A 213 30.31 -59.55 20.84
N ASN A 214 31.50 -59.68 21.43
CA ASN A 214 31.71 -60.52 22.61
C ASN A 214 31.34 -61.98 22.36
N SER A 215 31.35 -62.41 21.09
CA SER A 215 30.91 -63.75 20.68
C SER A 215 29.45 -64.02 21.07
N ASP A 216 28.66 -62.97 21.29
CA ASP A 216 27.25 -63.10 21.66
C ASP A 216 26.32 -63.11 20.46
N TYR A 217 26.84 -62.85 19.26
CA TYR A 217 26.03 -62.76 18.06
C TYR A 217 26.97 -62.99 16.87
N ASP A 218 26.37 -63.15 15.70
CA ASP A 218 27.13 -63.16 14.45
C ASP A 218 26.98 -61.81 13.76
N VAL A 219 28.04 -61.42 13.04
CA VAL A 219 27.97 -60.20 12.23
C VAL A 219 26.74 -60.23 11.33
N GLU A 220 26.39 -61.42 10.78
CA GLU A 220 25.25 -61.51 9.86
C GLU A 220 23.93 -61.16 10.55
N ASP A 221 23.82 -61.35 11.86
CA ASP A 221 22.55 -61.05 12.53
C ASP A 221 22.13 -59.60 12.34
N PHE A 222 23.09 -58.69 12.30
CA PHE A 222 22.76 -57.27 12.24
C PHE A 222 22.36 -56.83 10.85
N PHE A 223 22.17 -57.78 9.94
CA PHE A 223 21.64 -57.47 8.62
C PHE A 223 20.40 -58.29 8.32
N GLU A 224 19.80 -58.90 9.36
CA GLU A 224 18.47 -59.48 9.32
C GLU A 224 17.44 -58.46 9.80
N GLY A 225 16.28 -58.44 9.13
CA GLY A 225 15.25 -57.47 9.50
C GLY A 225 14.84 -57.54 10.95
N GLU A 226 14.56 -58.75 11.45
CA GLU A 226 14.03 -58.89 12.81
C GLU A 226 14.98 -58.36 13.87
N PHE A 227 16.25 -58.18 13.54
CA PHE A 227 17.23 -57.76 14.53
C PHE A 227 17.24 -56.25 14.74
N PHE A 228 16.51 -55.49 13.91
CA PHE A 228 16.49 -54.05 14.05
C PHE A 228 16.09 -53.61 15.45
N ASN A 229 15.34 -54.43 16.19
CA ASN A 229 14.95 -54.06 17.55
C ASN A 229 16.17 -53.81 18.45
N PHE A 230 17.27 -54.54 18.22
CA PHE A 230 18.49 -54.39 19.01
C PHE A 230 19.04 -52.97 18.94
N VAL A 231 18.67 -52.23 17.91
CA VAL A 231 19.37 -51.03 17.54
C VAL A 231 18.52 -49.79 17.84
N LEU A 232 17.49 -49.97 18.68
CA LEU A 232 16.65 -48.86 19.12
C LEU A 232 17.29 -48.04 20.24
N THR A 233 18.07 -48.64 21.13
CA THR A 233 18.78 -47.88 22.15
C THR A 233 20.17 -47.51 21.63
N GLN A 234 20.74 -46.48 22.26
CA GLN A 234 22.12 -46.10 21.93
C GLN A 234 23.07 -47.26 22.13
N GLU A 235 22.82 -48.08 23.15
CA GLU A 235 23.66 -49.23 23.44
C GLU A 235 23.81 -50.15 22.22
N GLY A 236 22.71 -50.40 21.52
CA GLY A 236 22.74 -51.21 20.33
C GLY A 236 23.32 -50.48 19.14
N ILE A 237 23.03 -49.19 19.01
CA ILE A 237 23.58 -48.41 17.91
C ILE A 237 25.10 -48.40 17.97
N ASP A 238 25.67 -48.26 19.16
CA ASP A 238 27.12 -48.22 19.26
C ASP A 238 27.73 -49.54 18.79
N VAL A 239 27.15 -50.68 19.22
CA VAL A 239 27.61 -51.98 18.75
C VAL A 239 27.55 -52.04 17.23
N TYR A 240 26.42 -51.63 16.67
CA TYR A 240 26.23 -51.71 15.23
C TYR A 240 27.19 -50.81 14.47
N ASN A 241 27.42 -49.60 14.99
CA ASN A 241 28.37 -48.71 14.34
C ASN A 241 29.81 -49.15 14.53
N ALA A 242 30.08 -49.95 15.57
CA ALA A 242 31.39 -50.56 15.70
C ALA A 242 31.59 -51.67 14.66
N ILE A 243 30.54 -52.44 14.34
CA ILE A 243 30.68 -53.40 13.24
C ILE A 243 31.06 -52.67 11.98
N ILE A 244 30.48 -51.50 11.76
CA ILE A 244 30.74 -50.74 10.55
C ILE A 244 32.11 -50.08 10.63
N GLY A 245 32.47 -49.53 11.78
CA GLY A 245 33.63 -48.67 11.85
C GLY A 245 34.79 -49.14 12.70
N GLY A 246 34.64 -50.25 13.39
CA GLY A 246 35.72 -50.70 14.22
C GLY A 246 35.83 -49.81 15.44
N PHE A 247 36.93 -49.99 16.18
CA PHE A 247 37.15 -49.23 17.39
C PHE A 247 38.63 -49.35 17.75
N VAL A 248 39.05 -48.50 18.71
CA VAL A 248 40.45 -48.43 19.11
C VAL A 248 40.60 -49.05 20.50
N THR A 249 41.54 -50.00 20.62
CA THR A 249 41.77 -50.68 21.89
C THR A 249 42.58 -49.80 22.83
N GLU A 250 42.70 -50.27 24.08
CA GLU A 250 43.47 -49.55 25.09
C GLU A 250 44.94 -49.43 24.72
N SER A 251 45.44 -50.28 23.82
CA SER A 251 46.82 -50.23 23.36
C SER A 251 47.01 -49.37 22.11
N GLY A 252 45.95 -48.77 21.57
CA GLY A 252 46.05 -48.01 20.35
C GLY A 252 45.85 -48.80 19.07
N GLU A 253 45.51 -50.09 19.16
CA GLU A 253 45.24 -50.87 17.96
C GLU A 253 43.88 -50.48 17.40
N LYS A 254 43.85 -50.21 16.09
CA LYS A 254 42.61 -49.88 15.41
C LYS A 254 42.02 -51.19 14.87
N ILE A 255 41.05 -51.73 15.59
CA ILE A 255 40.30 -52.87 15.08
C ILE A 255 39.46 -52.40 13.89
N LYS A 256 39.58 -53.12 12.79
CA LYS A 256 38.89 -52.73 11.56
C LYS A 256 37.42 -53.15 11.60
N GLY A 257 36.56 -52.29 11.06
CA GLY A 257 35.18 -52.63 10.76
C GLY A 257 34.98 -52.85 9.27
N LEU A 258 33.72 -53.20 8.92
CA LEU A 258 33.43 -53.63 7.56
C LEU A 258 33.74 -52.55 6.51
N ASN A 259 33.57 -51.27 6.85
CA ASN A 259 33.83 -50.24 5.85
C ASN A 259 35.32 -50.16 5.53
N GLU A 260 36.17 -50.36 6.53
CA GLU A 260 37.59 -50.50 6.27
C GLU A 260 37.88 -51.66 5.33
N TYR A 261 37.26 -52.82 5.59
CA TYR A 261 37.49 -53.96 4.71
C TYR A 261 36.99 -53.66 3.31
N ILE A 262 35.82 -53.02 3.19
CA ILE A 262 35.33 -52.68 1.86
C ILE A 262 36.30 -51.74 1.17
N ASN A 263 36.74 -50.69 1.87
CA ASN A 263 37.67 -49.74 1.27
C ASN A 263 38.98 -50.40 0.89
N LEU A 264 39.50 -51.29 1.75
CA LEU A 264 40.74 -51.99 1.41
C LEU A 264 40.55 -52.86 0.17
N TYR A 265 39.41 -53.54 0.09
CA TYR A 265 39.11 -54.37 -1.07
C TYR A 265 39.04 -53.54 -2.34
N ASN A 266 38.33 -52.40 -2.27
CA ASN A 266 38.19 -51.51 -3.41
C ASN A 266 39.55 -51.02 -3.90
N GLN A 267 40.43 -50.63 -2.98
CA GLN A 267 41.72 -50.10 -3.40
C GLN A 267 42.63 -51.19 -3.93
N LYS A 268 42.45 -52.42 -3.46
CA LYS A 268 43.26 -53.52 -3.95
C LYS A 268 42.86 -53.92 -5.36
N THR A 269 41.55 -53.94 -5.65
CA THR A 269 41.07 -54.43 -6.95
C THR A 269 40.59 -53.31 -7.87
N LYS A 270 40.71 -52.05 -7.47
CA LYS A 270 40.27 -50.93 -8.31
C LYS A 270 38.78 -50.97 -8.56
N GLN A 271 38.00 -51.43 -7.60
CA GLN A 271 36.55 -51.48 -7.72
C GLN A 271 35.93 -50.39 -6.85
N LYS A 272 34.60 -50.28 -6.94
CA LYS A 272 33.88 -49.28 -6.16
C LYS A 272 32.64 -49.91 -5.53
N LEU A 273 32.85 -50.93 -4.70
CA LEU A 273 31.75 -51.46 -3.92
C LEU A 273 31.26 -50.38 -2.96
N PRO A 274 29.95 -50.29 -2.74
CA PRO A 274 29.42 -49.27 -1.82
C PRO A 274 29.77 -49.56 -0.37
N LYS A 275 29.64 -48.56 0.47
CA LYS A 275 29.94 -48.75 1.88
C LYS A 275 28.68 -48.61 2.74
N PHE A 276 28.77 -49.11 3.98
CA PHE A 276 27.63 -49.05 4.89
C PHE A 276 27.46 -47.65 5.49
N LYS A 277 26.20 -47.31 5.84
CA LYS A 277 25.88 -46.05 6.51
C LYS A 277 25.79 -46.26 8.02
N PRO A 278 26.48 -45.50 8.84
CA PRO A 278 26.30 -45.66 10.30
C PRO A 278 24.92 -45.18 10.71
N LEU A 279 24.44 -45.71 11.81
CA LEU A 279 23.16 -45.25 12.33
C LEU A 279 23.37 -43.97 13.12
N TYR A 280 22.34 -43.11 13.10
CA TYR A 280 22.31 -41.88 13.90
C TYR A 280 22.08 -42.19 15.38
N LYS A 281 22.47 -41.27 16.25
CA LYS A 281 22.34 -41.47 17.70
C LYS A 281 20.87 -41.50 18.11
N GLN A 282 20.57 -42.13 19.25
CA GLN A 282 19.21 -42.09 19.78
CA GLN A 282 19.21 -42.10 19.78
C GLN A 282 19.01 -40.82 20.58
N VAL A 283 17.81 -40.23 20.44
CA VAL A 283 17.54 -38.95 21.07
C VAL A 283 17.84 -39.01 22.56
N LEU A 284 18.57 -38.02 23.05
CA LEU A 284 18.84 -37.72 24.47
C LEU A 284 19.88 -38.65 25.08
N SER A 285 20.42 -39.62 24.34
CA SER A 285 21.42 -40.49 24.92
C SER A 285 22.69 -39.71 25.21
N ASP A 286 23.36 -40.08 26.28
CA ASP A 286 24.66 -39.53 26.63
C ASP A 286 25.61 -40.69 26.37
N ARG A 287 26.18 -40.71 25.17
CA ARG A 287 26.88 -41.89 24.71
C ARG A 287 28.38 -41.77 24.96
N GLU A 288 28.94 -42.83 25.51
CA GLU A 288 30.37 -42.99 25.70
C GLU A 288 30.91 -43.92 24.62
N SER A 289 32.07 -43.57 24.06
CA SER A 289 32.63 -44.25 22.91
C SER A 289 33.20 -45.62 23.26
N LEU A 290 33.06 -46.55 22.30
CA LEU A 290 33.73 -47.84 22.39
C LEU A 290 35.24 -47.75 22.12
N SER A 291 35.72 -46.64 21.56
CA SER A 291 37.15 -46.51 21.33
C SER A 291 37.84 -45.92 22.55
N PHE A 292 39.03 -46.41 22.86
CA PHE A 292 39.81 -45.85 23.95
C PHE A 292 40.53 -44.59 23.49
N TYR A 293 40.64 -43.61 24.37
CA TYR A 293 41.41 -42.40 24.09
C TYR A 293 41.98 -41.88 25.41
N GLY A 294 43.30 -41.72 25.48
CA GLY A 294 43.95 -41.32 26.72
C GLY A 294 43.44 -40.00 27.27
N GLU A 295 43.64 -39.83 28.57
CA GLU A 295 43.19 -38.64 29.28
C GLU A 295 44.05 -37.45 28.91
N GLY A 296 43.42 -36.29 28.82
CA GLY A 296 44.07 -35.08 28.33
C GLY A 296 44.88 -34.32 29.37
N TYR A 297 44.91 -32.99 29.20
CA TYR A 297 45.49 -32.07 30.16
C TYR A 297 44.43 -31.04 30.50
N THR A 298 44.46 -30.54 31.75
CA THR A 298 43.38 -29.69 32.23
C THR A 298 43.82 -28.29 32.70
N SER A 299 45.10 -27.98 32.68
CA SER A 299 45.52 -26.68 33.20
C SER A 299 46.79 -26.22 32.49
N ASP A 300 46.90 -24.90 32.35
CA ASP A 300 48.11 -24.32 31.78
C ASP A 300 49.36 -24.84 32.44
N GLU A 301 49.31 -25.04 33.76
CA GLU A 301 50.51 -25.52 34.46
C GLU A 301 50.83 -26.95 34.10
N GLU A 302 49.80 -27.80 33.94
CA GLU A 302 50.04 -29.17 33.50
C GLU A 302 50.73 -29.20 32.13
N VAL A 303 50.25 -28.37 31.20
CA VAL A 303 50.83 -28.31 29.87
C VAL A 303 52.28 -27.83 29.93
N LEU A 304 52.51 -26.68 30.56
CA LEU A 304 53.87 -26.17 30.68
C LEU A 304 54.76 -27.15 31.42
N GLU A 305 54.24 -27.80 32.46
CA GLU A 305 55.03 -28.81 33.17
C GLU A 305 55.38 -29.98 32.25
N VAL A 306 54.37 -30.49 31.52
CA VAL A 306 54.58 -31.59 30.59
C VAL A 306 55.59 -31.17 29.52
N PHE A 307 55.42 -29.97 28.98
CA PHE A 307 56.24 -29.50 27.87
C PHE A 307 57.69 -29.32 28.30
N ARG A 308 57.91 -28.67 29.45
CA ARG A 308 59.26 -28.51 29.98
C ARG A 308 59.87 -29.86 30.31
N ASN A 309 59.10 -30.75 30.94
CA ASN A 309 59.69 -32.00 31.42
C ASN A 309 59.96 -32.99 30.30
N THR A 310 59.02 -33.15 29.35
CA THR A 310 59.18 -34.19 28.35
C THR A 310 60.03 -33.77 27.16
N LEU A 311 60.31 -32.48 26.97
CA LEU A 311 60.99 -32.04 25.76
C LEU A 311 62.30 -31.26 25.98
N ASN A 312 62.73 -31.03 27.22
CA ASN A 312 63.96 -30.26 27.40
C ASN A 312 65.18 -31.07 26.97
N LYS A 313 66.32 -30.38 26.87
CA LYS A 313 67.50 -30.97 26.27
C LYS A 313 67.97 -32.24 27.01
N ASN A 314 67.51 -32.46 28.24
CA ASN A 314 67.92 -33.62 29.01
C ASN A 314 66.89 -34.74 29.02
N SER A 315 65.67 -34.47 28.55
CA SER A 315 64.59 -35.46 28.57
C SER A 315 64.98 -36.72 27.82
N GLU A 316 64.25 -37.81 28.11
CA GLU A 316 64.51 -39.08 27.44
C GLU A 316 64.07 -39.07 25.98
N ILE A 317 63.13 -38.20 25.61
CA ILE A 317 62.78 -38.05 24.20
C ILE A 317 63.92 -37.38 23.44
N PHE A 318 64.48 -36.31 23.99
CA PHE A 318 65.62 -35.66 23.34
C PHE A 318 66.83 -36.58 23.29
N SER A 319 66.94 -37.51 24.24
CA SER A 319 68.03 -38.48 24.20
C SER A 319 67.92 -39.34 22.96
N SER A 320 66.74 -39.92 22.73
CA SER A 320 66.53 -40.76 21.56
C SER A 320 66.80 -40.00 20.27
N ILE A 321 66.51 -38.70 20.26
CA ILE A 321 66.84 -37.90 19.09
C ILE A 321 68.34 -37.91 18.84
N LYS A 322 69.13 -37.55 19.84
CA LYS A 322 70.58 -37.56 19.68
C LYS A 322 71.11 -38.97 19.41
N LYS A 323 70.45 -39.99 19.97
CA LYS A 323 70.89 -41.36 19.69
C LYS A 323 70.69 -41.71 18.23
N LEU A 324 69.50 -41.39 17.67
CA LEU A 324 69.24 -41.65 16.26
C LEU A 324 70.08 -40.75 15.36
N GLU A 325 70.34 -39.51 15.77
CA GLU A 325 71.31 -38.67 15.08
C GLU A 325 72.65 -39.40 14.93
N LYS A 326 73.17 -39.98 16.02
CA LYS A 326 74.46 -40.65 15.94
C LYS A 326 74.39 -41.89 15.06
N LEU A 327 73.23 -42.55 15.01
CA LEU A 327 73.11 -43.76 14.19
C LEU A 327 73.28 -43.43 12.71
N PHE A 328 72.71 -42.31 12.26
CA PHE A 328 72.73 -41.97 10.85
C PHE A 328 74.06 -41.34 10.43
N LYS A 329 74.66 -40.52 11.31
CA LYS A 329 76.00 -40.01 11.04
C LYS A 329 76.99 -41.14 10.89
N ASN A 330 76.71 -42.28 11.51
CA ASN A 330 77.54 -43.48 11.41
C ASN A 330 76.93 -44.52 10.47
N PHE A 331 76.18 -44.07 9.47
CA PHE A 331 75.53 -44.98 8.53
C PHE A 331 76.56 -45.91 7.85
N ASP A 332 77.66 -45.34 7.36
CA ASP A 332 78.63 -46.14 6.61
C ASP A 332 79.26 -47.22 7.46
N GLU A 333 79.19 -47.11 8.79
CA GLU A 333 79.62 -48.20 9.67
C GLU A 333 78.60 -49.34 9.74
N TYR A 334 77.49 -49.22 9.01
CA TYR A 334 76.45 -50.25 8.98
C TYR A 334 76.25 -50.74 7.54
N SER A 335 75.94 -52.04 7.41
CA SER A 335 75.74 -52.63 6.10
C SER A 335 74.44 -52.12 5.45
N SER A 336 74.61 -51.41 4.33
CA SER A 336 73.47 -50.88 3.59
C SER A 336 72.54 -51.97 3.05
N ALA A 337 73.03 -53.20 2.90
CA ALA A 337 72.17 -54.33 2.61
C ALA A 337 71.44 -54.82 3.86
N GLY A 338 71.75 -54.25 5.02
CA GLY A 338 71.23 -54.72 6.28
C GLY A 338 70.07 -53.91 6.83
N ILE A 339 69.84 -52.70 6.30
CA ILE A 339 68.80 -51.82 6.80
C ILE A 339 67.82 -51.52 5.67
N PHE A 340 66.52 -51.51 5.99
CA PHE A 340 65.46 -51.58 4.99
C PHE A 340 64.43 -50.48 5.15
N VAL A 341 63.82 -50.14 4.01
CA VAL A 341 62.70 -49.21 3.93
C VAL A 341 61.46 -50.02 3.54
N LYS A 342 60.48 -50.08 4.46
CA LYS A 342 59.28 -50.86 4.18
C LYS A 342 58.51 -50.25 3.00
N ASN A 343 58.06 -51.14 2.10
CA ASN A 343 57.43 -50.72 0.87
C ASN A 343 56.04 -50.13 1.12
N GLY A 344 55.68 -49.14 0.33
CA GLY A 344 54.47 -48.36 0.57
C GLY A 344 54.84 -46.94 0.96
N PRO A 345 54.16 -46.41 1.98
CA PRO A 345 54.38 -44.99 2.35
C PRO A 345 55.81 -44.65 2.74
N ALA A 346 56.49 -45.53 3.49
CA ALA A 346 57.90 -45.26 3.81
C ALA A 346 58.74 -45.20 2.55
N ILE A 347 58.45 -46.06 1.57
CA ILE A 347 59.16 -46.01 0.30
C ILE A 347 58.79 -44.72 -0.45
N SER A 348 57.51 -44.36 -0.44
CA SER A 348 57.10 -43.09 -1.02
C SER A 348 57.83 -41.92 -0.34
N THR A 349 57.85 -41.92 0.99
CA THR A 349 58.52 -40.86 1.74
C THR A 349 59.99 -40.76 1.34
N ILE A 350 60.71 -41.89 1.39
CA ILE A 350 62.13 -41.89 1.08
C ILE A 350 62.36 -41.49 -0.37
N SER A 351 61.47 -41.92 -1.26
CA SER A 351 61.58 -41.54 -2.66
C SER A 351 61.55 -40.03 -2.81
N LYS A 352 60.65 -39.34 -2.10
CA LYS A 352 60.53 -37.91 -2.31
C LYS A 352 61.73 -37.15 -1.74
N ASP A 353 62.35 -37.65 -0.68
CA ASP A 353 63.53 -36.96 -0.13
C ASP A 353 64.75 -37.14 -1.03
N ILE A 354 65.00 -38.36 -1.48
CA ILE A 354 66.22 -38.62 -2.24
C ILE A 354 66.08 -38.14 -3.68
N PHE A 355 64.88 -38.17 -4.24
CA PHE A 355 64.70 -37.86 -5.65
C PHE A 355 63.72 -36.74 -5.94
N GLY A 356 63.03 -36.21 -4.92
CA GLY A 356 62.15 -35.07 -5.08
C GLY A 356 60.68 -35.42 -5.13
N GLU A 357 60.33 -36.64 -5.52
CA GLU A 357 58.94 -37.01 -5.74
C GLU A 357 58.68 -38.40 -5.18
N TRP A 358 57.43 -38.62 -4.76
CA TRP A 358 57.04 -39.84 -4.05
C TRP A 358 57.17 -41.10 -4.90
N ASN A 359 57.14 -40.97 -6.23
CA ASN A 359 56.94 -42.10 -7.13
C ASN A 359 58.21 -42.50 -7.89
N VAL A 360 59.33 -41.82 -7.68
CA VAL A 360 60.49 -42.06 -8.53
C VAL A 360 61.01 -43.48 -8.35
N ILE A 361 61.02 -43.97 -7.11
CA ILE A 361 61.44 -45.35 -6.88
C ILE A 361 60.53 -46.30 -7.63
N ARG A 362 59.22 -46.12 -7.49
CA ARG A 362 58.24 -46.93 -8.20
C ARG A 362 58.50 -46.93 -9.70
N ASP A 363 58.71 -45.75 -10.28
CA ASP A 363 58.92 -45.68 -11.73
C ASP A 363 60.23 -46.33 -12.14
N LYS A 364 61.28 -46.16 -11.34
CA LYS A 364 62.57 -46.78 -11.64
C LYS A 364 62.51 -48.29 -11.50
N TRP A 365 61.72 -48.78 -10.54
CA TRP A 365 61.56 -50.22 -10.43
C TRP A 365 60.82 -50.75 -11.66
N ASN A 366 59.79 -50.04 -12.11
CA ASN A 366 59.06 -50.46 -13.29
C ASN A 366 59.97 -50.48 -14.52
N ALA A 367 60.89 -49.53 -14.60
CA ALA A 367 61.84 -49.48 -15.71
C ALA A 367 62.58 -50.81 -15.86
N GLU A 368 63.21 -51.28 -14.77
CA GLU A 368 63.96 -52.53 -14.91
C GLU A 368 63.04 -53.72 -15.02
N TYR A 369 61.85 -53.66 -14.40
CA TYR A 369 60.84 -54.69 -14.60
C TYR A 369 60.44 -54.79 -16.07
N ASP A 370 60.22 -53.64 -16.73
CA ASP A 370 59.89 -53.66 -18.15
C ASP A 370 61.02 -54.29 -18.96
N ASP A 371 62.26 -54.04 -18.58
CA ASP A 371 63.40 -54.57 -19.34
C ASP A 371 63.38 -56.10 -19.38
N ILE A 372 62.99 -56.74 -18.28
CA ILE A 372 62.88 -58.19 -18.29
C ILE A 372 61.64 -58.60 -19.09
N HIS A 373 60.51 -57.97 -18.81
CA HIS A 373 59.20 -58.51 -19.16
C HIS A 373 58.54 -57.81 -20.36
N LEU A 374 59.29 -57.41 -21.36
CA LEU A 374 58.65 -56.78 -22.51
C LEU A 374 59.18 -57.38 -23.81
N LYS A 375 58.26 -57.61 -24.75
CA LYS A 375 58.60 -58.18 -26.05
C LYS A 375 58.17 -57.24 -27.18
N VAL A 379 51.23 -55.36 -26.88
CA VAL A 379 51.42 -54.02 -26.36
C VAL A 379 50.79 -53.91 -24.95
N VAL A 380 50.71 -52.71 -24.39
CA VAL A 380 50.50 -52.51 -22.96
C VAL A 380 49.09 -52.87 -22.53
N THR A 381 48.90 -54.10 -22.09
CA THR A 381 47.61 -54.51 -21.58
C THR A 381 47.39 -53.99 -20.15
N GLU A 382 46.11 -53.95 -19.74
CA GLU A 382 45.80 -53.83 -18.32
C GLU A 382 46.38 -55.00 -17.54
N LYS A 383 46.50 -56.17 -18.19
CA LYS A 383 47.05 -57.34 -17.52
C LYS A 383 48.53 -57.17 -17.25
N TYR A 384 49.25 -56.50 -18.16
CA TYR A 384 50.66 -56.23 -17.95
C TYR A 384 50.87 -55.41 -16.68
N GLU A 385 50.16 -54.30 -16.56
CA GLU A 385 50.35 -53.42 -15.41
C GLU A 385 49.75 -53.98 -14.13
N ASP A 386 48.79 -54.90 -14.24
CA ASP A 386 48.27 -55.56 -13.05
C ASP A 386 49.29 -56.56 -12.50
N ASP A 387 49.88 -57.38 -13.37
CA ASP A 387 50.95 -58.26 -12.94
C ASP A 387 52.15 -57.46 -12.44
N ARG A 388 52.55 -56.42 -13.17
CA ARG A 388 53.67 -55.60 -12.72
C ARG A 388 53.40 -55.00 -11.35
N ARG A 389 52.19 -54.49 -11.15
CA ARG A 389 51.81 -53.92 -9.85
C ARG A 389 51.75 -55.01 -8.78
N LYS A 390 51.18 -56.17 -9.12
CA LYS A 390 51.14 -57.26 -8.15
C LYS A 390 52.55 -57.70 -7.76
N SER A 391 53.44 -57.82 -8.74
CA SER A 391 54.84 -58.11 -8.44
C SER A 391 55.45 -57.06 -7.54
N PHE A 392 55.14 -55.78 -7.79
CA PHE A 392 55.68 -54.74 -6.94
C PHE A 392 55.15 -54.86 -5.52
N LYS A 393 53.83 -54.98 -5.37
CA LYS A 393 53.20 -55.15 -4.07
C LYS A 393 53.78 -56.32 -3.28
N LYS A 394 54.40 -57.29 -3.95
CA LYS A 394 54.94 -58.42 -3.23
C LYS A 394 56.23 -58.08 -2.48
N ILE A 395 56.99 -57.12 -2.99
CA ILE A 395 58.28 -56.77 -2.38
C ILE A 395 58.02 -56.06 -1.06
N GLY A 396 58.41 -56.69 0.05
CA GLY A 396 58.09 -56.15 1.36
C GLY A 396 58.90 -54.94 1.76
N SER A 397 60.14 -54.84 1.28
CA SER A 397 60.98 -53.72 1.66
C SER A 397 62.16 -53.64 0.72
N PHE A 398 62.91 -52.54 0.83
CA PHE A 398 64.10 -52.31 0.01
C PHE A 398 65.25 -51.93 0.92
N SER A 399 66.37 -52.64 0.77
CA SER A 399 67.60 -52.19 1.41
C SER A 399 68.15 -50.98 0.65
N LEU A 400 68.93 -50.16 1.36
CA LEU A 400 69.49 -48.97 0.71
C LEU A 400 70.52 -49.36 -0.33
N GLU A 401 71.24 -50.46 -0.13
CA GLU A 401 72.00 -51.05 -1.21
C GLU A 401 71.13 -51.17 -2.46
N GLN A 402 70.06 -51.95 -2.36
CA GLN A 402 69.07 -52.02 -3.43
C GLN A 402 68.70 -50.63 -3.91
N LEU A 403 68.46 -49.71 -2.97
CA LEU A 403 68.06 -48.35 -3.34
C LEU A 403 69.21 -47.58 -3.98
N GLN A 404 70.45 -47.87 -3.55
CA GLN A 404 71.63 -47.27 -4.17
C GLN A 404 71.63 -47.45 -5.68
N GLU A 405 71.24 -48.64 -6.15
CA GLU A 405 71.29 -48.94 -7.58
C GLU A 405 70.37 -48.06 -8.41
N TYR A 406 69.51 -47.26 -7.78
CA TYR A 406 68.64 -46.32 -8.45
C TYR A 406 69.21 -44.90 -8.49
N ALA A 407 70.38 -44.66 -7.94
CA ALA A 407 70.88 -43.31 -7.79
C ALA A 407 71.67 -42.87 -9.03
N ASP A 408 71.88 -41.56 -9.14
CA ASP A 408 72.75 -41.00 -10.16
C ASP A 408 74.22 -41.24 -9.78
N ALA A 409 75.11 -41.07 -10.77
CA ALA A 409 76.54 -41.25 -10.49
C ALA A 409 77.05 -40.19 -9.52
N ASP A 410 76.52 -38.97 -9.61
CA ASP A 410 76.84 -37.95 -8.62
C ASP A 410 76.10 -38.20 -7.31
N LEU A 411 74.86 -38.69 -7.40
CA LEU A 411 74.06 -39.00 -6.23
C LEU A 411 74.68 -40.15 -5.43
N SER A 412 74.70 -40.02 -4.11
CA SER A 412 74.80 -41.16 -3.22
C SER A 412 73.56 -41.19 -2.36
N VAL A 413 72.92 -42.37 -2.26
CA VAL A 413 71.69 -42.47 -1.48
C VAL A 413 72.01 -42.38 0.01
N VAL A 414 73.00 -43.16 0.47
CA VAL A 414 73.33 -43.14 1.89
C VAL A 414 73.75 -41.75 2.32
N GLU A 415 74.62 -41.10 1.52
CA GLU A 415 75.01 -39.73 1.78
C GLU A 415 73.79 -38.83 1.90
N LYS A 416 72.97 -38.78 0.85
CA LYS A 416 71.81 -37.90 0.83
C LYS A 416 70.92 -38.08 2.06
N LEU A 417 70.74 -39.32 2.51
CA LEU A 417 69.88 -39.57 3.66
C LEU A 417 70.46 -38.93 4.91
N LYS A 418 71.77 -39.08 5.13
CA LYS A 418 72.31 -38.57 6.39
C LYS A 418 72.35 -37.05 6.41
N GLU A 419 72.45 -36.39 5.26
CA GLU A 419 72.30 -34.94 5.28
C GLU A 419 70.86 -34.52 5.52
N ILE A 420 69.91 -35.38 5.16
CA ILE A 420 68.51 -35.08 5.41
C ILE A 420 68.21 -35.11 6.90
N ILE A 421 68.69 -36.14 7.61
CA ILE A 421 68.49 -36.20 9.05
C ILE A 421 69.27 -35.09 9.76
N ILE A 422 70.45 -34.72 9.24
CA ILE A 422 71.19 -33.61 9.84
C ILE A 422 70.37 -32.33 9.72
N GLN A 423 69.77 -32.08 8.55
CA GLN A 423 68.91 -30.92 8.43
C GLN A 423 67.80 -30.96 9.46
N LYS A 424 67.21 -32.14 9.70
CA LYS A 424 66.07 -32.24 10.61
C LYS A 424 66.51 -32.05 12.07
N VAL A 425 67.68 -32.59 12.44
CA VAL A 425 68.19 -32.32 13.78
C VAL A 425 68.56 -30.85 13.93
N ASP A 426 69.16 -30.26 12.89
CA ASP A 426 69.43 -28.82 12.88
C ASP A 426 68.20 -28.04 13.28
N GLU A 427 67.08 -28.30 12.60
CA GLU A 427 65.85 -27.54 12.83
C GLU A 427 65.41 -27.65 14.29
N ILE A 428 65.43 -28.86 14.84
CA ILE A 428 65.03 -29.05 16.23
C ILE A 428 65.83 -28.13 17.14
N TYR A 429 67.15 -28.06 16.93
CA TYR A 429 67.98 -27.17 17.75
C TYR A 429 67.62 -25.70 17.51
N LYS A 430 67.38 -25.31 16.26
CA LYS A 430 67.05 -23.92 15.98
C LYS A 430 65.74 -23.52 16.64
N VAL A 431 64.79 -24.46 16.74
CA VAL A 431 63.52 -24.17 17.40
C VAL A 431 63.63 -24.33 18.91
N TYR A 432 64.48 -25.24 19.39
CA TYR A 432 64.71 -25.30 20.82
C TYR A 432 65.35 -24.01 21.31
N GLY A 433 66.27 -23.45 20.53
CA GLY A 433 66.87 -22.18 20.89
C GLY A 433 65.84 -21.07 21.10
N SER A 434 64.84 -20.99 20.23
CA SER A 434 63.79 -19.99 20.43
C SER A 434 62.89 -20.32 21.60
N SER A 435 63.12 -21.46 22.27
CA SER A 435 62.21 -21.97 23.28
C SER A 435 62.80 -21.95 24.68
N GLU A 436 64.07 -21.54 24.84
CA GLU A 436 64.69 -21.55 26.16
C GLU A 436 63.95 -20.66 27.16
N LYS A 437 63.14 -19.71 26.67
CA LYS A 437 62.52 -18.76 27.58
C LYS A 437 61.50 -19.44 28.50
N LEU A 438 60.72 -20.40 28.00
CA LEU A 438 59.81 -21.13 28.86
C LEU A 438 60.34 -22.50 29.25
N PHE A 439 61.65 -22.74 29.11
CA PHE A 439 62.22 -24.01 29.53
C PHE A 439 62.87 -23.95 30.90
N ASP A 440 63.07 -22.76 31.46
CA ASP A 440 63.56 -22.61 32.82
C ASP A 440 62.39 -22.60 33.81
N ALA A 441 62.73 -22.77 35.09
CA ALA A 441 61.71 -22.83 36.13
C ALA A 441 61.03 -21.48 36.33
N ASP A 442 61.84 -20.41 36.44
CA ASP A 442 61.35 -19.11 36.88
C ASP A 442 60.26 -18.54 35.96
N PHE A 443 60.18 -19.00 34.71
CA PHE A 443 59.22 -18.43 33.77
C PHE A 443 57.79 -18.55 34.29
N VAL A 444 56.98 -17.53 33.99
CA VAL A 444 55.57 -17.49 34.38
C VAL A 444 54.76 -16.89 33.25
N LEU A 445 53.63 -17.51 32.94
CA LEU A 445 52.76 -16.98 31.92
C LEU A 445 52.20 -15.64 32.35
N GLU A 446 52.03 -14.75 31.38
CA GLU A 446 51.23 -13.54 31.58
C GLU A 446 49.86 -13.66 30.95
N LYS A 447 49.76 -14.38 29.85
CA LYS A 447 48.51 -14.63 29.17
C LYS A 447 48.23 -16.12 29.20
N SER A 448 46.97 -16.48 29.48
CA SER A 448 46.64 -17.90 29.57
C SER A 448 46.79 -18.57 28.21
N LEU A 449 47.20 -19.84 28.25
CA LEU A 449 47.60 -20.53 27.02
C LEU A 449 46.53 -20.44 25.93
N LYS A 450 45.26 -20.63 26.29
CA LYS A 450 44.22 -20.64 25.27
C LYS A 450 44.04 -19.28 24.61
N LYS A 451 44.69 -18.24 25.13
CA LYS A 451 44.65 -16.92 24.52
C LYS A 451 46.04 -16.32 24.35
N ASN A 452 47.08 -17.14 24.35
CA ASN A 452 48.48 -16.69 24.27
C ASN A 452 49.12 -17.29 23.03
N ASP A 453 48.96 -16.61 21.89
CA ASP A 453 49.54 -17.11 20.65
C ASP A 453 51.06 -17.24 20.74
N ALA A 454 51.72 -16.28 21.38
CA ALA A 454 53.18 -16.25 21.33
C ALA A 454 53.79 -17.49 21.96
N VAL A 455 53.25 -17.93 23.09
CA VAL A 455 53.81 -19.10 23.76
C VAL A 455 53.42 -20.38 23.03
N VAL A 456 52.20 -20.42 22.46
CA VAL A 456 51.77 -21.61 21.74
C VAL A 456 52.56 -21.78 20.46
N ALA A 457 52.83 -20.66 19.76
CA ALA A 457 53.68 -20.73 18.58
C ALA A 457 55.02 -21.37 18.92
N ILE A 458 55.59 -21.02 20.07
CA ILE A 458 56.89 -21.57 20.44
C ILE A 458 56.80 -23.07 20.71
N MET A 459 55.76 -23.50 21.41
CA MET A 459 55.61 -24.93 21.68
C MET A 459 55.36 -25.71 20.40
N LYS A 460 54.47 -25.20 19.54
CA LYS A 460 54.08 -25.93 18.34
C LYS A 460 55.25 -26.08 17.39
N ASP A 461 56.04 -25.02 17.23
CA ASP A 461 57.23 -25.13 16.40
C ASP A 461 58.15 -26.24 16.89
N LEU A 462 58.37 -26.31 18.21
CA LEU A 462 59.20 -27.39 18.74
C LEU A 462 58.52 -28.74 18.54
N LEU A 463 57.25 -28.86 18.94
CA LEU A 463 56.51 -30.10 18.73
C LEU A 463 56.57 -30.55 17.28
N ASP A 464 56.36 -29.63 16.34
CA ASP A 464 56.28 -30.02 14.93
C ASP A 464 57.62 -30.56 14.44
N SER A 465 58.72 -29.90 14.80
CA SER A 465 60.02 -30.37 14.35
C SER A 465 60.36 -31.76 14.89
N VAL A 466 59.87 -32.09 16.08
CA VAL A 466 60.09 -33.44 16.59
C VAL A 466 59.21 -34.42 15.82
N LYS A 467 58.00 -33.99 15.46
CA LYS A 467 57.12 -34.80 14.63
C LYS A 467 57.73 -35.04 13.27
N SER A 468 58.24 -33.98 12.66
CA SER A 468 58.89 -34.07 11.35
C SER A 468 60.05 -35.06 11.38
N PHE A 469 60.92 -34.92 12.37
CA PHE A 469 62.01 -35.88 12.57
C PHE A 469 61.44 -37.28 12.81
N GLU A 470 60.44 -37.39 13.67
CA GLU A 470 59.91 -38.70 14.00
C GLU A 470 59.36 -39.39 12.76
N ASN A 471 58.58 -38.67 11.95
CA ASN A 471 58.03 -39.29 10.75
C ASN A 471 59.10 -39.68 9.75
N TYR A 472 60.24 -39.00 9.77
CA TYR A 472 61.28 -39.33 8.81
C TYR A 472 61.96 -40.65 9.20
N ILE A 473 62.30 -40.81 10.48
CA ILE A 473 63.01 -42.02 10.86
C ILE A 473 62.12 -43.24 10.83
N LYS A 474 60.79 -43.08 10.91
CA LYS A 474 59.93 -44.26 10.85
C LYS A 474 60.00 -44.96 9.51
N ALA A 475 60.59 -44.33 8.50
CA ALA A 475 60.74 -45.00 7.22
C ALA A 475 61.75 -46.13 7.30
N PHE A 476 62.71 -46.02 8.22
CA PHE A 476 63.83 -46.94 8.26
C PHE A 476 63.57 -48.17 9.10
N PHE A 477 62.34 -48.36 9.59
CA PHE A 477 62.03 -49.55 10.36
C PHE A 477 62.16 -50.82 9.54
N GLY A 478 62.04 -50.74 8.23
CA GLY A 478 61.87 -51.94 7.43
C GLY A 478 60.57 -52.68 7.72
N GLU A 479 60.39 -53.83 7.08
CA GLU A 479 59.17 -54.62 7.23
C GLU A 479 59.12 -55.35 8.57
N GLY A 480 60.28 -55.72 9.12
CA GLY A 480 60.37 -56.34 10.42
C GLY A 480 60.83 -57.77 10.42
N LYS A 481 60.77 -58.45 9.27
CA LYS A 481 61.15 -59.86 9.17
C LYS A 481 62.17 -60.10 8.07
N GLU A 482 62.82 -59.05 7.58
CA GLU A 482 63.94 -59.21 6.66
C GLU A 482 65.06 -59.96 7.36
N THR A 483 65.67 -60.91 6.64
CA THR A 483 66.67 -61.77 7.26
C THR A 483 67.98 -61.04 7.52
N ASN A 484 68.61 -60.50 6.47
CA ASN A 484 69.80 -59.67 6.65
C ASN A 484 69.50 -58.40 7.44
N ARG A 485 68.97 -58.53 8.66
CA ARG A 485 68.54 -57.38 9.46
C ARG A 485 69.66 -57.00 10.41
N ASP A 486 70.55 -56.11 9.96
CA ASP A 486 71.66 -55.61 10.75
C ASP A 486 71.21 -55.30 12.18
N GLU A 487 71.15 -56.31 13.04
CA GLU A 487 70.66 -56.09 14.40
C GLU A 487 71.58 -55.23 15.23
N SER A 488 72.80 -54.97 14.75
CA SER A 488 73.64 -53.94 15.36
C SER A 488 73.05 -52.56 15.11
N PHE A 489 72.55 -52.32 13.89
CA PHE A 489 71.89 -51.05 13.59
C PHE A 489 70.51 -50.98 14.24
N TYR A 490 69.71 -52.05 14.13
CA TYR A 490 68.30 -51.95 14.52
C TYR A 490 68.07 -52.06 16.01
N GLY A 491 68.92 -52.80 16.72
CA GLY A 491 68.75 -52.88 18.16
C GLY A 491 68.75 -51.51 18.82
N ASP A 492 69.75 -50.68 18.47
CA ASP A 492 69.81 -49.32 19.00
C ASP A 492 68.70 -48.46 18.41
N PHE A 493 68.25 -48.76 17.20
CA PHE A 493 67.20 -47.98 16.56
C PHE A 493 65.87 -48.18 17.27
N VAL A 494 65.48 -49.43 17.51
CA VAL A 494 64.15 -49.70 18.07
C VAL A 494 64.03 -49.14 19.48
N LEU A 495 65.10 -49.21 20.28
CA LEU A 495 65.04 -48.63 21.61
C LEU A 495 64.77 -47.13 21.55
N ALA A 496 65.55 -46.41 20.73
CA ALA A 496 65.36 -44.98 20.60
C ALA A 496 64.02 -44.64 19.95
N TYR A 497 63.66 -45.36 18.88
CA TYR A 497 62.39 -45.11 18.22
C TYR A 497 61.23 -45.22 19.21
N ASP A 498 61.22 -46.28 20.02
CA ASP A 498 60.07 -46.51 20.90
C ASP A 498 59.94 -45.41 21.95
N ILE A 499 61.05 -44.88 22.45
CA ILE A 499 60.94 -43.74 23.35
C ILE A 499 60.43 -42.52 22.57
N LEU A 500 60.95 -42.32 21.36
CA LEU A 500 60.53 -41.18 20.55
C LEU A 500 59.02 -41.14 20.39
N LEU A 501 58.37 -42.29 20.21
CA LEU A 501 56.95 -42.31 19.94
C LEU A 501 56.13 -41.74 21.10
N LYS A 502 56.72 -41.62 22.29
CA LYS A 502 56.02 -41.04 23.43
C LYS A 502 55.54 -39.62 23.14
N VAL A 503 56.15 -38.96 22.15
CA VAL A 503 55.71 -37.63 21.76
C VAL A 503 54.30 -37.64 21.22
N ASP A 504 53.82 -38.79 20.71
CA ASP A 504 52.51 -38.84 20.05
C ASP A 504 51.38 -38.42 20.99
N HIS A 505 51.35 -38.98 22.19
CA HIS A 505 50.33 -38.55 23.14
C HIS A 505 50.51 -37.09 23.49
N ILE A 506 51.76 -36.66 23.72
CA ILE A 506 52.01 -35.28 24.14
C ILE A 506 51.53 -34.30 23.08
N TYR A 507 51.82 -34.61 21.80
CA TYR A 507 51.40 -33.74 20.71
C TYR A 507 49.89 -33.60 20.67
N ASP A 508 49.16 -34.73 20.68
CA ASP A 508 47.69 -34.67 20.69
C ASP A 508 47.17 -33.93 21.91
N ALA A 509 47.68 -34.28 23.10
CA ALA A 509 47.14 -33.73 24.34
C ALA A 509 47.30 -32.22 24.40
N ILE A 510 48.47 -31.72 23.99
CA ILE A 510 48.68 -30.28 23.96
C ILE A 510 47.80 -29.61 22.90
N ARG A 511 47.78 -30.14 21.68
CA ARG A 511 46.86 -29.60 20.68
C ARG A 511 45.45 -29.54 21.26
N ASN A 512 45.01 -30.64 21.87
CA ASN A 512 43.64 -30.74 22.37
C ASN A 512 43.35 -29.69 23.43
N TYR A 513 44.34 -29.35 24.27
CA TYR A 513 44.10 -28.34 25.31
C TYR A 513 44.18 -26.93 24.75
N VAL A 514 45.26 -26.64 24.04
CA VAL A 514 45.64 -25.30 23.63
C VAL A 514 44.69 -24.71 22.59
N THR A 515 43.91 -25.54 21.89
CA THR A 515 42.99 -25.04 20.88
C THR A 515 41.56 -24.90 21.40
N GLN A 516 41.32 -25.13 22.68
CA GLN A 516 40.00 -24.86 23.23
C GLN A 516 39.73 -23.35 23.26
N LYS A 517 38.47 -22.98 23.01
CA LYS A 517 38.24 -21.55 23.16
C LYS A 517 37.85 -21.23 24.59
N PRO A 518 38.31 -20.09 25.13
CA PRO A 518 37.92 -19.72 26.49
C PRO A 518 36.41 -19.59 26.63
N TYR A 519 35.89 -20.10 27.75
CA TYR A 519 34.47 -19.97 28.04
C TYR A 519 34.07 -18.50 28.10
N SER A 520 32.86 -18.20 27.63
CA SER A 520 32.29 -16.87 27.75
C SER A 520 30.83 -16.99 28.18
N LYS A 521 30.39 -16.10 29.06
CA LYS A 521 29.09 -16.26 29.66
C LYS A 521 27.99 -15.75 28.75
N ASP A 522 26.82 -16.34 28.88
CA ASP A 522 25.63 -15.99 28.13
C ASP A 522 24.80 -14.93 28.85
N LYS A 523 24.00 -14.20 28.08
CA LYS A 523 22.95 -13.40 28.70
C LYS A 523 22.00 -14.32 29.46
N PHE A 524 21.25 -13.76 30.40
CA PHE A 524 20.30 -14.54 31.16
C PHE A 524 18.96 -13.82 31.25
N LYS A 525 17.90 -14.64 31.31
CA LYS A 525 16.53 -14.16 31.30
C LYS A 525 16.13 -13.61 32.67
N LEU A 526 15.33 -12.55 32.65
CA LEU A 526 14.84 -11.95 33.89
C LEU A 526 13.38 -12.30 34.09
N TYR A 527 13.03 -12.60 35.34
CA TYR A 527 11.69 -13.03 35.70
C TYR A 527 10.98 -12.11 36.67
N PHE A 528 11.69 -11.22 37.36
CA PHE A 528 11.12 -10.38 38.40
C PHE A 528 10.24 -11.20 39.32
N GLN A 529 10.70 -12.41 39.61
CA GLN A 529 10.11 -13.32 40.59
C GLN A 529 8.72 -13.79 40.18
N ASN A 530 8.46 -13.81 38.87
CA ASN A 530 7.22 -14.39 38.34
C ASN A 530 7.57 -15.49 37.36
N PRO A 531 7.24 -16.75 37.66
CA PRO A 531 7.46 -17.84 36.69
C PRO A 531 6.80 -17.64 35.33
N GLN A 532 5.71 -16.90 35.25
CA GLN A 532 5.13 -16.52 33.96
C GLN A 532 5.26 -15.01 33.70
N PHE A 533 6.38 -14.42 34.13
CA PHE A 533 6.63 -13.01 33.94
C PHE A 533 6.44 -12.59 32.49
N MET A 534 5.68 -11.50 32.30
CA MET A 534 5.53 -10.90 30.98
C MET A 534 5.00 -11.92 29.98
N GLY A 535 4.18 -12.86 30.43
CA GLY A 535 3.68 -13.89 29.53
C GLY A 535 2.75 -13.36 28.46
N GLY A 536 2.11 -12.23 28.72
CA GLY A 536 1.14 -11.67 27.79
C GLY A 536 0.82 -10.25 28.21
N TRP A 537 0.09 -9.57 27.33
CA TRP A 537 -0.19 -8.16 27.52
C TRP A 537 -1.64 -7.86 27.87
N ASP A 538 -2.51 -8.87 28.02
CA ASP A 538 -3.93 -8.62 28.26
C ASP A 538 -4.14 -7.82 29.54
N LYS A 539 -4.98 -6.78 29.44
CA LYS A 539 -5.28 -5.91 30.57
C LYS A 539 -5.63 -6.70 31.82
N ASP A 540 -6.47 -7.73 31.66
CA ASP A 540 -6.96 -8.52 32.79
C ASP A 540 -5.94 -9.52 33.28
N LYS A 541 -4.69 -9.38 32.86
CA LYS A 541 -3.60 -10.21 33.32
C LYS A 541 -2.45 -9.39 33.87
N GLU A 542 -2.50 -8.06 33.70
CA GLU A 542 -1.46 -7.11 34.12
C GLU A 542 -0.96 -7.45 35.51
N THR A 543 -1.90 -7.81 36.35
CA THR A 543 -1.60 -8.05 37.76
C THR A 543 -0.86 -9.36 37.96
N ASP A 544 -1.08 -10.31 37.06
CA ASP A 544 -0.36 -11.58 37.12
C ASP A 544 0.99 -11.46 36.41
N TYR A 545 1.01 -10.86 35.22
CA TYR A 545 2.25 -10.79 34.43
C TYR A 545 3.17 -9.65 34.86
N ARG A 546 2.61 -8.55 35.35
CA ARG A 546 3.34 -7.45 35.98
C ARG A 546 4.28 -6.73 35.00
N ALA A 547 3.89 -6.66 33.73
CA ALA A 547 4.60 -5.90 32.72
C ALA A 547 3.60 -5.27 31.77
N THR A 548 3.86 -4.04 31.36
CA THR A 548 2.99 -3.35 30.42
C THR A 548 3.84 -2.34 29.66
N ILE A 549 3.21 -1.68 28.69
CA ILE A 549 3.89 -0.72 27.82
C ILE A 549 3.30 0.67 28.02
N LEU A 550 4.18 1.67 28.11
CA LEU A 550 3.80 3.06 28.20
C LEU A 550 4.40 3.81 27.01
N ARG A 551 3.80 4.97 26.72
CA ARG A 551 4.28 5.80 25.64
C ARG A 551 4.27 7.25 26.10
N TYR A 552 5.27 8.01 25.65
CA TYR A 552 5.37 9.44 26.00
C TYR A 552 5.91 10.14 24.76
N GLY A 553 5.02 10.81 24.04
CA GLY A 553 5.37 11.31 22.72
C GLY A 553 5.77 10.15 21.83
N SER A 554 7.00 10.20 21.34
CA SER A 554 7.54 9.21 20.43
C SER A 554 8.31 8.09 21.11
N LYS A 555 8.49 8.16 22.41
CA LYS A 555 9.25 7.16 23.15
C LYS A 555 8.31 6.17 23.82
N TYR A 556 8.78 4.92 23.89
CA TYR A 556 8.03 3.82 24.47
C TYR A 556 8.82 3.25 25.64
N TYR A 557 8.11 2.66 26.59
CA TYR A 557 8.73 2.18 27.80
C TYR A 557 8.10 0.87 28.22
N LEU A 558 8.91 0.01 28.81
CA LEU A 558 8.46 -1.20 29.47
C LEU A 558 8.31 -0.88 30.93
N ALA A 559 7.16 -1.19 31.50
CA ALA A 559 6.86 -0.87 32.89
C ALA A 559 6.57 -2.17 33.62
N ILE A 560 7.31 -2.42 34.70
CA ILE A 560 7.25 -3.67 35.44
C ILE A 560 6.88 -3.35 36.88
N MET A 561 5.80 -3.96 37.36
CA MET A 561 5.36 -3.73 38.73
C MET A 561 6.12 -4.66 39.69
N ASP A 562 6.61 -4.11 40.79
CA ASP A 562 7.19 -4.94 41.81
C ASP A 562 6.13 -5.91 42.34
N LYS A 563 6.53 -7.15 42.65
CA LYS A 563 5.55 -8.16 43.00
C LYS A 563 4.71 -7.77 44.22
N LYS A 564 5.26 -6.97 45.13
CA LYS A 564 4.45 -6.54 46.27
C LYS A 564 3.47 -5.42 45.92
N TYR A 565 3.52 -4.89 44.71
CA TYR A 565 2.72 -3.72 44.33
C TYR A 565 2.10 -3.94 42.95
N ALA A 566 1.55 -5.14 42.76
CA ALA A 566 1.14 -5.59 41.43
C ALA A 566 0.11 -4.65 40.80
N LYS A 567 -0.65 -3.94 41.63
CA LYS A 567 -1.75 -3.11 41.18
C LYS A 567 -1.38 -1.65 41.03
N CYS A 568 -0.11 -1.28 41.25
CA CYS A 568 0.20 0.15 41.41
C CYS A 568 -0.17 0.95 40.17
N LEU A 569 -0.09 0.38 38.97
CA LEU A 569 -0.46 1.15 37.78
C LEU A 569 -1.96 1.26 37.57
N GLN A 570 -2.75 0.33 38.12
CA GLN A 570 -4.19 0.42 37.94
C GLN A 570 -4.83 1.48 38.84
N LYS A 571 -4.17 1.85 39.93
CA LYS A 571 -4.67 2.89 40.81
C LYS A 571 -4.32 4.30 40.32
N ILE A 572 -3.69 4.42 39.16
CA ILE A 572 -3.29 5.71 38.60
C ILE A 572 -4.34 6.14 37.60
N ASP A 573 -4.80 7.38 37.73
CA ASP A 573 -5.72 7.94 36.76
C ASP A 573 -5.06 9.04 35.93
N LYS A 574 -5.86 9.64 35.06
CA LYS A 574 -5.42 10.75 34.22
C LYS A 574 -5.15 12.00 35.07
N ASP A 575 -4.16 12.78 34.65
CA ASP A 575 -3.87 14.09 35.23
C ASP A 575 -4.47 15.14 34.31
N ASP A 576 -5.56 15.75 34.75
CA ASP A 576 -6.26 16.76 33.97
C ASP A 576 -5.50 18.08 33.89
N VAL A 577 -4.31 18.16 34.48
CA VAL A 577 -3.53 19.39 34.46
C VAL A 577 -2.16 19.12 33.83
N ASN A 578 -1.33 18.34 34.53
CA ASN A 578 0.04 18.13 34.12
C ASN A 578 0.12 16.97 33.13
N GLY A 579 1.34 16.53 32.81
CA GLY A 579 1.52 15.57 31.74
C GLY A 579 0.97 14.20 32.07
N ASN A 580 0.77 13.39 31.03
CA ASN A 580 0.36 12.00 31.20
C ASN A 580 1.26 11.08 30.38
N TYR A 581 1.46 9.88 30.91
CA TYR A 581 1.87 8.78 30.06
C TYR A 581 0.66 8.25 29.33
N GLU A 582 0.89 7.62 28.19
CA GLU A 582 -0.09 6.75 27.59
C GLU A 582 0.23 5.33 28.03
N LYS A 583 -0.75 4.69 28.62
CA LYS A 583 -0.65 3.33 29.13
C LYS A 583 -1.44 2.44 28.19
N ILE A 584 -0.87 1.31 27.81
CA ILE A 584 -1.52 0.48 26.81
C ILE A 584 -2.75 -0.20 27.42
N ASN A 585 -3.78 -0.38 26.60
CA ASN A 585 -4.96 -1.15 26.96
C ASN A 585 -5.12 -2.20 25.87
N TYR A 586 -4.74 -3.43 26.19
CA TYR A 586 -4.58 -4.50 25.23
C TYR A 586 -5.53 -5.62 25.62
N LYS A 587 -6.36 -6.05 24.66
CA LYS A 587 -7.25 -7.18 24.88
C LYS A 587 -7.07 -8.18 23.76
N LEU A 588 -6.79 -9.43 24.13
CA LEU A 588 -6.61 -10.53 23.19
C LEU A 588 -7.50 -11.67 23.63
N LEU A 589 -8.28 -12.22 22.69
CA LEU A 589 -9.01 -13.45 22.93
C LEU A 589 -8.32 -14.55 22.11
N PRO A 590 -7.35 -15.27 22.66
CA PRO A 590 -6.53 -16.17 21.84
C PRO A 590 -7.18 -17.53 21.70
N GLY A 591 -7.07 -18.09 20.49
CA GLY A 591 -7.56 -19.42 20.20
C GLY A 591 -9.00 -19.64 20.62
N PRO A 592 -9.93 -18.94 19.98
CA PRO A 592 -11.34 -19.02 20.43
C PRO A 592 -11.93 -20.43 20.41
N ASN A 593 -11.50 -21.29 19.46
CA ASN A 593 -12.07 -22.63 19.43
C ASN A 593 -11.74 -23.41 20.68
N LYS A 594 -10.68 -23.04 21.40
CA LYS A 594 -10.38 -23.60 22.72
C LYS A 594 -10.95 -22.78 23.86
N MET A 595 -10.85 -21.45 23.81
CA MET A 595 -11.26 -20.65 24.96
C MET A 595 -12.78 -20.55 25.10
N LEU A 596 -13.51 -20.47 23.99
CA LEU A 596 -14.96 -20.32 24.10
C LEU A 596 -15.62 -21.48 24.84
N PRO A 597 -15.38 -22.75 24.47
CA PRO A 597 -15.94 -23.82 25.31
C PRO A 597 -15.43 -23.77 26.73
N LYS A 598 -14.13 -23.49 26.90
CA LYS A 598 -13.52 -23.47 28.24
C LYS A 598 -14.23 -22.46 29.15
N VAL A 599 -14.50 -21.27 28.63
CA VAL A 599 -15.13 -20.25 29.46
C VAL A 599 -16.59 -20.59 29.71
N PHE A 600 -17.30 -21.03 28.66
CA PHE A 600 -18.76 -21.10 28.73
C PHE A 600 -19.29 -22.45 29.22
N PHE A 601 -18.49 -23.50 29.17
CA PHE A 601 -18.86 -24.75 29.82
C PHE A 601 -18.09 -24.99 31.10
N SER A 602 -17.60 -23.93 31.73
CA SER A 602 -16.96 -24.04 33.02
C SER A 602 -18.01 -24.15 34.13
N LYS A 603 -17.58 -24.67 35.29
CA LYS A 603 -18.50 -24.77 36.42
C LYS A 603 -19.06 -23.40 36.77
N LYS A 604 -18.21 -22.36 36.77
CA LYS A 604 -18.68 -21.01 37.07
C LYS A 604 -19.79 -20.59 36.12
N TRP A 605 -19.57 -20.75 34.82
CA TRP A 605 -20.51 -20.19 33.84
C TRP A 605 -21.79 -21.00 33.75
N MET A 606 -21.69 -22.33 33.81
CA MET A 606 -22.90 -23.14 33.76
C MET A 606 -23.80 -22.86 34.96
N ALA A 607 -23.22 -22.51 36.11
CA ALA A 607 -24.05 -22.15 37.26
C ALA A 607 -24.77 -20.84 37.03
N TYR A 608 -24.04 -19.83 36.54
CA TYR A 608 -24.67 -18.56 36.19
C TYR A 608 -25.71 -18.74 35.10
N TYR A 609 -25.36 -19.49 34.06
CA TYR A 609 -26.13 -19.56 32.82
C TYR A 609 -26.67 -20.97 32.68
N ASN A 610 -27.99 -21.12 32.77
CA ASN A 610 -28.64 -22.42 32.65
C ASN A 610 -28.55 -22.90 31.21
N PRO A 611 -27.57 -23.75 30.87
CA PRO A 611 -27.42 -24.16 29.47
C PRO A 611 -28.24 -25.39 29.18
N SER A 612 -29.25 -25.27 28.32
CA SER A 612 -30.20 -26.35 28.08
C SER A 612 -29.47 -27.67 27.84
N GLU A 613 -30.09 -28.75 28.32
CA GLU A 613 -29.52 -30.08 28.14
C GLU A 613 -29.17 -30.35 26.69
N ASP A 614 -29.95 -29.77 25.76
CA ASP A 614 -29.61 -29.86 24.35
C ASP A 614 -28.23 -29.30 24.10
N ILE A 615 -28.01 -28.04 24.50
CA ILE A 615 -26.71 -27.39 24.37
C ILE A 615 -25.62 -28.29 24.97
N GLN A 616 -25.87 -28.80 26.17
CA GLN A 616 -24.86 -29.61 26.86
C GLN A 616 -24.48 -30.85 26.04
N LYS A 617 -25.48 -31.66 25.69
CA LYS A 617 -25.20 -32.87 24.92
C LYS A 617 -24.53 -32.55 23.59
N ILE A 618 -24.96 -31.46 22.94
CA ILE A 618 -24.36 -31.03 21.69
C ILE A 618 -22.85 -30.85 21.86
N TYR A 619 -22.42 -30.19 22.94
CA TYR A 619 -20.98 -30.04 23.10
C TYR A 619 -20.34 -31.35 23.54
N LYS A 620 -20.99 -32.06 24.48
CA LYS A 620 -20.51 -33.36 24.94
C LYS A 620 -20.25 -34.29 23.77
N ASN A 621 -21.30 -34.56 22.97
CA ASN A 621 -21.24 -35.46 21.83
C ASN A 621 -20.50 -34.89 20.63
N GLY A 622 -20.22 -33.59 20.62
CA GLY A 622 -19.47 -32.99 19.51
C GLY A 622 -20.22 -32.89 18.20
N THR A 623 -21.54 -32.78 18.24
CA THR A 623 -22.32 -32.68 16.99
C THR A 623 -22.08 -31.38 16.26
N PHE A 624 -21.34 -30.45 16.85
CA PHE A 624 -21.03 -29.16 16.24
C PHE A 624 -19.75 -29.18 15.42
N LYS A 625 -18.96 -30.24 15.51
CA LYS A 625 -17.65 -30.29 14.86
C LYS A 625 -17.79 -30.84 13.45
N LYS A 626 -17.03 -30.27 12.52
CA LYS A 626 -16.98 -30.81 11.18
C LYS A 626 -16.44 -32.24 11.23
N GLY A 627 -17.29 -33.20 10.89
CA GLY A 627 -16.91 -34.59 10.96
C GLY A 627 -18.14 -35.44 10.70
N ASP A 628 -17.96 -36.75 10.88
CA ASP A 628 -19.05 -37.67 10.57
C ASP A 628 -20.15 -37.66 11.62
N MET A 629 -19.99 -36.87 12.69
CA MET A 629 -21.03 -36.68 13.69
C MET A 629 -21.68 -35.30 13.58
N PHE A 630 -21.47 -34.61 12.47
CA PHE A 630 -21.90 -33.24 12.32
C PHE A 630 -23.42 -33.13 12.23
N ASN A 631 -23.91 -31.95 12.59
CA ASN A 631 -25.33 -31.61 12.50
C ASN A 631 -25.39 -30.09 12.38
N LEU A 632 -25.69 -29.59 11.18
CA LEU A 632 -25.64 -28.15 10.93
C LEU A 632 -26.53 -27.39 11.90
N ASN A 633 -27.69 -27.96 12.22
CA ASN A 633 -28.60 -27.27 13.14
C ASN A 633 -28.06 -27.28 14.56
N ASP A 634 -27.43 -28.40 14.99
CA ASP A 634 -26.77 -28.42 16.29
C ASP A 634 -25.68 -27.37 16.36
N CYS A 635 -24.83 -27.33 15.33
CA CYS A 635 -23.81 -26.31 15.19
C CYS A 635 -24.38 -24.92 15.44
N HIS A 636 -25.53 -24.63 14.84
CA HIS A 636 -26.09 -23.28 14.93
C HIS A 636 -26.62 -22.99 16.32
N LYS A 637 -27.27 -23.97 16.95
CA LYS A 637 -27.72 -23.77 18.33
C LYS A 637 -26.56 -23.49 19.26
N LEU A 638 -25.44 -24.18 19.07
CA LEU A 638 -24.28 -23.94 19.91
C LEU A 638 -23.72 -22.55 19.69
N ILE A 639 -23.59 -22.13 18.43
CA ILE A 639 -23.13 -20.78 18.14
C ILE A 639 -24.00 -19.74 18.85
N ASP A 640 -25.32 -19.89 18.77
CA ASP A 640 -26.23 -18.94 19.41
C ASP A 640 -26.07 -18.96 20.92
N PHE A 641 -25.81 -20.13 21.50
CA PHE A 641 -25.42 -20.18 22.91
C PHE A 641 -24.14 -19.38 23.16
N PHE A 642 -23.13 -19.59 22.33
CA PHE A 642 -21.90 -18.81 22.47
C PHE A 642 -22.17 -17.32 22.26
N LYS A 643 -22.93 -16.97 21.22
CA LYS A 643 -23.23 -15.56 20.99
C LYS A 643 -23.94 -14.93 22.18
N ASP A 644 -24.92 -15.63 22.75
CA ASP A 644 -25.67 -15.07 23.86
C ASP A 644 -24.84 -15.01 25.14
N SER A 645 -23.96 -15.99 25.36
CA SER A 645 -23.07 -15.91 26.51
C SER A 645 -22.12 -14.73 26.40
N ILE A 646 -21.58 -14.49 25.19
CA ILE A 646 -20.68 -13.35 24.98
C ILE A 646 -21.34 -12.06 25.43
N SER A 647 -22.62 -11.88 25.08
CA SER A 647 -23.31 -10.66 25.44
C SER A 647 -23.49 -10.52 26.94
N ARG A 648 -23.39 -11.61 27.69
CA ARG A 648 -23.51 -11.57 29.14
C ARG A 648 -22.17 -11.63 29.85
N TYR A 649 -21.05 -11.69 29.11
CA TYR A 649 -19.71 -11.81 29.65
C TYR A 649 -18.99 -10.46 29.54
N PRO A 650 -19.12 -9.57 30.53
CA PRO A 650 -18.61 -8.21 30.37
C PRO A 650 -17.14 -8.15 29.99
N LYS A 651 -16.33 -9.06 30.53
CA LYS A 651 -14.93 -9.26 30.15
C LYS A 651 -14.69 -9.20 28.64
N TRP A 652 -15.64 -9.66 27.82
CA TRP A 652 -15.50 -9.68 26.37
C TRP A 652 -16.46 -8.74 25.66
N SER A 653 -17.71 -8.63 26.15
CA SER A 653 -18.67 -7.77 25.50
C SER A 653 -18.21 -6.31 25.48
N ASN A 654 -17.52 -5.86 26.53
CA ASN A 654 -17.06 -4.47 26.58
C ASN A 654 -15.67 -4.28 25.97
N ALA A 655 -14.91 -5.34 25.78
CA ALA A 655 -13.58 -5.18 25.24
C ALA A 655 -13.57 -5.19 23.72
N TYR A 656 -14.50 -5.91 23.09
CA TYR A 656 -14.48 -6.10 21.65
C TYR A 656 -15.73 -5.52 21.03
N ASP A 657 -15.57 -5.05 19.80
CA ASP A 657 -16.66 -4.51 19.03
C ASP A 657 -17.16 -5.63 18.12
N PHE A 658 -17.80 -6.61 18.76
CA PHE A 658 -18.20 -7.82 18.05
C PHE A 658 -19.31 -7.49 17.07
N ASN A 659 -19.24 -8.15 15.91
CA ASN A 659 -20.19 -7.87 14.84
C ASN A 659 -20.20 -9.12 13.95
N PHE A 660 -20.95 -10.11 14.42
CA PHE A 660 -20.92 -11.44 13.81
C PHE A 660 -21.88 -11.51 12.63
N SER A 661 -21.60 -12.45 11.74
CA SER A 661 -22.56 -12.80 10.70
C SER A 661 -23.76 -13.54 11.29
N GLU A 662 -24.88 -13.47 10.58
CA GLU A 662 -26.09 -14.18 11.00
C GLU A 662 -25.79 -15.66 11.14
N THR A 663 -26.32 -16.28 12.20
CA THR A 663 -25.94 -17.65 12.52
C THR A 663 -26.27 -18.62 11.40
N GLU A 664 -27.48 -18.50 10.84
CA GLU A 664 -27.90 -19.36 9.74
C GLU A 664 -26.96 -19.31 8.55
N LYS A 665 -26.05 -18.34 8.48
CA LYS A 665 -25.11 -18.26 7.37
C LYS A 665 -23.87 -19.11 7.56
N TYR A 666 -23.62 -19.63 8.76
CA TYR A 666 -22.38 -20.36 8.99
C TYR A 666 -22.49 -21.79 8.46
N LYS A 667 -21.40 -22.27 7.85
CA LYS A 667 -21.29 -23.65 7.38
C LYS A 667 -20.75 -24.58 8.46
N ASP A 668 -19.72 -24.15 9.15
CA ASP A 668 -19.12 -24.88 10.26
C ASP A 668 -19.04 -23.93 11.47
N ILE A 669 -18.63 -24.47 12.61
CA ILE A 669 -18.38 -23.56 13.73
C ILE A 669 -17.07 -22.81 13.51
N ALA A 670 -16.18 -23.35 12.66
CA ALA A 670 -14.91 -22.68 12.35
C ALA A 670 -15.12 -21.28 11.78
N GLY A 671 -16.20 -21.06 11.01
CA GLY A 671 -16.45 -19.75 10.45
C GLY A 671 -16.90 -18.74 11.50
N PHE A 672 -17.57 -19.21 12.55
CA PHE A 672 -17.82 -18.37 13.72
C PHE A 672 -16.53 -18.11 14.50
N TYR A 673 -15.74 -19.16 14.77
CA TYR A 673 -14.47 -18.99 15.50
C TYR A 673 -13.56 -18.00 14.80
N ARG A 674 -13.51 -18.05 13.46
CA ARG A 674 -12.70 -17.11 12.70
C ARG A 674 -13.13 -15.67 12.94
N GLU A 675 -14.44 -15.42 13.00
CA GLU A 675 -14.86 -14.05 13.24
C GLU A 675 -14.49 -13.61 14.65
N VAL A 676 -14.68 -14.50 15.64
CA VAL A 676 -14.26 -14.18 17.00
C VAL A 676 -12.77 -13.88 17.05
N GLU A 677 -11.98 -14.72 16.37
CA GLU A 677 -10.53 -14.59 16.40
C GLU A 677 -10.09 -13.26 15.82
N GLU A 678 -10.74 -12.82 14.75
CA GLU A 678 -10.30 -11.61 14.09
C GLU A 678 -10.73 -10.37 14.86
N GLN A 679 -11.95 -10.37 15.39
CA GLN A 679 -12.39 -9.23 16.18
C GLN A 679 -11.94 -9.31 17.63
N GLY A 680 -11.37 -10.43 18.07
CA GLY A 680 -10.90 -10.61 19.43
C GLY A 680 -9.50 -10.08 19.68
N TYR A 681 -9.25 -8.85 19.24
CA TYR A 681 -7.95 -8.19 19.43
C TYR A 681 -8.21 -6.69 19.39
N LYS A 682 -7.85 -6.00 20.46
CA LYS A 682 -7.99 -4.54 20.46
C LYS A 682 -6.88 -3.92 21.28
N VAL A 683 -6.26 -2.89 20.72
CA VAL A 683 -5.20 -2.15 21.39
C VAL A 683 -5.53 -0.67 21.33
N SER A 684 -5.51 -0.01 22.49
CA SER A 684 -5.66 1.42 22.58
C SER A 684 -4.81 1.89 23.74
N PHE A 685 -4.78 3.20 23.94
CA PHE A 685 -4.00 3.80 25.00
C PHE A 685 -4.88 4.66 25.90
N GLU A 686 -4.58 4.63 27.20
CA GLU A 686 -5.23 5.38 28.26
C GLU A 686 -4.23 6.30 28.92
N SER A 687 -4.69 7.48 29.32
CA SER A 687 -3.83 8.43 30.01
C SER A 687 -3.54 7.97 31.43
N ALA A 688 -2.31 8.23 31.88
CA ALA A 688 -1.94 8.01 33.27
C ALA A 688 -1.01 9.14 33.70
N SER A 689 -1.31 9.73 34.85
CA SER A 689 -0.53 10.86 35.36
C SER A 689 0.97 10.57 35.32
N LYS A 690 1.71 11.44 34.63
CA LYS A 690 3.16 11.27 34.58
C LYS A 690 3.77 11.41 35.97
N LYS A 691 3.21 12.27 36.81
CA LYS A 691 3.76 12.48 38.15
C LYS A 691 3.58 11.23 39.00
N GLU A 692 2.37 10.71 39.09
CA GLU A 692 2.17 9.50 39.89
C GLU A 692 3.04 8.35 39.39
N VAL A 693 3.09 8.12 38.08
CA VAL A 693 3.92 7.02 37.55
C VAL A 693 5.38 7.22 37.94
N ASP A 694 5.90 8.42 37.74
CA ASP A 694 7.30 8.68 38.08
C ASP A 694 7.54 8.52 39.59
N LYS A 695 6.55 8.83 40.42
CA LYS A 695 6.70 8.58 41.85
C LYS A 695 6.84 7.09 42.14
N LEU A 696 6.00 6.26 41.50
CA LEU A 696 6.12 4.81 41.65
C LEU A 696 7.53 4.35 41.36
N VAL A 697 8.16 4.91 40.32
CA VAL A 697 9.49 4.45 39.91
C VAL A 697 10.52 4.86 40.95
N GLU A 698 10.44 6.10 41.42
CA GLU A 698 11.32 6.57 42.48
C GLU A 698 11.16 5.74 43.75
N GLU A 699 9.90 5.45 44.15
CA GLU A 699 9.62 4.63 45.32
C GLU A 699 9.99 3.16 45.14
N GLY A 700 10.42 2.73 43.96
CA GLY A 700 10.75 1.34 43.75
C GLY A 700 9.57 0.41 43.58
N LYS A 701 8.36 0.94 43.44
CA LYS A 701 7.21 0.06 43.22
C LYS A 701 7.07 -0.31 41.75
N LEU A 702 7.69 0.47 40.88
CA LEU A 702 7.61 0.27 39.44
C LEU A 702 9.01 0.35 38.87
N TYR A 703 9.31 -0.50 37.91
CA TYR A 703 10.56 -0.45 37.16
C TYR A 703 10.26 -0.09 35.71
N MET A 704 11.00 0.88 35.18
CA MET A 704 10.72 1.43 33.86
C MET A 704 11.97 1.39 32.98
N PHE A 705 11.81 0.90 31.76
CA PHE A 705 12.89 0.88 30.78
C PHE A 705 12.41 1.56 29.50
N GLN A 706 13.23 2.43 28.94
CA GLN A 706 12.91 2.90 27.61
C GLN A 706 13.20 1.79 26.63
N ILE A 707 12.23 1.52 25.76
CA ILE A 707 12.39 0.52 24.72
C ILE A 707 13.14 1.17 23.57
N TYR A 708 14.41 0.81 23.38
CA TYR A 708 15.28 1.65 22.57
C TYR A 708 15.99 0.88 21.47
N ASN A 709 16.13 1.54 20.32
CA ASN A 709 17.19 1.30 19.35
C ASN A 709 17.59 2.68 18.85
N LYS A 710 18.62 2.73 17.98
CA LYS A 710 19.19 4.05 17.66
C LYS A 710 18.20 4.92 16.88
N ASP A 711 17.17 4.33 16.28
CA ASP A 711 16.15 5.12 15.60
C ASP A 711 15.35 6.01 16.56
N PHE A 712 15.38 5.74 17.86
CA PHE A 712 14.69 6.56 18.84
C PHE A 712 15.58 7.62 19.44
N SER A 713 16.81 7.74 18.95
CA SER A 713 17.68 8.75 19.49
C SER A 713 17.22 10.12 19.04
N ASP A 714 17.43 11.12 19.89
CA ASP A 714 17.10 12.50 19.50
C ASP A 714 17.98 12.99 18.37
N LYS A 715 19.04 12.26 18.03
CA LYS A 715 19.93 12.64 16.96
C LYS A 715 19.67 11.86 15.70
N SER A 716 18.77 10.89 15.73
CA SER A 716 18.49 10.08 14.56
C SER A 716 17.63 10.88 13.57
N HIS A 717 17.94 10.76 12.28
CA HIS A 717 17.28 11.57 11.27
C HIS A 717 17.17 10.89 9.90
N GLY A 718 17.68 9.68 9.73
CA GLY A 718 17.62 8.98 8.46
C GLY A 718 16.49 7.97 8.42
N THR A 719 16.49 7.15 7.38
CA THR A 719 15.46 6.13 7.27
C THR A 719 15.58 5.13 8.41
N PRO A 720 14.47 4.77 9.07
CA PRO A 720 14.54 3.86 10.22
C PRO A 720 14.68 2.41 9.78
N ASN A 721 15.16 1.59 10.71
CA ASN A 721 15.13 0.14 10.53
C ASN A 721 13.71 -0.32 10.23
N LEU A 722 13.59 -1.32 9.35
CA LEU A 722 12.30 -1.95 9.10
C LEU A 722 11.65 -2.39 10.41
N HIS A 723 12.43 -2.93 11.33
CA HIS A 723 11.89 -3.42 12.59
C HIS A 723 11.39 -2.30 13.48
N THR A 724 12.04 -1.13 13.42
CA THR A 724 11.49 0.05 14.10
C THR A 724 10.12 0.41 13.54
N MET A 725 9.94 0.31 12.21
CA MET A 725 8.64 0.62 11.63
C MET A 725 7.60 -0.38 12.10
N TYR A 726 7.96 -1.67 12.08
CA TYR A 726 7.04 -2.69 12.58
C TYR A 726 6.61 -2.36 14.00
N PHE A 727 7.55 -2.02 14.87
CA PHE A 727 7.21 -1.73 16.25
C PHE A 727 6.20 -0.58 16.34
N LYS A 728 6.50 0.56 15.70
CA LYS A 728 5.56 1.68 15.77
C LYS A 728 4.20 1.32 15.19
N LEU A 729 4.18 0.54 14.10
CA LEU A 729 2.93 0.16 13.47
C LEU A 729 2.02 -0.65 14.39
N LEU A 730 2.58 -1.32 15.41
CA LEU A 730 1.76 -2.07 16.35
C LEU A 730 0.72 -1.18 17.02
N PHE A 731 1.03 0.10 17.22
CA PHE A 731 0.25 1.04 18.01
C PHE A 731 -0.36 2.13 17.16
N ASP A 732 -0.33 1.96 15.84
CA ASP A 732 -0.79 2.94 14.86
C ASP A 732 -2.21 2.59 14.46
N GLU A 733 -3.11 3.56 14.53
CA GLU A 733 -4.50 3.20 14.23
C GLU A 733 -4.74 2.87 12.77
N ASN A 734 -3.76 3.11 11.89
CA ASN A 734 -3.91 2.67 10.51
C ASN A 734 -3.59 1.20 10.33
N ASN A 735 -3.11 0.53 11.37
CA ASN A 735 -2.85 -0.90 11.37
C ASN A 735 -4.11 -1.59 11.85
N HIS A 736 -4.81 -2.26 10.94
CA HIS A 736 -6.08 -2.90 11.30
C HIS A 736 -5.89 -4.39 11.52
N GLY A 737 -4.92 -4.73 12.34
CA GLY A 737 -4.65 -6.13 12.60
C GLY A 737 -3.70 -6.80 11.64
N GLN A 738 -3.18 -6.10 10.62
CA GLN A 738 -2.19 -6.73 9.77
C GLN A 738 -0.99 -7.18 10.58
N ILE A 739 -0.64 -6.43 11.64
CA ILE A 739 0.44 -6.81 12.54
C ILE A 739 -0.02 -6.66 13.98
N ARG A 740 -0.06 -7.77 14.72
CA ARG A 740 -0.50 -7.78 16.10
C ARG A 740 0.70 -7.91 17.01
N LEU A 741 0.62 -7.28 18.16
CA LEU A 741 1.60 -7.46 19.22
C LEU A 741 1.30 -8.79 19.91
N SER A 742 2.30 -9.66 19.99
CA SER A 742 2.07 -10.97 20.59
C SER A 742 2.58 -11.00 22.02
N GLY A 743 2.07 -11.97 22.79
CA GLY A 743 2.63 -12.29 24.08
C GLY A 743 3.91 -13.10 23.94
N GLY A 744 4.40 -13.58 25.08
CA GLY A 744 5.67 -14.29 25.06
C GLY A 744 6.90 -13.41 25.00
N ALA A 745 6.81 -12.12 25.30
CA ALA A 745 8.00 -11.28 25.23
C ALA A 745 8.99 -11.69 26.31
N GLU A 746 10.28 -11.43 26.10
CA GLU A 746 11.27 -11.79 27.12
C GLU A 746 12.28 -10.68 27.32
N LEU A 747 12.79 -10.61 28.54
CA LEU A 747 13.74 -9.61 28.96
C LEU A 747 15.01 -10.28 29.46
N PHE A 748 16.17 -9.83 28.98
CA PHE A 748 17.45 -10.45 29.30
C PHE A 748 18.45 -9.43 29.76
N MET A 749 19.41 -9.90 30.56
CA MET A 749 20.57 -9.12 30.96
C MET A 749 21.81 -9.71 30.29
N ARG A 750 22.50 -8.90 29.51
CA ARG A 750 23.77 -9.31 28.89
C ARG A 750 24.89 -8.51 29.54
N ARG A 751 25.59 -9.12 30.50
CA ARG A 751 26.73 -8.48 31.13
C ARG A 751 27.76 -8.05 30.09
N ALA A 752 28.41 -6.94 30.37
CA ALA A 752 29.53 -6.47 29.57
C ALA A 752 30.57 -7.57 29.37
N SER A 753 31.09 -7.68 28.16
CA SER A 753 32.16 -8.61 27.84
C SER A 753 33.46 -7.91 27.51
N LEU A 754 33.49 -6.58 27.56
CA LEU A 754 34.70 -5.81 27.35
C LEU A 754 34.83 -4.77 28.46
N LYS A 755 36.06 -4.43 28.79
CA LYS A 755 36.32 -3.35 29.73
C LYS A 755 36.58 -2.08 28.94
N LYS A 756 36.05 -0.96 29.45
CA LYS A 756 36.13 0.31 28.73
C LYS A 756 37.58 0.68 28.42
N GLU A 757 38.49 0.38 29.35
CA GLU A 757 39.89 0.78 29.19
C GLU A 757 40.54 0.07 28.02
N GLU A 758 40.03 -1.10 27.65
CA GLU A 758 40.62 -1.91 26.60
C GLU A 758 39.93 -1.71 25.26
N LEU A 759 39.08 -0.69 25.13
CA LEU A 759 38.42 -0.40 23.87
C LEU A 759 39.29 0.51 23.02
N VAL A 760 39.42 0.18 21.74
CA VAL A 760 40.04 1.11 20.80
C VAL A 760 39.23 2.39 20.78
N VAL A 761 39.89 3.52 21.04
CA VAL A 761 39.26 4.82 21.12
C VAL A 761 39.73 5.67 19.96
N HIS A 762 38.84 6.55 19.49
CA HIS A 762 39.23 7.63 18.60
C HIS A 762 38.97 8.94 19.31
N PRO A 763 40.03 9.60 19.80
CA PRO A 763 39.84 10.79 20.63
C PRO A 763 39.09 11.89 19.90
N ALA A 764 38.29 12.63 20.67
CA ALA A 764 37.65 13.82 20.14
C ALA A 764 38.69 14.75 19.52
N ASN A 765 38.30 15.40 18.42
CA ASN A 765 39.05 16.46 17.76
C ASN A 765 40.32 15.98 17.08
N SER A 766 40.55 14.69 16.99
CA SER A 766 41.62 14.15 16.17
C SER A 766 41.04 13.47 14.95
N PRO A 767 41.53 13.78 13.76
CA PRO A 767 40.93 13.22 12.54
C PRO A 767 40.97 11.70 12.51
N ILE A 768 39.90 11.12 11.98
CA ILE A 768 39.79 9.69 11.78
C ILE A 768 39.84 9.43 10.28
N ALA A 769 40.55 8.39 9.89
CA ALA A 769 40.63 8.06 8.47
C ALA A 769 39.33 7.45 8.00
N ASN A 770 38.87 7.91 6.84
CA ASN A 770 37.76 7.25 6.17
C ASN A 770 38.29 6.15 5.25
N LYS A 771 37.51 5.09 5.10
CA LYS A 771 38.00 3.89 4.43
C LYS A 771 37.54 3.76 2.99
N ASN A 772 36.41 4.32 2.62
CA ASN A 772 35.92 4.12 1.26
C ASN A 772 36.74 4.94 0.29
N PRO A 773 37.54 4.33 -0.59
CA PRO A 773 38.41 5.13 -1.47
C PRO A 773 37.64 6.06 -2.38
N ASP A 774 36.39 5.73 -2.72
CA ASP A 774 35.58 6.59 -3.58
C ASP A 774 34.96 7.78 -2.85
N ASN A 775 34.98 7.77 -1.52
CA ASN A 775 34.55 8.91 -0.74
C ASN A 775 35.62 9.98 -0.83
N PRO A 776 35.32 11.17 -1.36
CA PRO A 776 36.38 12.18 -1.52
C PRO A 776 36.71 12.92 -0.22
N LYS A 777 35.84 12.85 0.79
CA LYS A 777 36.16 13.35 2.12
C LYS A 777 36.99 12.28 2.81
N LYS A 778 38.30 12.49 2.87
CA LYS A 778 39.25 11.46 3.32
C LYS A 778 39.18 11.25 4.81
N THR A 779 38.60 12.20 5.54
CA THR A 779 38.77 12.29 6.97
C THR A 779 37.47 12.80 7.59
N THR A 780 37.20 12.34 8.80
CA THR A 780 36.13 12.85 9.62
C THR A 780 36.71 13.21 10.97
N THR A 781 36.32 14.37 11.49
CA THR A 781 36.77 14.84 12.79
C THR A 781 35.52 15.15 13.61
N LEU A 782 35.42 14.55 14.79
CA LEU A 782 34.27 14.71 15.66
C LEU A 782 34.69 15.41 16.95
N SER A 783 33.72 16.02 17.60
CA SER A 783 33.95 16.70 18.87
C SER A 783 33.78 15.76 20.05
N TYR A 784 33.66 14.46 19.81
CA TYR A 784 33.45 13.49 20.89
C TYR A 784 34.25 12.24 20.58
N ASP A 785 34.49 11.44 21.62
CA ASP A 785 35.16 10.16 21.43
C ASP A 785 34.21 9.14 20.82
N VAL A 786 34.77 8.22 20.05
CA VAL A 786 34.05 7.06 19.60
C VAL A 786 34.89 5.85 19.93
N TYR A 787 34.23 4.74 20.23
CA TYR A 787 34.86 3.54 20.78
C TYR A 787 34.38 2.34 19.99
N LYS A 788 35.30 1.46 19.62
CA LYS A 788 34.92 0.21 18.96
C LYS A 788 34.14 -0.66 19.92
N ASP A 789 33.02 -1.22 19.45
CA ASP A 789 32.27 -2.20 20.23
C ASP A 789 31.79 -1.66 21.58
N LYS A 790 31.58 -0.34 21.66
CA LYS A 790 31.15 0.27 22.92
C LYS A 790 30.02 -0.51 23.59
N ARG A 791 29.04 -0.98 22.80
CA ARG A 791 27.85 -1.64 23.36
C ARG A 791 28.17 -2.88 24.17
N PHE A 792 29.34 -3.49 23.97
CA PHE A 792 29.71 -4.66 24.76
C PHE A 792 30.49 -4.30 25.99
N SER A 793 30.72 -3.02 26.24
CA SER A 793 31.51 -2.57 27.38
C SER A 793 30.65 -2.16 28.57
N GLU A 794 29.33 -2.23 28.46
CA GLU A 794 28.44 -2.01 29.59
C GLU A 794 27.41 -3.12 29.62
N ASP A 795 26.95 -3.46 30.81
CA ASP A 795 25.81 -4.33 30.96
C ASP A 795 24.63 -3.78 30.15
N GLN A 796 23.89 -4.67 29.49
CA GLN A 796 22.83 -4.20 28.61
C GLN A 796 21.63 -5.12 28.72
N TYR A 797 20.48 -4.54 29.09
CA TYR A 797 19.22 -5.27 29.03
C TYR A 797 18.75 -5.31 27.59
N GLU A 798 18.18 -6.44 27.17
CA GLU A 798 17.55 -6.51 25.86
C GLU A 798 16.18 -7.13 26.00
N LEU A 799 15.25 -6.61 25.20
CA LEU A 799 13.83 -6.94 25.27
C LEU A 799 13.47 -7.55 23.93
N HIS A 800 12.96 -8.77 23.93
CA HIS A 800 12.56 -9.45 22.71
C HIS A 800 11.03 -9.46 22.65
N ILE A 801 10.49 -8.99 21.54
CA ILE A 801 9.04 -8.81 21.42
C ILE A 801 8.54 -9.59 20.21
N PRO A 802 7.72 -10.61 20.40
CA PRO A 802 7.12 -11.29 19.25
C PRO A 802 5.91 -10.52 18.71
N ILE A 803 5.75 -10.61 17.38
CA ILE A 803 4.66 -10.01 16.63
C ILE A 803 4.06 -11.06 15.68
N ALA A 804 2.82 -10.85 15.29
CA ALA A 804 2.14 -11.80 14.42
C ALA A 804 1.64 -11.04 13.21
N ILE A 805 2.09 -11.44 12.05
CA ILE A 805 1.75 -10.78 10.79
C ILE A 805 0.69 -11.63 10.10
N ASN A 806 -0.32 -10.96 9.52
CA ASN A 806 -1.39 -11.66 8.78
C ASN A 806 -2.03 -12.77 9.61
N LYS A 807 -2.31 -12.46 10.89
CA LYS A 807 -2.92 -13.44 11.78
C LYS A 807 -4.24 -14.01 11.21
N CYS A 808 -5.02 -13.21 10.50
CA CYS A 808 -6.28 -13.69 9.92
C CYS A 808 -6.24 -13.52 8.41
N PRO A 809 -5.58 -14.43 7.69
CA PRO A 809 -5.38 -14.21 6.25
C PRO A 809 -6.68 -14.43 5.49
N LYS A 810 -6.98 -13.50 4.58
CA LYS A 810 -8.17 -13.60 3.74
C LYS A 810 -7.89 -14.10 2.34
N ASN A 811 -6.66 -13.99 1.88
CA ASN A 811 -6.33 -14.16 0.47
C ASN A 811 -5.68 -15.53 0.30
N ILE A 812 -6.51 -16.56 0.46
CA ILE A 812 -6.09 -17.94 0.58
C ILE A 812 -6.28 -18.64 -0.75
N PHE A 813 -5.23 -19.33 -1.21
CA PHE A 813 -5.25 -20.06 -2.48
C PHE A 813 -3.90 -20.74 -2.61
N LYS A 814 -3.76 -21.58 -3.64
CA LYS A 814 -2.50 -22.25 -3.91
C LYS A 814 -1.56 -21.24 -4.60
N ILE A 815 -0.49 -20.86 -3.92
CA ILE A 815 0.39 -19.82 -4.45
C ILE A 815 1.09 -20.30 -5.72
N ASN A 816 1.61 -21.53 -5.71
CA ASN A 816 2.24 -22.09 -6.90
C ASN A 816 1.28 -22.09 -8.09
N THR A 817 0.06 -22.56 -7.88
CA THR A 817 -0.92 -22.59 -8.96
C THR A 817 -1.11 -21.20 -9.53
N GLU A 818 -1.31 -20.21 -8.67
CA GLU A 818 -1.61 -18.86 -9.15
C GLU A 818 -0.44 -18.28 -9.93
N VAL A 819 0.79 -18.56 -9.51
CA VAL A 819 1.94 -18.12 -10.29
C VAL A 819 1.86 -18.67 -11.70
N ARG A 820 1.54 -19.95 -11.84
CA ARG A 820 1.45 -20.54 -13.17
C ARG A 820 0.34 -19.90 -13.98
N VAL A 821 -0.78 -19.55 -13.33
CA VAL A 821 -1.89 -18.93 -14.04
C VAL A 821 -1.47 -17.56 -14.57
N LEU A 822 -0.66 -16.84 -13.79
CA LEU A 822 -0.21 -15.51 -14.20
C LEU A 822 0.81 -15.61 -15.33
N LEU A 823 1.78 -16.51 -15.19
CA LEU A 823 2.78 -16.64 -16.25
C LEU A 823 2.13 -17.07 -17.55
N LYS A 824 1.21 -18.03 -17.50
CA LYS A 824 0.48 -18.45 -18.69
C LYS A 824 -0.16 -17.27 -19.39
N HIS A 825 -0.80 -16.40 -18.63
CA HIS A 825 -1.55 -15.30 -19.23
C HIS A 825 -0.71 -14.05 -19.42
N ASP A 826 0.54 -14.05 -18.94
CA ASP A 826 1.39 -12.89 -19.11
C ASP A 826 2.01 -12.87 -20.50
N ASP A 827 2.11 -11.67 -21.06
CA ASP A 827 2.51 -11.49 -22.45
C ASP A 827 4.03 -11.48 -22.58
N ASN A 828 4.72 -11.00 -21.58
CA ASN A 828 6.15 -10.78 -21.61
C ASN A 828 6.74 -11.03 -20.23
N PRO A 829 6.60 -12.24 -19.70
CA PRO A 829 7.12 -12.52 -18.35
C PRO A 829 8.64 -12.45 -18.32
N TYR A 830 9.16 -11.76 -17.31
CA TYR A 830 10.59 -11.61 -17.06
C TYR A 830 11.08 -12.66 -16.08
N VAL A 831 12.33 -13.08 -16.26
CA VAL A 831 12.93 -14.14 -15.47
C VAL A 831 14.30 -13.68 -14.99
N ILE A 832 14.55 -13.84 -13.70
CA ILE A 832 15.84 -13.55 -13.10
C ILE A 832 16.57 -14.88 -12.94
N GLY A 833 17.57 -15.11 -13.79
CA GLY A 833 18.40 -16.29 -13.67
C GLY A 833 19.56 -16.02 -12.76
N ILE A 834 19.81 -16.95 -11.84
CA ILE A 834 20.81 -16.78 -10.79
C ILE A 834 21.64 -18.04 -10.69
N ASP A 835 22.94 -17.90 -10.87
CA ASP A 835 23.85 -19.03 -11.01
C ASP A 835 24.82 -19.04 -9.84
N ARG A 836 25.00 -20.21 -9.23
CA ARG A 836 25.98 -20.33 -8.17
C ARG A 836 27.37 -20.54 -8.77
N GLY A 837 28.37 -20.28 -7.97
CA GLY A 837 29.72 -20.55 -8.42
C GLY A 837 30.68 -20.26 -7.29
N GLU A 838 31.96 -20.35 -7.61
CA GLU A 838 33.00 -19.95 -6.69
C GLU A 838 34.08 -19.15 -7.40
N ARG A 839 33.96 -18.98 -8.71
CA ARG A 839 34.59 -17.85 -9.40
C ARG A 839 33.73 -16.59 -9.27
N ASN A 840 32.43 -16.73 -9.44
CA ASN A 840 31.47 -15.73 -9.02
C ASN A 840 30.55 -16.40 -8.02
N LEU A 841 30.56 -15.91 -6.79
CA LEU A 841 29.61 -16.38 -5.79
C LEU A 841 28.22 -16.49 -6.37
N LEU A 842 27.78 -15.42 -7.01
CA LEU A 842 26.47 -15.34 -7.59
C LEU A 842 26.57 -14.54 -8.87
N TYR A 843 25.86 -14.97 -9.90
CA TYR A 843 25.83 -14.22 -11.13
C TYR A 843 24.39 -14.13 -11.56
N ILE A 844 24.03 -12.98 -12.11
CA ILE A 844 22.64 -12.60 -12.36
C ILE A 844 22.50 -12.33 -13.83
N VAL A 845 21.44 -12.88 -14.42
CA VAL A 845 21.04 -12.51 -15.76
C VAL A 845 19.51 -12.39 -15.77
N VAL A 846 19.01 -11.25 -16.24
CA VAL A 846 17.58 -11.02 -16.36
C VAL A 846 17.21 -11.11 -17.82
N VAL A 847 16.16 -11.86 -18.14
CA VAL A 847 15.67 -11.95 -19.51
C VAL A 847 14.20 -11.57 -19.53
N ASP A 848 13.74 -11.13 -20.71
CA ASP A 848 12.34 -10.84 -20.95
C ASP A 848 11.63 -12.09 -21.52
N GLY A 849 10.38 -11.92 -21.94
CA GLY A 849 9.58 -13.06 -22.34
C GLY A 849 10.08 -13.76 -23.57
N LYS A 850 10.92 -13.10 -24.36
CA LYS A 850 11.55 -13.68 -25.54
C LYS A 850 12.99 -14.12 -25.27
N GLY A 851 13.46 -14.05 -24.04
CA GLY A 851 14.81 -14.49 -23.75
C GLY A 851 15.93 -13.52 -24.11
N ASN A 852 15.60 -12.29 -24.51
CA ASN A 852 16.62 -11.26 -24.63
C ASN A 852 17.21 -10.95 -23.27
N ILE A 853 18.53 -10.80 -23.22
CA ILE A 853 19.20 -10.40 -21.99
C ILE A 853 18.90 -8.93 -21.72
N VAL A 854 18.42 -8.65 -20.52
CA VAL A 854 18.12 -7.29 -20.12
C VAL A 854 19.22 -6.75 -19.22
N GLU A 855 19.68 -7.57 -18.29
CA GLU A 855 20.81 -7.23 -17.45
C GLU A 855 21.64 -8.49 -17.24
N GLN A 856 22.94 -8.30 -17.04
CA GLN A 856 23.79 -9.39 -16.60
C GLN A 856 24.93 -8.82 -15.76
N TYR A 857 25.18 -9.40 -14.60
CA TYR A 857 26.37 -8.98 -13.85
C TYR A 857 26.64 -9.97 -12.74
N SER A 858 27.87 -9.90 -12.25
CA SER A 858 28.32 -10.67 -11.11
C SER A 858 27.98 -9.95 -9.82
N LEU A 859 27.73 -10.72 -8.77
CA LEU A 859 27.54 -10.19 -7.43
C LEU A 859 28.72 -10.45 -6.52
N ASN A 860 29.92 -10.69 -7.08
CA ASN A 860 31.12 -10.75 -6.26
C ASN A 860 31.33 -9.45 -5.51
N GLU A 861 30.95 -8.35 -6.13
CA GLU A 861 31.08 -7.03 -5.55
C GLU A 861 29.70 -6.40 -5.49
N ILE A 862 29.39 -5.77 -4.36
CA ILE A 862 28.13 -5.09 -4.15
C ILE A 862 28.38 -3.61 -4.39
N ILE A 863 27.65 -3.02 -5.32
CA ILE A 863 27.77 -1.61 -5.64
C ILE A 863 26.55 -0.85 -5.13
N ASN A 864 26.79 0.21 -4.37
CA ASN A 864 25.75 1.05 -3.80
C ASN A 864 26.09 2.50 -4.05
N ASN A 865 25.05 3.33 -4.12
CA ASN A 865 25.20 4.77 -4.35
C ASN A 865 24.61 5.51 -3.18
N PHE A 866 25.40 6.40 -2.58
CA PHE A 866 24.89 7.32 -1.60
C PHE A 866 25.23 8.72 -2.06
N ASN A 867 24.22 9.44 -2.54
CA ASN A 867 24.36 10.84 -2.94
C ASN A 867 25.55 11.02 -3.87
N GLY A 868 25.45 10.37 -5.03
CA GLY A 868 26.48 10.47 -6.05
C GLY A 868 27.79 9.83 -5.67
N ILE A 869 27.92 9.41 -4.42
CA ILE A 869 29.13 8.76 -3.92
C ILE A 869 28.94 7.24 -4.04
N ARG A 870 29.80 6.61 -4.83
CA ARG A 870 29.78 5.17 -4.97
C ARG A 870 30.45 4.51 -3.77
N ILE A 871 29.86 3.43 -3.28
CA ILE A 871 30.60 2.50 -2.43
C ILE A 871 30.54 1.12 -3.08
N LYS A 872 31.70 0.50 -3.20
CA LYS A 872 31.87 -0.79 -3.83
C LYS A 872 32.53 -1.70 -2.81
N THR A 873 31.92 -2.83 -2.52
CA THR A 873 32.44 -3.76 -1.53
C THR A 873 32.73 -5.09 -2.21
N ASP A 874 34.01 -5.48 -2.25
CA ASP A 874 34.41 -6.76 -2.82
C ASP A 874 34.19 -7.85 -1.75
N TYR A 875 32.95 -8.36 -1.68
CA TYR A 875 32.66 -9.39 -0.70
C TYR A 875 33.31 -10.71 -1.06
N HIS A 876 33.45 -11.00 -2.35
CA HIS A 876 34.20 -12.18 -2.74
C HIS A 876 35.60 -12.14 -2.13
N SER A 877 36.26 -10.99 -2.19
CA SER A 877 37.61 -10.90 -1.63
C SER A 877 37.57 -11.00 -0.11
N LEU A 878 36.58 -10.39 0.54
CA LEU A 878 36.49 -10.48 1.99
C LEU A 878 36.28 -11.93 2.44
N LEU A 879 35.36 -12.64 1.78
CA LEU A 879 35.09 -14.01 2.20
C LEU A 879 36.30 -14.89 1.98
N ASP A 880 37.04 -14.64 0.89
CA ASP A 880 38.29 -15.38 0.65
C ASP A 880 39.28 -15.15 1.79
N LYS A 881 39.45 -13.88 2.21
CA LYS A 881 40.41 -13.59 3.26
C LYS A 881 40.02 -14.28 4.57
N LYS A 882 38.75 -14.15 4.97
CA LYS A 882 38.28 -14.82 6.17
C LYS A 882 38.47 -16.34 6.09
N GLU A 883 38.08 -16.95 4.97
CA GLU A 883 38.29 -18.38 4.72
C GLU A 883 39.72 -18.78 5.03
N LYS A 884 40.68 -17.98 4.56
CA LYS A 884 42.07 -18.36 4.68
C LYS A 884 42.59 -18.09 6.09
N GLU A 885 42.07 -17.06 6.75
CA GLU A 885 42.39 -16.87 8.15
C GLU A 885 41.88 -18.03 8.99
N ARG A 886 40.67 -18.51 8.70
CA ARG A 886 40.14 -19.68 9.41
C ARG A 886 40.99 -20.91 9.13
N PHE A 887 41.35 -21.12 7.87
CA PHE A 887 42.15 -22.29 7.50
C PHE A 887 43.50 -22.27 8.23
N GLU A 888 44.18 -21.13 8.18
CA GLU A 888 45.48 -21.01 8.82
C GLU A 888 45.37 -21.05 10.33
N ALA A 889 44.29 -20.49 10.88
CA ALA A 889 44.09 -20.57 12.32
C ALA A 889 43.93 -22.03 12.75
N ARG A 890 43.21 -22.83 11.97
CA ARG A 890 43.06 -24.24 12.31
C ARG A 890 44.42 -24.92 12.31
N GLN A 891 45.28 -24.54 11.37
CA GLN A 891 46.59 -25.16 11.24
C GLN A 891 47.60 -24.64 12.27
N ASN A 892 47.44 -23.41 12.73
CA ASN A 892 48.41 -22.81 13.64
C ASN A 892 47.98 -22.87 15.10
N TRP A 893 46.81 -23.45 15.40
CA TRP A 893 46.25 -23.48 16.76
C TRP A 893 45.94 -22.09 17.31
N THR A 894 45.57 -21.15 16.45
CA THR A 894 45.16 -19.83 16.90
C THR A 894 43.65 -19.67 16.68
N SER A 895 43.13 -18.51 17.07
CA SER A 895 41.69 -18.35 17.20
C SER A 895 41.01 -18.38 15.84
N ILE A 896 39.97 -19.20 15.75
CA ILE A 896 39.22 -19.38 14.51
C ILE A 896 38.10 -18.34 14.49
N GLU A 897 38.19 -17.36 13.59
CA GLU A 897 37.19 -16.30 13.54
C GLU A 897 35.91 -16.77 12.86
N ASN A 898 34.80 -16.13 13.22
CA ASN A 898 33.51 -16.44 12.59
C ASN A 898 33.48 -15.98 11.13
N ILE A 899 32.78 -16.76 10.31
CA ILE A 899 32.46 -16.35 8.95
C ILE A 899 30.96 -16.23 8.69
N LYS A 900 30.09 -16.84 9.50
CA LYS A 900 28.65 -16.81 9.18
C LYS A 900 28.07 -15.40 9.14
N GLU A 901 28.60 -14.45 9.93
CA GLU A 901 28.01 -13.12 9.91
C GLU A 901 28.43 -12.32 8.69
N LEU A 902 29.66 -12.52 8.20
CA LEU A 902 30.06 -11.88 6.97
C LEU A 902 29.25 -12.41 5.79
N LYS A 903 29.06 -13.72 5.70
CA LYS A 903 28.18 -14.27 4.69
C LYS A 903 26.80 -13.66 4.78
N ALA A 904 26.25 -13.58 5.99
CA ALA A 904 24.89 -13.04 6.14
C ALA A 904 24.84 -11.59 5.68
N GLY A 905 25.84 -10.81 6.08
CA GLY A 905 25.94 -9.41 5.62
C GLY A 905 26.00 -9.32 4.10
N TYR A 906 26.77 -10.19 3.47
CA TYR A 906 26.82 -10.23 2.01
C TYR A 906 25.47 -10.61 1.42
N ILE A 907 24.87 -11.69 1.93
CA ILE A 907 23.65 -12.21 1.34
C ILE A 907 22.51 -11.20 1.47
N SER A 908 22.45 -10.46 2.58
CA SER A 908 21.39 -9.47 2.71
C SER A 908 21.52 -8.37 1.66
N GLN A 909 22.75 -8.04 1.23
CA GLN A 909 22.89 -7.13 0.10
C GLN A 909 22.38 -7.79 -1.18
N VAL A 910 22.65 -9.08 -1.35
CA VAL A 910 22.24 -9.77 -2.56
C VAL A 910 20.72 -9.87 -2.62
N VAL A 911 20.10 -10.21 -1.49
CA VAL A 911 18.65 -10.39 -1.43
C VAL A 911 17.94 -9.07 -1.71
N HIS A 912 18.47 -7.98 -1.15
CA HIS A 912 17.88 -6.67 -1.41
C HIS A 912 17.88 -6.35 -2.90
N LYS A 913 18.98 -6.64 -3.59
CA LYS A 913 19.05 -6.36 -5.02
C LYS A 913 18.12 -7.27 -5.81
N ILE A 914 18.01 -8.54 -5.41
CA ILE A 914 17.09 -9.43 -6.12
C ILE A 914 15.66 -8.99 -5.89
N CYS A 915 15.34 -8.52 -4.67
CA CYS A 915 14.00 -8.00 -4.42
C CYS A 915 13.71 -6.78 -5.27
N GLU A 916 14.69 -5.90 -5.45
CA GLU A 916 14.47 -4.75 -6.32
C GLU A 916 14.27 -5.21 -7.76
N LEU A 917 15.02 -6.23 -8.20
CA LEU A 917 14.82 -6.73 -9.57
C LEU A 917 13.45 -7.38 -9.71
N VAL A 918 12.99 -8.09 -8.69
CA VAL A 918 11.66 -8.71 -8.76
C VAL A 918 10.58 -7.65 -8.91
N GLU A 919 10.67 -6.59 -8.09
CA GLU A 919 9.65 -5.54 -8.15
C GLU A 919 9.74 -4.74 -9.44
N LYS A 920 10.95 -4.51 -9.94
CA LYS A 920 11.11 -3.69 -11.14
C LYS A 920 10.54 -4.39 -12.37
N TYR A 921 10.80 -5.67 -12.51
CA TYR A 921 10.49 -6.40 -13.71
C TYR A 921 9.34 -7.36 -13.52
N ASP A 922 8.79 -7.40 -12.32
CA ASP A 922 7.68 -8.29 -12.01
C ASP A 922 8.06 -9.74 -12.29
N ALA A 923 9.31 -10.09 -12.00
CA ALA A 923 9.97 -11.28 -12.52
C ALA A 923 9.89 -12.46 -11.57
N VAL A 924 9.80 -13.66 -12.14
CA VAL A 924 10.05 -14.88 -11.38
C VAL A 924 11.55 -15.15 -11.33
N ILE A 925 11.95 -16.07 -10.48
CA ILE A 925 13.36 -16.37 -10.23
C ILE A 925 13.62 -17.81 -10.63
N ALA A 926 14.72 -18.01 -11.37
CA ALA A 926 15.16 -19.32 -11.84
C ALA A 926 16.45 -19.70 -11.11
N LEU A 927 16.45 -20.89 -10.53
CA LEU A 927 17.62 -21.42 -9.84
C LEU A 927 17.92 -22.84 -10.31
N GLU A 928 19.15 -23.26 -10.05
CA GLU A 928 19.51 -24.64 -10.30
C GLU A 928 18.76 -25.55 -9.33
N ASP A 929 18.11 -26.58 -9.85
CA ASP A 929 17.68 -27.64 -8.95
C ASP A 929 18.93 -28.39 -8.48
N LEU A 930 19.70 -27.76 -7.60
CA LEU A 930 20.70 -28.48 -6.86
C LEU A 930 19.98 -29.37 -5.86
N ASN A 931 20.21 -30.66 -5.96
CA ASN A 931 19.77 -31.50 -4.87
C ASN A 931 20.65 -31.22 -3.64
N SER A 932 20.29 -31.80 -2.51
CA SER A 932 21.10 -31.58 -1.31
C SER A 932 22.42 -32.34 -1.31
N GLY A 933 22.70 -33.14 -2.36
CA GLY A 933 23.95 -33.88 -2.46
C GLY A 933 25.07 -33.13 -3.15
N PHE A 934 24.72 -32.09 -3.91
CA PHE A 934 25.71 -31.17 -4.44
C PHE A 934 25.95 -29.99 -3.49
N LYS A 935 24.90 -29.47 -2.86
CA LYS A 935 25.05 -28.37 -1.92
C LYS A 935 25.91 -28.77 -0.70
N ASN A 936 25.90 -30.05 -0.33
CA ASN A 936 26.67 -30.52 0.82
C ASN A 936 28.14 -30.76 0.49
N SER A 937 28.45 -31.09 -0.77
CA SER A 937 29.84 -31.31 -1.17
C SER A 937 30.59 -29.99 -1.41
N ARG A 938 29.89 -28.88 -1.61
CA ARG A 938 30.53 -27.57 -1.72
C ARG A 938 30.60 -26.84 -0.39
N VAL A 939 30.21 -27.49 0.72
CA VAL A 939 30.35 -26.89 2.04
C VAL A 939 31.81 -26.75 2.43
N LYS A 940 32.67 -27.65 1.92
CA LYS A 940 34.10 -27.58 2.19
C LYS A 940 34.70 -26.24 1.76
N VAL A 941 34.12 -25.61 0.74
CA VAL A 941 34.67 -24.34 0.20
C VAL A 941 33.93 -23.23 0.95
N GLU A 942 34.45 -22.91 2.15
CA GLU A 942 33.76 -22.08 3.14
C GLU A 942 33.35 -20.69 2.64
N LYS A 943 33.55 -20.40 1.35
CA LYS A 943 32.84 -19.30 0.72
C LYS A 943 31.53 -19.75 0.10
N GLN A 944 31.21 -21.06 0.14
CA GLN A 944 29.88 -21.52 -0.22
C GLN A 944 28.85 -20.58 0.42
N VAL A 945 28.05 -19.97 -0.45
CA VAL A 945 27.08 -18.97 -0.03
C VAL A 945 25.67 -19.33 -0.44
N TYR A 946 25.49 -20.40 -1.23
CA TYR A 946 24.23 -20.61 -1.92
C TYR A 946 23.13 -21.16 -1.00
N GLN A 947 23.47 -21.99 -0.01
CA GLN A 947 22.47 -22.43 0.95
C GLN A 947 21.94 -21.25 1.77
N LYS A 948 22.84 -20.41 2.30
CA LYS A 948 22.40 -19.26 3.08
C LYS A 948 21.69 -18.26 2.21
N PHE A 949 22.05 -18.21 0.94
CA PHE A 949 21.36 -17.34 -0.01
C PHE A 949 19.92 -17.78 -0.21
N GLU A 950 19.70 -19.08 -0.42
CA GLU A 950 18.33 -19.58 -0.56
C GLU A 950 17.52 -19.31 0.69
N LYS A 951 18.11 -19.59 1.86
CA LYS A 951 17.42 -19.41 3.13
C LYS A 951 16.97 -17.97 3.31
N MET A 952 17.88 -17.03 3.16
CA MET A 952 17.52 -15.65 3.43
C MET A 952 16.65 -15.09 2.32
N LEU A 953 16.78 -15.62 1.09
CA LEU A 953 15.89 -15.22 0.01
C LEU A 953 14.47 -15.67 0.30
N ILE A 954 14.31 -16.94 0.65
CA ILE A 954 12.94 -17.43 0.86
C ILE A 954 12.32 -16.74 2.07
N ASP A 955 13.12 -16.44 3.10
CA ASP A 955 12.63 -15.70 4.26
C ASP A 955 12.10 -14.35 3.82
N LYS A 956 12.89 -13.60 3.07
CA LYS A 956 12.42 -12.30 2.60
C LYS A 956 11.13 -12.44 1.80
N LEU A 957 11.07 -13.43 0.91
CA LEU A 957 9.93 -13.53 0.01
C LEU A 957 8.68 -14.09 0.70
N ASN A 958 8.81 -14.56 1.94
CA ASN A 958 7.66 -14.91 2.76
C ASN A 958 6.89 -13.66 3.19
N TYR A 959 7.55 -12.51 3.22
CA TYR A 959 6.91 -11.24 3.62
C TYR A 959 7.84 -10.10 3.18
N MET A 960 7.68 -9.69 1.94
CA MET A 960 8.63 -8.81 1.28
C MET A 960 8.08 -7.39 1.28
N VAL A 961 8.81 -6.49 1.91
CA VAL A 961 8.37 -5.14 2.21
C VAL A 961 9.36 -4.14 1.62
N ASP A 962 8.85 -3.06 1.08
CA ASP A 962 9.66 -1.91 0.70
C ASP A 962 9.55 -0.89 1.83
N LYS A 963 10.65 -0.69 2.57
CA LYS A 963 10.65 0.18 3.76
C LYS A 963 10.13 1.57 3.45
N LYS A 964 10.47 2.10 2.26
CA LYS A 964 10.15 3.48 1.91
C LYS A 964 8.71 3.68 1.41
N SER A 965 7.96 2.62 1.11
CA SER A 965 6.57 2.76 0.71
C SER A 965 5.68 3.07 1.91
N ASN A 966 4.55 3.67 1.64
CA ASN A 966 3.43 3.81 2.56
C ASN A 966 3.16 2.46 3.22
N PRO A 967 3.21 2.34 4.55
CA PRO A 967 2.98 1.03 5.18
C PRO A 967 1.65 0.38 4.77
N CYS A 968 0.62 1.17 4.41
CA CYS A 968 -0.69 0.62 4.07
C CYS A 968 -0.86 0.34 2.61
N ALA A 969 0.14 0.59 1.78
CA ALA A 969 0.04 0.27 0.37
C ALA A 969 0.59 -1.12 0.11
N THR A 970 0.08 -1.74 -0.94
CA THR A 970 0.60 -3.00 -1.46
C THR A 970 2.12 -3.01 -1.45
N GLY A 971 2.71 -3.98 -0.76
CA GLY A 971 4.14 -4.04 -0.65
C GLY A 971 4.75 -3.18 0.44
N GLY A 972 3.94 -2.41 1.17
CA GLY A 972 4.42 -1.67 2.32
C GLY A 972 4.41 -2.57 3.55
N ALA A 973 4.83 -1.99 4.68
CA ALA A 973 5.08 -2.79 5.88
C ALA A 973 3.84 -3.56 6.35
N LEU A 974 2.64 -3.05 6.10
CA LEU A 974 1.44 -3.76 6.52
C LEU A 974 0.90 -4.68 5.44
N LYS A 975 1.45 -4.64 4.22
CA LYS A 975 0.94 -5.45 3.12
C LYS A 975 2.09 -6.04 2.34
N GLY A 976 2.98 -6.74 3.03
CA GLY A 976 4.12 -7.33 2.35
C GLY A 976 3.69 -8.39 1.36
N TYR A 977 4.47 -8.53 0.29
CA TYR A 977 4.20 -9.57 -0.70
C TYR A 977 4.64 -10.90 -0.14
N GLN A 978 3.85 -11.93 -0.42
CA GLN A 978 4.17 -13.29 0.01
C GLN A 978 4.21 -14.14 -1.26
N ILE A 979 5.39 -14.23 -1.88
CA ILE A 979 5.53 -14.85 -3.18
C ILE A 979 6.32 -16.15 -3.12
N THR A 980 6.66 -16.63 -1.92
CA THR A 980 7.02 -18.02 -1.70
C THR A 980 6.04 -18.64 -0.70
N ASN A 981 5.90 -19.95 -0.73
CA ASN A 981 5.11 -20.63 0.29
C ASN A 981 5.74 -20.41 1.65
N LYS A 982 4.91 -20.40 2.69
CA LYS A 982 5.43 -20.26 4.04
C LYS A 982 6.56 -21.26 4.27
N PHE A 983 7.68 -20.78 4.81
CA PHE A 983 8.89 -21.59 4.88
C PHE A 983 8.78 -22.54 6.07
N GLU A 984 8.45 -23.80 5.79
CA GLU A 984 8.45 -24.79 6.86
C GLU A 984 9.78 -25.53 6.95
N SER A 985 10.33 -25.94 5.81
CA SER A 985 11.58 -26.70 5.79
C SER A 985 12.06 -26.81 4.35
N PHE A 986 13.37 -26.97 4.19
CA PHE A 986 13.90 -27.28 2.86
C PHE A 986 13.40 -28.62 2.35
N LYS A 987 13.37 -29.64 3.22
CA LYS A 987 12.99 -30.98 2.80
C LYS A 987 11.58 -31.05 2.24
N SER A 988 10.69 -30.17 2.69
CA SER A 988 9.31 -30.23 2.25
C SER A 988 9.06 -29.46 0.96
N MET A 989 10.09 -28.87 0.36
CA MET A 989 9.91 -28.07 -0.85
C MET A 989 9.94 -28.94 -2.09
N SER A 990 9.31 -28.43 -3.15
CA SER A 990 9.36 -29.05 -4.46
C SER A 990 10.19 -28.17 -5.38
N THR A 991 10.13 -28.46 -6.69
CA THR A 991 10.90 -27.68 -7.65
C THR A 991 10.28 -26.31 -7.96
N GLN A 992 9.10 -26.00 -7.44
CA GLN A 992 8.58 -24.64 -7.53
C GLN A 992 8.21 -24.16 -6.13
N ASN A 993 8.64 -22.93 -5.80
CA ASN A 993 8.26 -22.28 -4.53
C ASN A 993 7.75 -20.88 -4.86
N GLY A 994 6.49 -20.81 -5.23
CA GLY A 994 5.91 -19.53 -5.60
C GLY A 994 6.62 -18.98 -6.82
N PHE A 995 7.27 -17.84 -6.67
CA PHE A 995 7.99 -17.21 -7.76
C PHE A 995 9.33 -17.86 -8.05
N ILE A 996 9.78 -18.82 -7.25
CA ILE A 996 11.09 -19.44 -7.41
C ILE A 996 10.90 -20.78 -8.10
N PHE A 997 11.58 -20.96 -9.22
CA PHE A 997 11.55 -22.18 -10.01
C PHE A 997 12.92 -22.85 -9.97
N TYR A 998 12.95 -24.18 -9.79
CA TYR A 998 14.19 -24.95 -9.70
C TYR A 998 14.25 -25.88 -10.91
N ILE A 999 15.22 -25.66 -11.79
CA ILE A 999 15.26 -26.36 -13.08
C ILE A 999 16.57 -27.15 -13.16
N PRO A 1000 16.61 -28.19 -13.98
CA PRO A 1000 17.87 -28.96 -14.17
C PRO A 1000 18.98 -28.09 -14.77
N ALA A 1001 20.17 -28.16 -14.19
CA ALA A 1001 21.28 -27.32 -14.61
C ALA A 1001 22.11 -27.93 -15.74
N TRP A 1002 21.68 -29.06 -16.30
CA TRP A 1002 22.47 -29.79 -17.28
C TRP A 1002 22.79 -28.89 -18.49
N LEU A 1003 24.08 -28.73 -18.76
CA LEU A 1003 24.56 -28.00 -19.94
C LEU A 1003 23.98 -26.60 -20.03
N THR A 1004 24.01 -25.88 -18.92
CA THR A 1004 23.64 -24.47 -18.92
C THR A 1004 24.86 -23.55 -19.03
N SER A 1005 26.02 -24.01 -18.59
CA SER A 1005 27.28 -23.27 -18.69
C SER A 1005 28.08 -23.69 -19.92
N LYS A 1006 28.29 -25.00 -20.08
CA LYS A 1006 29.14 -25.54 -21.14
C LYS A 1006 28.34 -25.72 -22.44
N ILE A 1007 27.86 -24.60 -22.99
CA ILE A 1007 26.99 -24.59 -24.16
C ILE A 1007 27.22 -23.29 -24.91
N ASP A 1008 27.28 -23.39 -26.23
CA ASP A 1008 27.45 -22.20 -27.05
C ASP A 1008 26.11 -21.50 -27.14
N PRO A 1009 25.97 -20.32 -26.51
CA PRO A 1009 24.66 -19.65 -26.51
C PRO A 1009 24.20 -19.22 -27.89
N SER A 1010 25.14 -18.97 -28.82
CA SER A 1010 24.75 -18.48 -30.14
C SER A 1010 24.26 -19.57 -31.07
N THR A 1011 24.55 -20.84 -30.77
CA THR A 1011 24.14 -21.97 -31.62
C THR A 1011 23.51 -23.11 -30.85
N GLY A 1012 23.56 -23.12 -29.52
CA GLY A 1012 23.12 -24.29 -28.80
C GLY A 1012 24.07 -25.46 -28.81
N PHE A 1013 25.26 -25.32 -29.40
CA PHE A 1013 26.14 -26.47 -29.54
C PHE A 1013 26.71 -26.90 -28.19
N VAL A 1014 26.85 -28.22 -28.01
CA VAL A 1014 27.42 -28.79 -26.81
C VAL A 1014 28.32 -29.97 -27.17
N ASN A 1015 29.30 -30.24 -26.32
CA ASN A 1015 30.22 -31.35 -26.50
C ASN A 1015 29.61 -32.61 -25.91
N LEU A 1016 29.15 -33.51 -26.77
CA LEU A 1016 28.70 -34.82 -26.32
C LEU A 1016 29.75 -35.91 -26.53
N LEU A 1017 30.93 -35.58 -27.02
CA LEU A 1017 31.95 -36.59 -27.30
C LEU A 1017 32.75 -36.92 -26.05
N LYS A 1018 33.22 -38.16 -26.00
CA LYS A 1018 34.14 -38.59 -24.97
C LYS A 1018 35.53 -38.62 -25.59
N THR A 1019 36.44 -37.79 -25.08
CA THR A 1019 37.74 -37.64 -25.71
C THR A 1019 38.88 -38.09 -24.80
N LYS A 1020 38.58 -38.77 -23.70
CA LYS A 1020 39.62 -39.38 -22.88
C LYS A 1020 40.31 -40.48 -23.68
N TYR A 1021 41.63 -40.43 -23.74
CA TYR A 1021 42.37 -41.51 -24.39
C TYR A 1021 42.19 -42.81 -23.61
N THR A 1022 41.81 -43.88 -24.31
CA THR A 1022 41.69 -45.20 -23.70
C THR A 1022 42.58 -46.24 -24.36
N SER A 1023 42.75 -46.19 -25.67
CA SER A 1023 43.61 -47.12 -26.37
C SER A 1023 43.83 -46.60 -27.78
N ILE A 1024 44.79 -47.24 -28.47
CA ILE A 1024 45.03 -46.95 -29.87
C ILE A 1024 43.82 -47.34 -30.71
N ALA A 1025 43.29 -48.53 -30.47
CA ALA A 1025 42.15 -48.99 -31.26
C ALA A 1025 40.93 -48.13 -31.00
N ASP A 1026 40.73 -47.71 -29.76
CA ASP A 1026 39.60 -46.84 -29.46
C ASP A 1026 39.74 -45.47 -30.13
N SER A 1027 40.98 -44.99 -30.30
CA SER A 1027 41.16 -43.69 -30.93
C SER A 1027 40.96 -43.77 -32.43
N LYS A 1028 41.37 -44.86 -33.05
CA LYS A 1028 41.12 -45.03 -34.48
C LYS A 1028 39.63 -44.98 -34.79
N LYS A 1029 38.82 -45.73 -34.03
CA LYS A 1029 37.38 -45.74 -34.28
C LYS A 1029 36.79 -44.35 -34.06
N PHE A 1030 37.32 -43.60 -33.09
CA PHE A 1030 36.92 -42.20 -32.88
C PHE A 1030 37.18 -41.38 -34.14
N ILE A 1031 38.43 -41.41 -34.64
CA ILE A 1031 38.79 -40.64 -35.83
C ILE A 1031 37.92 -41.02 -37.02
N SER A 1032 37.74 -42.32 -37.25
CA SER A 1032 36.94 -42.78 -38.39
C SER A 1032 35.48 -42.37 -38.27
N SER A 1033 34.98 -42.16 -37.04
CA SER A 1033 33.58 -41.81 -36.87
C SER A 1033 33.24 -40.40 -37.34
N PHE A 1034 34.23 -39.57 -37.64
CA PHE A 1034 33.95 -38.29 -38.26
C PHE A 1034 33.65 -38.49 -39.75
N ASP A 1035 32.83 -37.59 -40.30
CA ASP A 1035 32.60 -37.64 -41.75
C ASP A 1035 33.79 -37.11 -42.54
N ARG A 1036 34.59 -36.21 -41.96
CA ARG A 1036 35.76 -35.65 -42.62
C ARG A 1036 36.62 -34.91 -41.60
N ILE A 1037 37.93 -34.92 -41.83
CA ILE A 1037 38.89 -34.08 -41.12
C ILE A 1037 39.84 -33.50 -42.15
N MET A 1038 39.87 -32.19 -42.29
CA MET A 1038 40.73 -31.60 -43.32
C MET A 1038 41.26 -30.25 -42.85
N TYR A 1039 42.33 -29.84 -43.50
CA TYR A 1039 42.90 -28.52 -43.32
C TYR A 1039 42.24 -27.57 -44.30
N VAL A 1040 41.97 -26.35 -43.85
CA VAL A 1040 41.25 -25.36 -44.65
C VAL A 1040 42.17 -24.18 -44.92
N PRO A 1041 42.92 -24.20 -46.04
CA PRO A 1041 43.97 -23.19 -46.25
C PRO A 1041 43.48 -21.76 -46.22
N GLU A 1042 42.39 -21.48 -46.93
CA GLU A 1042 41.84 -20.13 -47.03
C GLU A 1042 41.38 -19.56 -45.68
N GLU A 1043 41.31 -20.38 -44.61
CA GLU A 1043 40.99 -19.90 -43.27
C GLU A 1043 42.07 -20.21 -42.24
N ASP A 1044 43.09 -20.99 -42.59
CA ASP A 1044 44.11 -21.48 -41.64
C ASP A 1044 43.47 -22.12 -40.40
N LEU A 1045 42.48 -22.99 -40.64
CA LEU A 1045 41.82 -23.76 -39.59
C LEU A 1045 41.74 -25.21 -40.03
N PHE A 1046 41.61 -26.10 -39.06
CA PHE A 1046 41.26 -27.50 -39.31
C PHE A 1046 39.76 -27.67 -39.08
N GLU A 1047 39.09 -28.35 -40.02
CA GLU A 1047 37.66 -28.59 -39.92
C GLU A 1047 37.37 -30.07 -39.70
N PHE A 1048 36.55 -30.35 -38.70
CA PHE A 1048 36.14 -31.71 -38.34
C PHE A 1048 34.64 -31.81 -38.53
N ALA A 1049 34.19 -32.32 -39.68
CA ALA A 1049 32.78 -32.57 -39.91
C ALA A 1049 32.32 -33.80 -39.14
N LEU A 1050 31.20 -33.69 -38.42
CA LEU A 1050 30.65 -34.87 -37.77
C LEU A 1050 29.12 -34.82 -37.75
N ASP A 1051 28.54 -36.01 -37.85
CA ASP A 1051 27.15 -36.27 -37.48
C ASP A 1051 27.19 -36.99 -36.14
N TYR A 1052 26.51 -36.40 -35.14
CA TYR A 1052 26.49 -36.99 -33.80
C TYR A 1052 25.89 -38.40 -33.80
N LYS A 1053 25.14 -38.76 -34.85
CA LYS A 1053 24.54 -40.08 -34.95
C LYS A 1053 25.59 -41.19 -35.01
N ASN A 1054 26.85 -40.85 -35.26
CA ASN A 1054 27.92 -41.85 -35.38
C ASN A 1054 28.76 -41.95 -34.12
N PHE A 1055 28.29 -41.41 -32.99
CA PHE A 1055 28.96 -41.51 -31.71
C PHE A 1055 27.93 -41.85 -30.66
N SER A 1056 28.32 -42.64 -29.66
CA SER A 1056 27.35 -43.07 -28.68
C SER A 1056 27.06 -41.96 -27.67
N ARG A 1057 25.89 -42.06 -27.04
CA ARG A 1057 25.43 -41.11 -26.02
C ARG A 1057 25.22 -39.71 -26.58
N THR A 1058 24.54 -39.63 -27.74
CA THR A 1058 24.30 -38.35 -28.39
C THR A 1058 22.84 -38.09 -28.73
N ASP A 1059 21.91 -38.98 -28.35
CA ASP A 1059 20.53 -38.80 -28.79
C ASP A 1059 19.92 -37.49 -28.33
N ALA A 1060 20.51 -36.85 -27.31
CA ALA A 1060 19.97 -35.58 -26.84
C ALA A 1060 20.17 -34.45 -27.84
N ASP A 1061 21.20 -34.52 -28.68
CA ASP A 1061 21.43 -33.45 -29.65
C ASP A 1061 20.29 -33.40 -30.65
N TYR A 1062 20.03 -32.20 -31.18
CA TYR A 1062 18.95 -31.98 -32.14
C TYR A 1062 19.43 -31.73 -33.56
N ILE A 1063 20.50 -30.94 -33.73
CA ILE A 1063 21.01 -30.60 -35.06
C ILE A 1063 21.77 -31.77 -35.67
N LYS A 1064 22.49 -32.52 -34.82
CA LYS A 1064 23.24 -33.71 -35.21
C LYS A 1064 24.49 -33.36 -36.02
N LYS A 1065 24.34 -32.68 -37.15
CA LYS A 1065 25.48 -32.42 -38.01
C LYS A 1065 26.12 -31.08 -37.65
N TRP A 1066 27.42 -31.12 -37.38
CA TRP A 1066 28.20 -29.96 -36.95
C TRP A 1066 29.58 -30.01 -37.56
N LYS A 1067 30.13 -28.85 -37.88
CA LYS A 1067 31.52 -28.74 -38.32
C LYS A 1067 32.32 -28.00 -37.23
N LEU A 1068 33.24 -28.72 -36.60
CA LEU A 1068 34.15 -28.15 -35.61
C LEU A 1068 35.38 -27.55 -36.30
N TYR A 1069 35.91 -26.48 -35.72
CA TYR A 1069 37.10 -25.79 -36.23
C TYR A 1069 38.10 -25.59 -35.10
N SER A 1070 39.40 -25.63 -35.44
CA SER A 1070 40.45 -25.34 -34.48
C SER A 1070 40.62 -23.84 -34.27
N TYR A 1071 39.52 -23.13 -34.00
CA TYR A 1071 39.53 -21.68 -33.92
C TYR A 1071 39.96 -21.19 -32.54
N GLY A 1072 40.97 -20.34 -32.51
CA GLY A 1072 41.40 -19.68 -31.29
C GLY A 1072 42.23 -20.56 -30.37
N ASN A 1073 42.38 -20.06 -29.15
CA ASN A 1073 43.19 -20.66 -28.11
C ASN A 1073 42.34 -21.35 -27.05
N ARG A 1074 43.00 -22.17 -26.24
CA ARG A 1074 42.41 -22.82 -25.08
C ARG A 1074 43.40 -22.79 -23.93
N ILE A 1075 42.89 -23.03 -22.74
CA ILE A 1075 43.72 -23.09 -21.55
C ILE A 1075 43.74 -24.54 -21.06
N ARG A 1076 44.92 -25.16 -21.13
CA ARG A 1076 45.12 -26.53 -20.69
C ARG A 1076 45.49 -26.51 -19.22
N ILE A 1077 44.96 -27.45 -18.46
CA ILE A 1077 45.26 -27.50 -17.03
C ILE A 1077 45.84 -28.83 -16.57
N ASP A 1088 50.38 -27.26 -14.21
CA ASP A 1088 49.45 -26.16 -13.99
C ASP A 1088 48.71 -25.80 -15.27
N TRP A 1089 48.91 -24.59 -15.79
CA TRP A 1089 48.22 -24.16 -16.99
C TRP A 1089 49.19 -23.63 -18.04
N GLU A 1090 48.78 -23.79 -19.31
CA GLU A 1090 49.43 -23.18 -20.46
C GLU A 1090 48.37 -22.79 -21.47
N GLU A 1091 48.65 -21.74 -22.22
CA GLU A 1091 47.80 -21.40 -23.35
C GLU A 1091 48.19 -22.24 -24.55
N VAL A 1092 47.19 -22.76 -25.26
CA VAL A 1092 47.42 -23.59 -26.43
C VAL A 1092 46.68 -22.99 -27.61
N CYS A 1093 47.41 -22.70 -28.68
CA CYS A 1093 46.81 -22.30 -29.95
C CYS A 1093 46.49 -23.56 -30.73
N LEU A 1094 45.20 -23.81 -30.96
CA LEU A 1094 44.75 -25.10 -31.47
C LEU A 1094 45.37 -25.42 -32.82
N THR A 1095 45.17 -24.54 -33.80
CA THR A 1095 45.63 -24.80 -35.16
C THR A 1095 47.11 -25.13 -35.20
N SER A 1096 47.94 -24.27 -34.60
CA SER A 1096 49.38 -24.51 -34.63
C SER A 1096 49.72 -25.78 -33.87
N ALA A 1097 48.99 -26.10 -32.79
CA ALA A 1097 49.26 -27.34 -32.06
C ALA A 1097 48.93 -28.57 -32.89
N TYR A 1098 47.82 -28.52 -33.64
CA TYR A 1098 47.54 -29.60 -34.58
C TYR A 1098 48.67 -29.75 -35.58
N LYS A 1099 49.09 -28.64 -36.19
CA LYS A 1099 50.21 -28.70 -37.13
C LYS A 1099 51.45 -29.30 -36.46
N GLU A 1100 51.72 -28.88 -35.22
CA GLU A 1100 52.88 -29.39 -34.51
C GLU A 1100 52.80 -30.90 -34.32
N LEU A 1101 51.63 -31.40 -33.90
CA LEU A 1101 51.43 -32.83 -33.70
C LEU A 1101 51.59 -33.61 -35.00
N PHE A 1102 50.94 -33.14 -36.06
CA PHE A 1102 51.00 -33.87 -37.32
C PHE A 1102 52.42 -33.86 -37.88
N ASN A 1103 53.14 -32.74 -37.74
CA ASN A 1103 54.51 -32.68 -38.23
C ASN A 1103 55.41 -33.65 -37.46
N LYS A 1104 55.17 -33.79 -36.17
CA LYS A 1104 55.97 -34.71 -35.36
C LYS A 1104 55.94 -36.12 -35.95
N TYR A 1105 54.82 -36.51 -36.55
CA TYR A 1105 54.64 -37.87 -37.05
C TYR A 1105 54.60 -37.94 -38.58
N GLY A 1106 54.97 -36.87 -39.27
CA GLY A 1106 55.09 -36.92 -40.71
C GLY A 1106 53.77 -37.05 -41.43
N ILE A 1107 52.69 -36.56 -40.83
CA ILE A 1107 51.37 -36.64 -41.46
C ILE A 1107 51.20 -35.45 -42.42
N ASN A 1108 50.81 -35.76 -43.66
CA ASN A 1108 50.55 -34.72 -44.66
C ASN A 1108 49.13 -34.18 -44.43
N TYR A 1109 49.03 -33.29 -43.44
CA TYR A 1109 47.72 -32.83 -43.00
C TYR A 1109 47.01 -31.97 -44.05
N GLN A 1110 47.65 -31.67 -45.17
CA GLN A 1110 47.01 -30.92 -46.25
C GLN A 1110 46.40 -31.81 -47.31
N GLN A 1111 46.60 -33.12 -47.20
CA GLN A 1111 46.17 -34.05 -48.23
C GLN A 1111 44.66 -34.32 -48.11
N GLY A 1112 43.89 -33.25 -48.32
CA GLY A 1112 42.44 -33.30 -48.20
C GLY A 1112 41.93 -34.00 -46.97
N ASP A 1113 41.08 -35.02 -47.18
CA ASP A 1113 40.48 -35.77 -46.09
C ASP A 1113 41.55 -36.64 -45.43
N ILE A 1114 41.80 -36.33 -44.16
CA ILE A 1114 43.02 -36.69 -43.44
C ILE A 1114 42.83 -37.94 -42.56
N ARG A 1115 41.60 -38.44 -42.46
CA ARG A 1115 41.24 -39.47 -41.48
C ARG A 1115 41.97 -40.79 -41.72
N ALA A 1116 41.93 -41.29 -42.95
CA ALA A 1116 42.64 -42.54 -43.26
C ALA A 1116 44.11 -42.43 -42.89
N LEU A 1117 44.71 -41.29 -43.20
CA LEU A 1117 46.11 -41.04 -42.84
C LEU A 1117 46.34 -41.18 -41.34
N LEU A 1118 45.50 -40.52 -40.53
CA LEU A 1118 45.68 -40.55 -39.08
C LEU A 1118 45.53 -41.97 -38.52
N CYS A 1119 44.71 -42.80 -39.16
CA CYS A 1119 44.52 -44.15 -38.67
C CYS A 1119 45.67 -45.08 -39.02
N GLU A 1120 46.51 -44.69 -39.98
CA GLU A 1120 47.71 -45.45 -40.32
C GLU A 1120 48.81 -45.34 -39.26
N GLN A 1121 48.67 -44.43 -38.29
CA GLN A 1121 49.69 -44.30 -37.27
C GLN A 1121 49.76 -45.54 -36.39
N SER A 1122 50.93 -45.77 -35.79
CA SER A 1122 51.11 -46.88 -34.87
C SER A 1122 51.56 -46.46 -33.48
N ASP A 1123 51.99 -45.22 -33.29
CA ASP A 1123 52.51 -44.78 -31.99
C ASP A 1123 51.37 -44.34 -31.08
N LYS A 1124 51.32 -44.94 -29.89
CA LYS A 1124 50.25 -44.60 -28.94
C LYS A 1124 50.30 -43.14 -28.53
N ALA A 1125 51.50 -42.53 -28.53
CA ALA A 1125 51.63 -41.14 -28.13
C ALA A 1125 51.04 -40.18 -29.15
N PHE A 1126 50.89 -40.60 -30.41
CA PHE A 1126 50.16 -39.76 -31.35
C PHE A 1126 48.68 -39.69 -30.98
N TYR A 1127 48.07 -40.84 -30.69
CA TYR A 1127 46.63 -40.86 -30.44
C TYR A 1127 46.28 -40.17 -29.12
N SER A 1128 47.05 -40.44 -28.06
CA SER A 1128 46.80 -39.73 -26.80
C SER A 1128 46.97 -38.22 -26.98
N SER A 1129 48.00 -37.80 -27.71
CA SER A 1129 48.15 -36.37 -27.98
C SER A 1129 47.00 -35.84 -28.83
N PHE A 1130 46.55 -36.62 -29.80
CA PHE A 1130 45.42 -36.21 -30.64
C PHE A 1130 44.15 -36.09 -29.80
N MET A 1131 43.84 -37.09 -28.98
CA MET A 1131 42.66 -37.00 -28.13
C MET A 1131 42.77 -35.82 -27.18
N ALA A 1132 43.96 -35.58 -26.63
CA ALA A 1132 44.17 -34.40 -25.80
C ALA A 1132 43.81 -33.13 -26.55
N LEU A 1133 44.18 -33.03 -27.83
CA LEU A 1133 43.91 -31.82 -28.60
C LEU A 1133 42.43 -31.69 -28.93
N MET A 1134 41.77 -32.81 -29.23
CA MET A 1134 40.32 -32.75 -29.38
C MET A 1134 39.66 -32.27 -28.09
N SER A 1135 40.12 -32.78 -26.93
CA SER A 1135 39.56 -32.35 -25.65
C SER A 1135 39.62 -30.84 -25.53
N LEU A 1136 40.79 -30.26 -25.83
CA LEU A 1136 40.96 -28.82 -25.74
C LEU A 1136 40.03 -28.09 -26.71
N MET A 1137 39.87 -28.61 -27.92
CA MET A 1137 39.02 -27.94 -28.90
C MET A 1137 37.58 -27.94 -28.44
N LEU A 1138 37.13 -29.04 -27.86
CA LEU A 1138 35.78 -29.14 -27.37
C LEU A 1138 35.60 -28.52 -25.99
N GLN A 1139 36.65 -27.98 -25.40
CA GLN A 1139 36.56 -27.37 -24.08
C GLN A 1139 36.19 -25.90 -24.27
N MET A 1140 34.89 -25.62 -24.26
CA MET A 1140 34.43 -24.28 -24.58
C MET A 1140 34.69 -23.30 -23.44
N ARG A 1141 34.79 -23.80 -22.22
CA ARG A 1141 34.97 -22.97 -21.04
C ARG A 1141 36.44 -22.99 -20.65
N ASN A 1142 37.04 -21.82 -20.49
CA ASN A 1142 38.48 -21.72 -20.28
C ASN A 1142 38.78 -20.75 -19.16
N SER A 1143 39.54 -21.20 -18.16
CA SER A 1143 39.68 -20.50 -16.91
C SER A 1143 41.06 -20.74 -16.31
N ILE A 1144 41.56 -19.73 -15.59
CA ILE A 1144 42.74 -19.83 -14.74
C ILE A 1144 42.30 -19.56 -13.31
N THR A 1145 42.34 -20.57 -12.44
CA THR A 1145 42.00 -20.35 -11.05
C THR A 1145 42.92 -19.30 -10.44
N GLY A 1146 42.32 -18.33 -9.76
CA GLY A 1146 43.07 -17.20 -9.24
C GLY A 1146 43.25 -16.05 -10.20
N ARG A 1147 42.82 -16.19 -11.45
CA ARG A 1147 42.84 -15.11 -12.44
C ARG A 1147 41.39 -14.82 -12.81
N THR A 1148 40.71 -14.01 -11.99
CA THR A 1148 39.31 -13.71 -12.25
C THR A 1148 39.10 -13.02 -13.59
N ASP A 1149 40.17 -12.51 -14.21
CA ASP A 1149 40.08 -11.94 -15.54
C ASP A 1149 39.93 -13.00 -16.63
N VAL A 1150 40.26 -14.25 -16.34
CA VAL A 1150 40.25 -15.31 -17.35
C VAL A 1150 39.15 -16.32 -17.05
N ASP A 1151 37.98 -16.12 -17.66
CA ASP A 1151 36.86 -17.06 -17.50
C ASP A 1151 36.06 -17.14 -18.79
N PHE A 1152 36.75 -17.21 -19.93
CA PHE A 1152 36.02 -16.98 -21.17
C PHE A 1152 35.40 -18.27 -21.72
N LEU A 1153 34.44 -18.07 -22.62
CA LEU A 1153 33.70 -19.13 -23.29
C LEU A 1153 33.90 -18.96 -24.78
N ILE A 1154 34.48 -19.98 -25.43
CA ILE A 1154 34.73 -19.92 -26.87
C ILE A 1154 34.19 -21.19 -27.51
N SER A 1155 33.55 -21.05 -28.66
CA SER A 1155 32.84 -22.09 -29.40
C SER A 1155 33.68 -22.59 -30.57
N PRO A 1156 33.80 -23.89 -30.79
CA PRO A 1156 34.49 -24.38 -32.00
C PRO A 1156 33.59 -24.46 -33.22
N VAL A 1157 32.40 -23.90 -33.17
CA VAL A 1157 31.41 -24.02 -34.22
C VAL A 1157 31.01 -22.62 -34.66
N LYS A 1158 30.60 -22.48 -35.93
CA LYS A 1158 30.16 -21.21 -36.48
C LYS A 1158 28.65 -21.09 -36.46
N ASN A 1159 28.16 -19.87 -36.28
CA ASN A 1159 26.73 -19.60 -36.33
C ASN A 1159 26.27 -19.37 -37.77
N SER A 1160 25.08 -18.77 -37.92
CA SER A 1160 24.47 -18.55 -39.22
C SER A 1160 25.38 -17.70 -40.11
N ASP A 1161 26.01 -16.68 -39.55
CA ASP A 1161 26.81 -15.74 -40.30
C ASP A 1161 28.28 -16.10 -40.29
N GLY A 1162 28.62 -17.36 -39.97
CA GLY A 1162 30.00 -17.77 -40.00
C GLY A 1162 30.87 -17.17 -38.92
N ILE A 1163 30.28 -16.76 -37.81
CA ILE A 1163 31.04 -16.21 -36.69
C ILE A 1163 31.15 -17.27 -35.61
N PHE A 1164 32.31 -17.29 -34.95
CA PHE A 1164 32.52 -18.12 -33.78
C PHE A 1164 32.16 -17.30 -32.55
N TYR A 1165 31.38 -17.89 -31.66
CA TYR A 1165 31.07 -17.18 -30.42
C TYR A 1165 32.30 -17.18 -29.51
N ASP A 1166 32.65 -15.99 -29.02
CA ASP A 1166 33.73 -15.75 -28.07
C ASP A 1166 33.20 -14.76 -27.05
N SER A 1167 33.03 -15.22 -25.80
CA SER A 1167 32.49 -14.35 -24.76
C SER A 1167 33.36 -13.12 -24.54
N ARG A 1168 34.63 -13.16 -24.93
CA ARG A 1168 35.46 -11.98 -24.75
C ARG A 1168 35.01 -10.83 -25.65
N ASN A 1169 34.34 -11.12 -26.77
CA ASN A 1169 33.85 -10.05 -27.61
C ASN A 1169 32.69 -9.30 -26.96
N TYR A 1170 32.05 -9.88 -25.94
CA TYR A 1170 30.92 -9.27 -25.27
C TYR A 1170 31.25 -8.69 -23.90
N GLU A 1171 32.23 -9.27 -23.20
CA GLU A 1171 32.65 -8.72 -21.91
C GLU A 1171 33.23 -7.32 -22.08
N ALA A 1172 33.82 -7.04 -23.23
CA ALA A 1172 34.23 -5.68 -23.55
C ALA A 1172 33.05 -4.72 -23.45
N GLN A 1173 31.93 -5.09 -24.04
CA GLN A 1173 30.81 -4.17 -24.20
C GLN A 1173 30.15 -3.88 -22.85
N GLU A 1174 29.53 -2.70 -22.77
CA GLU A 1174 28.80 -2.34 -21.56
C GLU A 1174 27.44 -3.01 -21.55
N ASN A 1175 26.75 -3.00 -22.68
CA ASN A 1175 25.51 -3.76 -22.86
C ASN A 1175 25.78 -4.80 -23.93
N ALA A 1176 25.74 -6.07 -23.55
CA ALA A 1176 26.01 -7.16 -24.47
C ALA A 1176 24.74 -7.97 -24.68
N ILE A 1177 24.52 -8.36 -25.93
CA ILE A 1177 23.33 -9.13 -26.29
C ILE A 1177 23.49 -10.61 -25.91
N LEU A 1178 24.71 -11.12 -25.84
CA LEU A 1178 25.00 -12.48 -25.44
C LEU A 1178 25.78 -12.50 -24.13
N PRO A 1179 25.85 -13.64 -23.45
CA PRO A 1179 26.55 -13.70 -22.16
C PRO A 1179 27.98 -13.20 -22.25
N LYS A 1180 28.40 -12.49 -21.20
CA LYS A 1180 29.72 -11.87 -21.14
C LYS A 1180 30.82 -12.81 -20.68
N ASN A 1181 30.49 -14.00 -20.19
CA ASN A 1181 31.45 -15.00 -19.73
C ASN A 1181 30.70 -16.30 -19.47
N ALA A 1182 31.39 -17.29 -18.93
CA ALA A 1182 30.78 -18.60 -18.70
C ALA A 1182 29.77 -18.56 -17.56
N ASP A 1183 30.09 -17.84 -16.48
CA ASP A 1183 29.14 -17.78 -15.37
C ASP A 1183 27.85 -17.05 -15.78
N ALA A 1184 27.97 -15.99 -16.60
CA ALA A 1184 26.77 -15.32 -17.09
C ALA A 1184 25.97 -16.22 -18.02
N ASN A 1185 26.67 -17.01 -18.83
CA ASN A 1185 26.00 -17.99 -19.69
C ASN A 1185 25.13 -18.95 -18.89
N GLY A 1186 25.62 -19.42 -17.75
CA GLY A 1186 24.82 -20.35 -16.95
C GLY A 1186 23.56 -19.70 -16.40
N ALA A 1187 23.70 -18.50 -15.83
CA ALA A 1187 22.53 -17.78 -15.36
C ALA A 1187 21.56 -17.54 -16.50
N TYR A 1188 22.09 -17.22 -17.68
CA TYR A 1188 21.24 -16.97 -18.85
C TYR A 1188 20.44 -18.21 -19.23
N ASN A 1189 21.07 -19.38 -19.19
CA ASN A 1189 20.35 -20.56 -19.67
C ASN A 1189 19.49 -21.19 -18.59
N ILE A 1190 19.85 -21.02 -17.32
CA ILE A 1190 18.92 -21.31 -16.24
C ILE A 1190 17.64 -20.52 -16.43
N ALA A 1191 17.75 -19.24 -16.76
CA ALA A 1191 16.55 -18.44 -16.99
C ALA A 1191 15.79 -18.96 -18.20
N ARG A 1192 16.51 -19.32 -19.26
CA ARG A 1192 15.81 -19.80 -20.45
C ARG A 1192 15.06 -21.10 -20.17
N LYS A 1193 15.59 -21.93 -19.27
CA LYS A 1193 14.88 -23.16 -18.96
C LYS A 1193 13.54 -22.86 -18.28
N VAL A 1194 13.48 -21.78 -17.51
CA VAL A 1194 12.19 -21.40 -16.94
C VAL A 1194 11.29 -20.84 -18.02
N LEU A 1195 11.87 -20.09 -18.97
CA LEU A 1195 11.10 -19.66 -20.14
C LEU A 1195 10.46 -20.83 -20.85
N TRP A 1196 11.20 -21.93 -20.97
CA TRP A 1196 10.64 -23.14 -21.58
C TRP A 1196 9.45 -23.66 -20.76
N ALA A 1197 9.60 -23.69 -19.44
CA ALA A 1197 8.49 -24.16 -18.60
C ALA A 1197 7.28 -23.25 -18.73
N ILE A 1198 7.52 -21.94 -18.80
CA ILE A 1198 6.43 -21.01 -19.03
C ILE A 1198 5.72 -21.33 -20.34
N GLY A 1199 6.49 -21.63 -21.39
CA GLY A 1199 5.89 -22.10 -22.63
C GLY A 1199 5.01 -23.33 -22.42
N GLN A 1200 5.42 -24.22 -21.51
CA GLN A 1200 4.58 -25.35 -21.19
C GLN A 1200 3.29 -24.91 -20.52
N PHE A 1201 3.35 -23.93 -19.60
CA PHE A 1201 2.13 -23.38 -19.03
C PHE A 1201 1.20 -22.87 -20.12
N LYS A 1202 1.77 -22.19 -21.13
CA LYS A 1202 0.95 -21.61 -22.18
C LYS A 1202 0.29 -22.67 -23.05
N LYS A 1203 0.76 -23.91 -23.00
CA LYS A 1203 0.17 -24.98 -23.78
C LYS A 1203 -0.95 -25.73 -23.05
N ALA A 1204 -1.15 -25.49 -21.76
CA ALA A 1204 -2.14 -26.26 -21.01
C ALA A 1204 -3.33 -25.40 -20.64
N GLU A 1205 -4.46 -26.07 -20.40
CA GLU A 1205 -5.61 -25.41 -19.78
C GLU A 1205 -5.31 -25.11 -18.31
N ASP A 1206 -5.95 -24.06 -17.78
CA ASP A 1206 -5.67 -23.65 -16.41
C ASP A 1206 -5.93 -24.78 -15.43
N GLU A 1207 -6.98 -25.56 -15.68
CA GLU A 1207 -7.34 -26.69 -14.82
C GLU A 1207 -6.20 -27.70 -14.71
N LYS A 1208 -5.24 -27.69 -15.64
CA LYS A 1208 -4.18 -28.69 -15.68
C LYS A 1208 -2.79 -28.09 -15.41
N LEU A 1209 -2.70 -26.82 -15.01
CA LEU A 1209 -1.40 -26.18 -14.85
C LEU A 1209 -0.56 -26.80 -13.72
N ASP A 1210 -1.21 -27.26 -12.65
CA ASP A 1210 -0.49 -27.98 -11.61
C ASP A 1210 0.19 -29.24 -12.15
N LYS A 1211 -0.31 -29.79 -13.24
CA LYS A 1211 0.24 -31.03 -13.76
C LYS A 1211 1.40 -30.82 -14.71
N VAL A 1212 1.74 -29.58 -15.03
CA VAL A 1212 2.76 -29.29 -16.04
C VAL A 1212 4.14 -29.59 -15.45
N LYS A 1213 4.87 -30.50 -16.08
CA LYS A 1213 6.26 -30.74 -15.69
C LYS A 1213 7.10 -29.53 -16.06
N ILE A 1214 7.94 -29.09 -15.12
CA ILE A 1214 8.80 -27.93 -15.33
C ILE A 1214 10.24 -28.32 -15.56
N ALA A 1215 10.61 -29.59 -15.34
CA ALA A 1215 11.98 -30.07 -15.51
C ALA A 1215 12.19 -30.46 -16.98
N ILE A 1216 12.79 -29.54 -17.74
CA ILE A 1216 13.01 -29.81 -19.15
C ILE A 1216 13.96 -30.99 -19.32
N SER A 1217 13.67 -31.83 -20.31
CA SER A 1217 14.56 -32.97 -20.54
C SER A 1217 15.81 -32.48 -21.26
N ASN A 1218 16.91 -33.18 -21.01
CA ASN A 1218 18.14 -32.90 -21.75
C ASN A 1218 17.86 -32.81 -23.25
N LYS A 1219 17.08 -33.75 -23.79
CA LYS A 1219 16.77 -33.72 -25.22
C LYS A 1219 15.95 -32.47 -25.57
N GLU A 1220 14.99 -32.11 -24.74
CA GLU A 1220 14.19 -30.91 -25.01
C GLU A 1220 15.05 -29.64 -24.98
N TRP A 1221 16.03 -29.59 -24.09
CA TRP A 1221 16.84 -28.39 -23.92
C TRP A 1221 17.74 -28.15 -25.12
N LEU A 1222 18.39 -29.19 -25.65
CA LEU A 1222 19.24 -28.98 -26.82
C LEU A 1222 18.41 -28.57 -28.02
N GLU A 1223 17.21 -29.15 -28.17
CA GLU A 1223 16.33 -28.67 -29.23
C GLU A 1223 15.94 -27.22 -28.98
N TYR A 1224 15.53 -26.90 -27.76
CA TYR A 1224 15.18 -25.51 -27.45
C TYR A 1224 16.37 -24.59 -27.74
N ALA A 1225 17.55 -24.94 -27.24
CA ALA A 1225 18.69 -24.05 -27.38
C ALA A 1225 19.20 -23.95 -28.83
N GLN A 1226 18.98 -24.98 -29.64
CA GLN A 1226 19.52 -25.00 -30.99
C GLN A 1226 18.52 -24.52 -32.04
N THR A 1227 17.30 -24.17 -31.63
CA THR A 1227 16.31 -23.58 -32.52
C THR A 1227 15.89 -22.17 -32.10
N SER A 1228 16.41 -21.65 -30.98
CA SER A 1228 16.13 -20.26 -30.62
C SER A 1228 16.77 -19.29 -31.60
N VAL A 1229 17.82 -19.74 -32.28
CA VAL A 1229 18.61 -18.90 -33.15
C VAL A 1229 18.36 -19.27 -34.61
N GLY E 1 -21.77 -7.61 9.54
CA GLY E 1 -21.58 -6.30 8.93
C GLY E 1 -20.11 -5.98 8.68
N SER E 2 -19.21 -6.88 9.11
CA SER E 2 -17.77 -6.63 9.02
C SER E 2 -17.19 -6.90 7.64
N HIS E 3 -17.73 -7.86 6.89
CA HIS E 3 -17.12 -8.37 5.67
C HIS E 3 -17.64 -7.71 4.39
N MET E 4 -18.38 -6.61 4.50
CA MET E 4 -18.92 -5.89 3.33
C MET E 4 -19.80 -6.80 2.47
N SER E 5 -20.58 -7.70 3.10
CA SER E 5 -21.29 -8.71 2.35
C SER E 5 -22.42 -8.14 1.49
N LYS E 6 -23.05 -7.03 1.90
CA LYS E 6 -23.99 -6.35 1.00
C LYS E 6 -23.26 -5.52 -0.05
N LEU E 7 -22.18 -4.85 0.33
CA LEU E 7 -21.41 -4.08 -0.64
C LEU E 7 -20.95 -4.96 -1.81
N GLU E 8 -20.46 -6.15 -1.50
CA GLU E 8 -19.88 -7.07 -2.48
C GLU E 8 -20.75 -7.25 -3.72
N LYS E 9 -22.05 -7.02 -3.61
CA LYS E 9 -22.98 -7.29 -4.69
C LYS E 9 -23.13 -6.14 -5.66
N PHE E 10 -22.42 -5.03 -5.43
CA PHE E 10 -22.60 -3.85 -6.29
C PHE E 10 -21.32 -3.49 -7.02
N THR E 11 -20.81 -4.42 -7.82
CA THR E 11 -19.73 -4.15 -8.75
C THR E 11 -20.19 -4.47 -10.16
N ASN E 12 -19.64 -3.76 -11.14
CA ASN E 12 -19.91 -4.00 -12.56
C ASN E 12 -21.40 -3.84 -12.87
N CYS E 13 -21.98 -2.76 -12.37
CA CYS E 13 -23.40 -2.45 -12.52
C CYS E 13 -23.69 -1.57 -13.72
N TYR E 14 -22.91 -0.51 -13.92
CA TYR E 14 -23.18 0.40 -15.01
C TYR E 14 -21.89 1.12 -15.40
N SER E 15 -21.91 1.69 -16.59
CA SER E 15 -20.75 2.32 -17.18
C SER E 15 -20.73 3.79 -16.87
N LEU E 16 -19.51 4.33 -16.75
CA LEU E 16 -19.35 5.76 -16.60
C LEU E 16 -18.05 6.15 -17.26
N SER E 17 -17.92 7.43 -17.55
CA SER E 17 -16.73 7.97 -18.16
C SER E 17 -16.11 8.99 -17.23
N LYS E 18 -14.78 9.09 -17.30
CA LYS E 18 -14.01 10.01 -16.48
C LYS E 18 -12.85 10.52 -17.31
N THR E 19 -12.25 11.62 -16.86
CA THR E 19 -11.09 12.20 -17.54
C THR E 19 -9.89 12.22 -16.61
N LEU E 20 -8.78 11.67 -17.08
CA LEU E 20 -7.50 11.79 -16.40
C LEU E 20 -6.72 12.94 -17.03
N ARG E 21 -6.02 13.70 -16.19
CA ARG E 21 -5.24 14.84 -16.66
C ARG E 21 -3.78 14.68 -16.27
N PHE E 22 -2.90 15.10 -17.18
CA PHE E 22 -1.47 14.97 -16.98
C PHE E 22 -0.77 16.18 -17.56
N LYS E 23 0.42 16.44 -17.04
CA LYS E 23 1.36 17.33 -17.68
C LYS E 23 2.06 16.59 -18.82
N ALA E 24 2.32 17.29 -19.92
CA ALA E 24 3.00 16.71 -21.06
C ALA E 24 4.32 17.42 -21.21
N ILE E 25 5.42 16.69 -21.01
CA ILE E 25 6.76 17.27 -20.91
C ILE E 25 7.46 17.06 -22.25
N PRO E 26 7.79 18.12 -22.97
CA PRO E 26 8.50 17.95 -24.25
C PRO E 26 9.83 17.23 -24.08
N VAL E 27 10.04 16.18 -24.88
CA VAL E 27 11.25 15.37 -24.81
C VAL E 27 12.26 15.82 -25.87
N GLY E 28 13.51 15.95 -25.47
CA GLY E 28 14.58 16.18 -26.43
C GLY E 28 14.37 17.45 -27.23
N LYS E 29 14.38 17.29 -28.55
CA LYS E 29 14.29 18.42 -29.48
C LYS E 29 12.84 18.78 -29.80
N THR E 30 11.87 17.97 -29.34
CA THR E 30 10.46 18.23 -29.58
C THR E 30 10.12 19.69 -29.45
N GLN E 31 10.53 20.30 -28.34
CA GLN E 31 10.15 21.69 -28.09
C GLN E 31 10.84 22.63 -29.05
N GLU E 32 12.12 22.38 -29.35
CA GLU E 32 12.79 23.24 -30.31
C GLU E 32 12.12 23.16 -31.67
N ASN E 33 11.74 21.95 -32.09
CA ASN E 33 11.11 21.79 -33.40
C ASN E 33 9.72 22.39 -33.43
N ILE E 34 9.02 22.41 -32.28
CA ILE E 34 7.72 23.04 -32.20
C ILE E 34 7.84 24.56 -32.30
N ASP E 35 8.90 25.13 -31.70
CA ASP E 35 9.05 26.59 -31.70
C ASP E 35 9.41 27.11 -33.09
N ASN E 36 10.45 26.54 -33.70
CA ASN E 36 10.88 26.97 -35.03
C ASN E 36 9.76 26.88 -36.05
N LYS E 37 8.92 25.86 -35.96
CA LYS E 37 7.81 25.74 -36.87
C LYS E 37 6.61 26.59 -36.46
N ARG E 38 6.67 27.26 -35.30
CA ARG E 38 5.63 28.17 -34.83
C ARG E 38 4.26 27.49 -34.73
N LEU E 39 4.25 26.23 -34.27
CA LEU E 39 2.97 25.52 -34.18
C LEU E 39 2.06 26.15 -33.14
N LEU E 40 2.64 26.62 -32.03
CA LEU E 40 1.83 27.15 -30.93
C LEU E 40 1.28 28.53 -31.25
N VAL E 41 1.97 29.30 -32.07
CA VAL E 41 1.38 30.54 -32.58
C VAL E 41 0.15 30.23 -33.41
N GLU E 42 0.26 29.25 -34.32
CA GLU E 42 -0.88 28.92 -35.18
C GLU E 42 -2.06 28.42 -34.36
N ASP E 43 -1.79 27.64 -33.30
CA ASP E 43 -2.90 27.08 -32.53
C ASP E 43 -3.54 28.11 -31.59
N GLU E 44 -2.76 29.07 -31.10
CA GLU E 44 -3.34 30.13 -30.26
C GLU E 44 -4.24 31.05 -31.09
N LYS E 45 -3.76 31.44 -32.27
CA LYS E 45 -4.58 32.19 -33.22
C LYS E 45 -5.83 31.42 -33.60
N ARG E 46 -5.69 30.12 -33.91
CA ARG E 46 -6.86 29.33 -34.29
C ARG E 46 -7.93 29.39 -33.21
N ALA E 47 -7.53 29.34 -31.93
CA ALA E 47 -8.55 29.35 -30.88
C ALA E 47 -9.31 30.68 -30.84
N GLU E 48 -8.63 31.80 -31.08
CA GLU E 48 -9.34 33.07 -31.17
C GLU E 48 -10.24 33.12 -32.40
N ASP E 49 -9.70 32.76 -33.56
CA ASP E 49 -10.50 32.74 -34.78
C ASP E 49 -11.70 31.82 -34.62
N TYR E 50 -11.47 30.65 -34.01
CA TYR E 50 -12.52 29.67 -33.85
C TYR E 50 -13.67 30.22 -33.03
N LYS E 51 -13.36 30.92 -31.93
CA LYS E 51 -14.41 31.57 -31.17
C LYS E 51 -15.11 32.64 -32.00
N GLY E 52 -14.41 33.27 -32.93
CA GLY E 52 -15.03 34.30 -33.76
C GLY E 52 -16.06 33.72 -34.71
N VAL E 53 -15.73 32.60 -35.36
CA VAL E 53 -16.67 31.98 -36.30
C VAL E 53 -17.90 31.46 -35.56
N LYS E 54 -17.71 30.99 -34.33
CA LYS E 54 -18.84 30.54 -33.53
C LYS E 54 -19.77 31.70 -33.19
N LYS E 55 -19.21 32.90 -32.96
CA LYS E 55 -20.06 34.07 -32.80
C LYS E 55 -20.82 34.37 -34.09
N LEU E 56 -20.12 34.36 -35.22
CA LEU E 56 -20.76 34.54 -36.52
C LEU E 56 -21.82 33.47 -36.75
N LEU E 57 -21.51 32.21 -36.48
CA LEU E 57 -22.52 31.15 -36.57
C LEU E 57 -23.74 31.50 -35.72
N ASP E 58 -23.51 32.04 -34.52
CA ASP E 58 -24.63 32.31 -33.60
C ASP E 58 -25.48 33.46 -34.09
N ARG E 59 -24.90 34.40 -34.85
CA ARG E 59 -25.72 35.42 -35.50
C ARG E 59 -26.70 34.80 -36.48
N TYR E 60 -26.26 33.77 -37.21
CA TYR E 60 -27.16 33.10 -38.13
C TYR E 60 -28.21 32.27 -37.39
N TYR E 61 -27.78 31.48 -36.40
CA TYR E 61 -28.72 30.66 -35.64
C TYR E 61 -29.77 31.53 -34.94
N LEU E 62 -29.35 32.65 -34.39
CA LEU E 62 -30.31 33.50 -33.69
C LEU E 62 -31.31 34.07 -34.68
N SER E 63 -30.83 34.44 -35.87
CA SER E 63 -31.74 34.93 -36.90
C SER E 63 -32.72 33.83 -37.31
N PHE E 64 -32.23 32.59 -37.42
CA PHE E 64 -33.11 31.47 -37.75
C PHE E 64 -34.11 31.22 -36.63
N ILE E 65 -33.66 31.34 -35.38
CA ILE E 65 -34.54 31.05 -34.25
C ILE E 65 -35.68 32.06 -34.20
N ASN E 66 -35.36 33.34 -34.39
CA ASN E 66 -36.36 34.39 -34.27
C ASN E 66 -37.37 34.38 -35.43
N ASP E 67 -36.90 34.06 -36.64
CA ASP E 67 -37.83 33.95 -37.76
C ASP E 67 -38.89 32.89 -37.49
N VAL E 68 -38.49 31.76 -36.91
CA VAL E 68 -39.43 30.68 -36.62
C VAL E 68 -40.34 31.05 -35.43
N LEU E 69 -39.74 31.51 -34.34
CA LEU E 69 -40.55 31.77 -33.15
C LEU E 69 -41.49 32.96 -33.34
N HIS E 70 -41.13 33.91 -34.22
CA HIS E 70 -42.05 35.00 -34.50
C HIS E 70 -43.28 34.54 -35.26
N SER E 71 -43.18 33.44 -36.00
CA SER E 71 -44.24 32.97 -36.87
C SER E 71 -45.07 31.85 -36.27
N ILE E 72 -44.96 31.62 -34.97
CA ILE E 72 -45.52 30.44 -34.36
C ILE E 72 -46.80 30.81 -33.63
N LYS E 73 -47.86 30.03 -33.88
CA LYS E 73 -49.05 30.00 -33.04
C LYS E 73 -49.23 28.58 -32.55
N LEU E 74 -49.14 28.39 -31.23
CA LEU E 74 -49.20 27.05 -30.66
C LEU E 74 -50.64 26.57 -30.70
N LYS E 75 -50.89 25.45 -31.40
CA LYS E 75 -52.26 24.97 -31.55
C LYS E 75 -52.79 24.39 -30.25
N ASN E 76 -51.93 23.74 -29.46
CA ASN E 76 -52.36 23.10 -28.22
C ASN E 76 -52.47 24.07 -27.05
N LEU E 77 -52.35 25.39 -27.27
CA LEU E 77 -52.10 26.30 -26.15
C LEU E 77 -53.30 26.42 -25.21
N ASN E 78 -54.47 26.76 -25.74
CA ASN E 78 -55.61 27.07 -24.88
C ASN E 78 -56.03 25.86 -24.06
N ASN E 79 -56.06 24.67 -24.67
CA ASN E 79 -56.41 23.46 -23.94
C ASN E 79 -55.41 23.21 -22.82
N TYR E 80 -54.13 23.48 -23.08
CA TYR E 80 -53.10 23.30 -22.06
C TYR E 80 -53.34 24.23 -20.88
N ILE E 81 -53.49 25.52 -21.14
CA ILE E 81 -53.59 26.48 -20.05
C ILE E 81 -54.83 26.17 -19.22
N SER E 82 -55.93 25.86 -19.89
CA SER E 82 -57.17 25.53 -19.18
C SER E 82 -56.98 24.32 -18.28
N LEU E 83 -56.37 23.27 -18.81
CA LEU E 83 -56.19 22.06 -18.02
C LEU E 83 -55.10 22.23 -16.97
N PHE E 84 -54.11 23.07 -17.25
CA PHE E 84 -53.04 23.36 -16.29
C PHE E 84 -53.58 24.10 -15.08
N ARG E 85 -54.64 24.89 -15.26
CA ARG E 85 -55.23 25.65 -14.17
C ARG E 85 -56.41 24.94 -13.53
N LYS E 86 -56.86 23.82 -14.12
CA LYS E 86 -57.89 23.03 -13.47
C LYS E 86 -57.38 22.51 -12.14
N LYS E 87 -58.25 22.60 -11.13
CA LYS E 87 -57.89 22.31 -9.73
C LYS E 87 -58.24 20.90 -9.28
N THR E 88 -59.16 20.23 -9.98
CA THR E 88 -59.63 18.91 -9.61
C THR E 88 -59.26 17.90 -10.69
N ARG E 89 -57.98 17.87 -11.05
CA ARG E 89 -57.48 16.99 -12.09
C ARG E 89 -57.45 15.54 -11.62
N THR E 90 -58.17 14.67 -12.32
CA THR E 90 -57.96 13.25 -12.15
C THR E 90 -56.58 12.86 -12.66
N GLU E 91 -56.16 11.63 -12.33
CA GLU E 91 -54.93 11.11 -12.90
C GLU E 91 -55.02 11.05 -14.42
N LYS E 92 -56.21 10.74 -14.96
CA LYS E 92 -56.40 10.74 -16.40
C LYS E 92 -56.13 12.12 -16.98
N GLU E 93 -56.51 13.18 -16.25
CA GLU E 93 -56.28 14.53 -16.72
C GLU E 93 -54.81 14.93 -16.60
N ASN E 94 -54.14 14.48 -15.52
CA ASN E 94 -52.71 14.69 -15.39
C ASN E 94 -51.93 14.09 -16.56
N LYS E 95 -52.29 12.88 -16.97
CA LYS E 95 -51.64 12.26 -18.11
C LYS E 95 -51.92 13.07 -19.37
N GLU E 96 -53.19 13.41 -19.57
CA GLU E 96 -53.60 14.26 -20.68
C GLU E 96 -52.83 15.57 -20.69
N LEU E 97 -52.57 16.13 -19.51
CA LEU E 97 -51.85 17.39 -19.44
C LEU E 97 -50.40 17.18 -19.85
N GLU E 98 -49.82 16.07 -19.42
CA GLU E 98 -48.45 15.74 -19.81
C GLU E 98 -48.34 15.54 -21.32
N ASN E 99 -49.34 14.87 -21.92
CA ASN E 99 -49.34 14.72 -23.39
C ASN E 99 -49.46 16.07 -24.08
N LEU E 100 -50.29 16.96 -23.54
CA LEU E 100 -50.41 18.30 -24.13
C LEU E 100 -49.08 19.05 -24.06
N GLU E 101 -48.39 18.96 -22.92
CA GLU E 101 -47.09 19.62 -22.82
C GLU E 101 -46.11 19.04 -23.83
N ILE E 102 -46.11 17.72 -24.00
CA ILE E 102 -45.24 17.10 -24.99
C ILE E 102 -45.55 17.66 -26.37
N ASN E 103 -46.84 17.81 -26.69
CA ASN E 103 -47.21 18.25 -28.02
C ASN E 103 -46.81 19.71 -28.25
N LEU E 104 -46.93 20.56 -27.22
CA LEU E 104 -46.43 21.93 -27.37
C LEU E 104 -44.94 21.94 -27.69
N ARG E 105 -44.16 21.13 -26.97
CA ARG E 105 -42.73 21.04 -27.28
C ARG E 105 -42.51 20.52 -28.70
N LYS E 106 -43.37 19.58 -29.16
CA LYS E 106 -43.21 19.05 -30.51
C LYS E 106 -43.55 20.11 -31.55
N GLU E 107 -44.58 20.92 -31.31
CA GLU E 107 -44.86 22.01 -32.23
C GLU E 107 -43.62 22.87 -32.45
N ILE E 108 -42.96 23.25 -31.36
CA ILE E 108 -41.83 24.17 -31.50
C ILE E 108 -40.68 23.48 -32.21
N ALA E 109 -40.39 22.24 -31.82
CA ALA E 109 -39.33 21.50 -32.49
C ALA E 109 -39.61 21.36 -33.97
N LYS E 110 -40.82 20.89 -34.32
CA LYS E 110 -41.12 20.65 -35.72
C LYS E 110 -41.05 21.94 -36.53
N ALA E 111 -41.41 23.07 -35.93
CA ALA E 111 -41.30 24.35 -36.62
C ALA E 111 -39.86 24.60 -37.09
N PHE E 112 -38.88 24.22 -36.28
CA PHE E 112 -37.49 24.35 -36.70
C PHE E 112 -37.13 23.28 -37.72
N LYS E 113 -37.40 22.02 -37.39
CA LYS E 113 -36.92 20.89 -38.19
C LYS E 113 -37.73 20.63 -39.45
N GLY E 114 -38.91 21.21 -39.58
CA GLY E 114 -39.67 21.02 -40.80
C GLY E 114 -39.18 21.85 -41.95
N ASN E 115 -38.09 22.57 -41.77
CA ASN E 115 -37.46 23.33 -42.83
C ASN E 115 -36.48 22.42 -43.58
N GLU E 116 -36.73 22.20 -44.87
CA GLU E 116 -35.76 21.49 -45.70
C GLU E 116 -34.51 22.34 -45.81
N GLY E 117 -33.41 21.85 -45.26
CA GLY E 117 -32.25 22.66 -45.02
C GLY E 117 -31.83 22.71 -43.56
N TYR E 118 -32.74 22.34 -42.64
CA TYR E 118 -32.37 22.28 -41.23
C TYR E 118 -31.11 21.45 -41.03
N LYS E 119 -31.01 20.33 -41.76
CA LYS E 119 -29.91 19.39 -41.51
C LYS E 119 -28.57 19.97 -41.91
N SER E 120 -28.55 20.87 -42.89
CA SER E 120 -27.31 21.49 -43.32
C SER E 120 -26.83 22.58 -42.37
N LEU E 121 -27.61 22.91 -41.32
CA LEU E 121 -27.14 23.82 -40.28
C LEU E 121 -26.07 23.22 -39.39
N PHE E 122 -25.87 21.91 -39.45
CA PHE E 122 -24.96 21.24 -38.54
C PHE E 122 -23.94 20.41 -39.29
N LYS E 123 -23.59 20.87 -40.50
CA LYS E 123 -22.67 20.18 -41.37
C LYS E 123 -21.78 21.23 -42.00
N LYS E 124 -20.82 20.79 -42.81
CA LYS E 124 -19.91 21.74 -43.44
C LYS E 124 -20.65 22.82 -44.22
N ASP E 125 -21.89 22.56 -44.63
CA ASP E 125 -22.60 23.47 -45.52
C ASP E 125 -22.73 24.84 -44.90
N ILE E 126 -22.92 24.91 -43.58
CA ILE E 126 -23.19 26.19 -42.93
C ILE E 126 -21.94 27.06 -42.93
N ILE E 127 -20.76 26.45 -42.95
CA ILE E 127 -19.52 27.22 -42.96
C ILE E 127 -19.06 27.53 -44.39
N GLU E 128 -19.13 26.55 -45.30
CA GLU E 128 -18.64 26.77 -46.66
C GLU E 128 -19.58 27.69 -47.46
N THR E 129 -20.89 27.60 -47.22
CA THR E 129 -21.86 28.20 -48.12
C THR E 129 -22.83 29.13 -47.40
N ILE E 130 -23.52 28.62 -46.38
CA ILE E 130 -24.68 29.33 -45.85
C ILE E 130 -24.25 30.59 -45.11
N LEU E 131 -23.36 30.46 -44.16
CA LEU E 131 -22.94 31.64 -43.41
C LEU E 131 -22.24 32.67 -44.30
N PRO E 132 -21.32 32.30 -45.21
CA PRO E 132 -20.71 33.33 -46.06
C PRO E 132 -21.71 34.13 -46.85
N GLU E 133 -22.80 33.51 -47.31
CA GLU E 133 -23.81 34.25 -48.07
C GLU E 133 -24.69 35.13 -47.17
N PHE E 134 -24.88 34.75 -45.91
CA PHE E 134 -25.68 35.52 -44.99
C PHE E 134 -24.97 36.79 -44.52
N LEU E 135 -23.64 36.76 -44.50
CA LEU E 135 -22.84 37.87 -44.03
C LEU E 135 -22.54 38.85 -45.16
N ASP E 136 -22.13 40.04 -44.77
CA ASP E 136 -21.86 41.16 -45.68
C ASP E 136 -20.45 41.72 -45.55
N ASP E 137 -19.85 41.63 -44.37
CA ASP E 137 -18.54 42.22 -44.12
C ASP E 137 -17.45 41.27 -44.60
N LYS E 138 -16.53 41.80 -45.41
CA LYS E 138 -15.54 40.97 -46.07
C LYS E 138 -14.60 40.29 -45.08
N ASP E 139 -14.32 40.93 -43.94
CA ASP E 139 -13.40 40.33 -42.98
C ASP E 139 -14.06 39.17 -42.25
N GLU E 140 -15.35 39.28 -41.97
CA GLU E 140 -16.07 38.19 -41.33
C GLU E 140 -16.11 36.98 -42.24
N ILE E 141 -16.42 37.20 -43.52
CA ILE E 141 -16.51 36.11 -44.47
C ILE E 141 -15.17 35.41 -44.58
N ALA E 142 -14.09 36.19 -44.72
CA ALA E 142 -12.75 35.60 -44.79
C ALA E 142 -12.46 34.76 -43.56
N LEU E 143 -12.87 35.25 -42.38
CA LEU E 143 -12.63 34.48 -41.17
C LEU E 143 -13.33 33.13 -41.25
N VAL E 144 -14.56 33.11 -41.77
CA VAL E 144 -15.29 31.88 -41.97
C VAL E 144 -14.58 30.99 -42.99
N ASN E 145 -14.20 31.57 -44.14
CA ASN E 145 -13.55 30.78 -45.19
C ASN E 145 -12.30 30.08 -44.69
N SER E 146 -11.57 30.69 -43.77
CA SER E 146 -10.33 30.11 -43.26
C SER E 146 -10.56 28.77 -42.55
N PHE E 147 -11.81 28.36 -42.36
CA PHE E 147 -12.10 27.06 -41.78
C PHE E 147 -12.63 26.05 -42.82
N ASN E 148 -12.58 26.37 -44.11
CA ASN E 148 -12.85 25.35 -45.10
C ASN E 148 -11.79 24.27 -44.97
N GLY E 149 -12.23 23.01 -45.09
CA GLY E 149 -11.33 21.90 -44.81
C GLY E 149 -11.08 21.68 -43.34
N PHE E 150 -11.84 22.34 -42.47
CA PHE E 150 -11.64 22.24 -41.03
C PHE E 150 -12.97 22.31 -40.29
N THR E 151 -14.08 22.01 -40.96
CA THR E 151 -15.41 22.11 -40.34
C THR E 151 -15.63 21.06 -39.26
N THR E 152 -14.99 19.89 -39.39
CA THR E 152 -15.12 18.87 -38.35
C THR E 152 -14.58 19.36 -37.00
N ALA E 153 -13.82 20.46 -36.96
CA ALA E 153 -13.48 21.03 -35.66
C ALA E 153 -14.69 21.61 -34.94
N PHE E 154 -15.81 21.83 -35.64
CA PHE E 154 -17.04 22.35 -35.05
C PHE E 154 -18.03 21.24 -34.68
N THR E 155 -17.63 19.97 -34.79
CA THR E 155 -18.56 18.87 -34.58
C THR E 155 -19.24 18.98 -33.23
N GLY E 156 -18.46 19.19 -32.16
CA GLY E 156 -19.05 19.36 -30.85
C GLY E 156 -19.94 20.58 -30.74
N PHE E 157 -19.49 21.71 -31.30
CA PHE E 157 -20.34 22.91 -31.28
C PHE E 157 -21.65 22.68 -32.02
N PHE E 158 -21.61 21.93 -33.13
CA PHE E 158 -22.86 21.63 -33.83
C PHE E 158 -23.82 20.85 -32.94
N ASP E 159 -23.30 19.95 -32.10
CA ASP E 159 -24.15 19.23 -31.16
C ASP E 159 -24.73 20.17 -30.11
N ASN E 160 -23.89 21.04 -29.53
CA ASN E 160 -24.41 22.07 -28.63
C ASN E 160 -25.56 22.84 -29.27
N ARG E 161 -25.50 23.06 -30.59
CA ARG E 161 -26.51 23.87 -31.26
C ARG E 161 -27.76 23.05 -31.58
N GLU E 162 -27.58 21.79 -32.03
CA GLU E 162 -28.73 20.90 -32.23
C GLU E 162 -29.50 20.70 -30.93
N ASN E 163 -28.81 20.64 -29.79
CA ASN E 163 -29.50 20.51 -28.51
C ASN E 163 -30.60 21.57 -28.34
N MET E 164 -30.40 22.77 -28.90
CA MET E 164 -31.39 23.83 -28.74
C MET E 164 -32.72 23.47 -29.38
N PHE E 165 -32.70 22.57 -30.37
CA PHE E 165 -33.87 22.31 -31.18
C PHE E 165 -34.58 21.02 -30.79
N SER E 166 -34.11 20.33 -29.76
CA SER E 166 -34.79 19.12 -29.31
C SER E 166 -36.21 19.43 -28.86
N GLU E 167 -37.08 18.44 -29.02
CA GLU E 167 -38.44 18.46 -28.49
C GLU E 167 -38.52 17.97 -27.05
N GLU E 168 -37.42 17.43 -26.52
CA GLU E 168 -37.43 16.73 -25.25
C GLU E 168 -37.36 17.71 -24.08
N ALA E 169 -37.89 17.29 -22.94
CA ALA E 169 -37.87 18.17 -21.78
C ALA E 169 -36.47 18.26 -21.19
N LYS E 170 -35.55 18.87 -21.93
CA LYS E 170 -34.14 18.90 -21.59
C LYS E 170 -33.66 20.33 -21.46
N SER E 171 -32.79 20.56 -20.47
CA SER E 171 -32.52 21.91 -20.01
C SER E 171 -32.05 22.84 -21.14
N THR E 172 -31.25 22.34 -22.09
CA THR E 172 -30.71 23.23 -23.12
C THR E 172 -31.65 23.43 -24.34
N SER E 173 -32.85 22.89 -24.32
CA SER E 173 -33.74 22.99 -25.48
C SER E 173 -34.56 24.28 -25.46
N ILE E 174 -34.72 24.89 -26.64
CA ILE E 174 -35.60 26.05 -26.77
C ILE E 174 -37.02 25.69 -26.34
N ALA E 175 -37.49 24.49 -26.71
CA ALA E 175 -38.87 24.13 -26.38
C ALA E 175 -39.07 23.95 -24.89
N PHE E 176 -38.06 23.45 -24.19
CA PHE E 176 -38.13 23.34 -22.73
C PHE E 176 -38.20 24.73 -22.07
N ARG E 177 -37.33 25.65 -22.48
CA ARG E 177 -37.38 27.02 -21.98
C ARG E 177 -38.78 27.64 -22.20
N CYS E 178 -39.33 27.47 -23.40
CA CYS E 178 -40.64 28.04 -23.72
C CYS E 178 -41.77 27.41 -22.91
N ILE E 179 -41.88 26.09 -22.94
CA ILE E 179 -43.06 25.40 -22.44
C ILE E 179 -42.92 25.03 -20.96
N ASN E 180 -41.84 24.35 -20.59
CA ASN E 180 -41.70 23.90 -19.21
C ASN E 180 -41.38 25.04 -18.26
N GLU E 181 -40.63 26.05 -18.72
CA GLU E 181 -40.22 27.13 -17.85
C GLU E 181 -41.08 28.39 -18.01
N ASN E 182 -41.06 29.02 -19.18
CA ASN E 182 -41.70 30.33 -19.30
C ASN E 182 -43.22 30.25 -19.29
N LEU E 183 -43.80 29.28 -20.01
CA LEU E 183 -45.26 29.13 -20.00
C LEU E 183 -45.77 28.86 -18.59
N THR E 184 -45.01 28.10 -17.80
CA THR E 184 -45.37 27.87 -16.41
C THR E 184 -45.38 29.18 -15.63
N ARG E 185 -44.29 29.95 -15.69
CA ARG E 185 -44.23 31.23 -15.00
C ARG E 185 -45.36 32.14 -15.48
N TYR E 186 -45.61 32.13 -16.79
CA TYR E 186 -46.63 32.99 -17.39
C TYR E 186 -48.01 32.64 -16.86
N ILE E 187 -48.33 31.34 -16.79
CA ILE E 187 -49.61 30.91 -16.27
C ILE E 187 -49.75 31.30 -14.80
N SER E 188 -48.71 31.05 -14.02
CA SER E 188 -48.72 31.45 -12.60
C SER E 188 -48.93 32.96 -12.44
N ASN E 189 -48.37 33.76 -13.36
CA ASN E 189 -48.60 35.20 -13.32
C ASN E 189 -50.04 35.57 -13.64
N MET E 190 -50.69 34.84 -14.54
CA MET E 190 -52.11 35.05 -14.81
C MET E 190 -52.93 34.91 -13.52
N ASP E 191 -52.65 33.87 -12.74
CA ASP E 191 -53.30 33.73 -11.45
C ASP E 191 -53.01 34.92 -10.55
N ILE E 192 -51.75 35.33 -10.47
CA ILE E 192 -51.39 36.43 -9.58
C ILE E 192 -52.06 37.72 -10.03
N PHE E 193 -52.18 37.93 -11.35
CA PHE E 193 -52.80 39.13 -11.87
C PHE E 193 -54.27 39.21 -11.46
N GLU E 194 -55.02 38.12 -11.58
CA GLU E 194 -56.42 38.12 -11.17
C GLU E 194 -56.56 38.37 -9.68
N LYS E 195 -55.54 38.05 -8.88
CA LYS E 195 -55.60 38.33 -7.45
C LYS E 195 -55.35 39.80 -7.13
N VAL E 196 -54.52 40.48 -7.93
CA VAL E 196 -54.01 41.80 -7.56
C VAL E 196 -54.47 42.89 -8.50
N ASP E 197 -55.17 42.57 -9.58
CA ASP E 197 -55.71 43.53 -10.53
C ASP E 197 -56.23 44.83 -9.90
N ALA E 198 -57.13 44.72 -8.92
CA ALA E 198 -57.80 45.91 -8.40
C ALA E 198 -56.85 46.88 -7.72
N ILE E 199 -55.59 46.49 -7.52
CA ILE E 199 -54.65 47.34 -6.77
C ILE E 199 -54.08 48.47 -7.62
N PHE E 200 -54.12 48.36 -8.95
CA PHE E 200 -53.55 49.37 -9.81
C PHE E 200 -54.64 50.31 -10.29
N ASP E 201 -54.37 51.61 -10.26
CA ASP E 201 -55.34 52.57 -10.78
C ASP E 201 -55.00 52.93 -12.22
N LYS E 202 -55.94 53.62 -12.87
CA LYS E 202 -55.86 53.90 -14.30
C LYS E 202 -54.53 54.57 -14.67
N HIS E 203 -54.11 55.58 -13.90
CA HIS E 203 -52.89 56.30 -14.24
C HIS E 203 -51.68 55.38 -14.23
N GLU E 204 -51.57 54.53 -13.21
CA GLU E 204 -50.45 53.60 -13.15
C GLU E 204 -50.45 52.67 -14.36
N VAL E 205 -51.62 52.09 -14.69
CA VAL E 205 -51.69 51.19 -15.84
C VAL E 205 -51.41 51.96 -17.12
N GLN E 206 -51.92 53.19 -17.19
CA GLN E 206 -51.70 53.98 -18.39
C GLN E 206 -50.24 54.36 -18.56
N GLU E 207 -49.53 54.64 -17.46
CA GLU E 207 -48.12 54.96 -17.63
C GLU E 207 -47.38 53.77 -18.21
N ILE E 208 -47.75 52.56 -17.80
CA ILE E 208 -47.13 51.37 -18.38
C ILE E 208 -47.51 51.21 -19.84
N LYS E 209 -48.78 51.46 -20.18
CA LYS E 209 -49.21 51.32 -21.57
C LYS E 209 -48.43 52.25 -22.48
N GLU E 210 -48.20 53.49 -22.02
CA GLU E 210 -47.58 54.53 -22.85
C GLU E 210 -46.08 54.33 -22.96
N LYS E 211 -45.39 54.15 -21.84
CA LYS E 211 -43.93 54.14 -21.81
C LYS E 211 -43.33 52.76 -22.02
N ILE E 212 -44.13 51.70 -21.98
CA ILE E 212 -43.64 50.33 -22.06
C ILE E 212 -44.25 49.60 -23.25
N LEU E 213 -45.57 49.67 -23.40
CA LEU E 213 -46.24 49.00 -24.49
C LEU E 213 -46.38 49.89 -25.71
N ASN E 214 -45.84 51.11 -25.65
CA ASN E 214 -45.91 52.07 -26.75
C ASN E 214 -47.33 52.17 -27.28
N SER E 215 -48.28 52.11 -26.35
CA SER E 215 -49.71 52.28 -26.62
C SER E 215 -50.21 51.28 -27.64
N ASP E 216 -49.55 50.14 -27.77
CA ASP E 216 -49.95 49.11 -28.72
C ASP E 216 -50.76 47.98 -28.08
N TYR E 217 -50.74 47.86 -26.76
CA TYR E 217 -51.53 46.86 -26.08
C TYR E 217 -52.00 47.42 -24.75
N ASP E 218 -52.83 46.65 -24.07
CA ASP E 218 -53.16 46.94 -22.69
C ASP E 218 -52.40 45.99 -21.79
N VAL E 219 -52.16 46.43 -20.56
CA VAL E 219 -51.42 45.61 -19.61
C VAL E 219 -52.08 44.24 -19.48
N GLU E 220 -53.41 44.20 -19.40
CA GLU E 220 -54.14 42.96 -19.16
C GLU E 220 -53.94 41.94 -20.27
N ASP E 221 -53.56 42.39 -21.47
CA ASP E 221 -53.35 41.45 -22.57
C ASP E 221 -52.31 40.40 -22.21
N PHE E 222 -51.23 40.81 -21.57
CA PHE E 222 -50.13 39.91 -21.25
C PHE E 222 -50.45 38.95 -20.10
N PHE E 223 -51.67 38.99 -19.58
CA PHE E 223 -52.16 37.99 -18.64
C PHE E 223 -53.35 37.23 -19.20
N GLU E 224 -53.44 37.22 -20.53
CA GLU E 224 -54.41 36.43 -21.29
C GLU E 224 -53.66 35.25 -21.90
N GLY E 225 -54.28 34.07 -21.83
CA GLY E 225 -53.63 32.87 -22.31
C GLY E 225 -53.19 32.96 -23.76
N GLU E 226 -54.04 33.50 -24.63
CA GLU E 226 -53.73 33.56 -26.05
C GLU E 226 -52.48 34.41 -26.34
N PHE E 227 -52.15 35.36 -25.48
CA PHE E 227 -51.05 36.26 -25.75
C PHE E 227 -49.69 35.66 -25.51
N PHE E 228 -49.61 34.41 -25.08
CA PHE E 228 -48.32 33.84 -24.72
C PHE E 228 -47.37 33.75 -25.92
N ASN E 229 -47.90 33.64 -27.15
CA ASN E 229 -47.06 33.56 -28.33
C ASN E 229 -46.15 34.77 -28.43
N PHE E 230 -46.61 35.92 -27.93
CA PHE E 230 -45.82 37.15 -27.94
C PHE E 230 -44.49 37.00 -27.18
N VAL E 231 -44.45 36.18 -26.13
CA VAL E 231 -43.23 36.15 -25.33
C VAL E 231 -42.38 34.93 -25.68
N LEU E 232 -42.49 34.42 -26.90
CA LEU E 232 -41.59 33.35 -27.30
C LEU E 232 -40.18 33.87 -27.61
N THR E 233 -40.06 35.11 -28.11
CA THR E 233 -38.78 35.71 -28.46
C THR E 233 -38.33 36.62 -27.34
N GLN E 234 -37.05 36.97 -27.39
CA GLN E 234 -36.48 37.87 -26.38
C GLN E 234 -37.15 39.24 -26.40
N GLU E 235 -37.54 39.71 -27.59
CA GLU E 235 -38.18 41.01 -27.72
C GLU E 235 -39.46 41.10 -26.89
N GLY E 236 -40.29 40.05 -26.94
CA GLY E 236 -41.49 40.04 -26.12
C GLY E 236 -41.18 39.86 -24.64
N ILE E 237 -40.24 38.97 -24.31
CA ILE E 237 -39.89 38.72 -22.92
C ILE E 237 -39.44 40.00 -22.22
N ASP E 238 -38.59 40.79 -22.89
CA ASP E 238 -38.18 42.09 -22.36
C ASP E 238 -39.37 43.01 -22.12
N VAL E 239 -40.28 43.09 -23.10
CA VAL E 239 -41.46 43.91 -22.90
C VAL E 239 -42.24 43.40 -21.69
N TYR E 240 -42.44 42.08 -21.64
CA TYR E 240 -43.19 41.48 -20.55
C TYR E 240 -42.54 41.77 -19.21
N ASN E 241 -41.22 41.60 -19.13
CA ASN E 241 -40.53 41.78 -17.85
C ASN E 241 -40.46 43.26 -17.46
N ALA E 242 -40.53 44.16 -18.42
CA ALA E 242 -40.64 45.58 -18.09
C ALA E 242 -42.01 45.91 -17.49
N ILE E 243 -43.07 45.26 -18.00
CA ILE E 243 -44.36 45.39 -17.32
C ILE E 243 -44.21 45.07 -15.85
N ILE E 244 -43.41 44.06 -15.55
CA ILE E 244 -43.26 43.60 -14.18
C ILE E 244 -42.31 44.50 -13.40
N GLY E 245 -41.20 44.91 -14.03
CA GLY E 245 -40.10 45.49 -13.28
C GLY E 245 -39.83 46.95 -13.58
N GLY E 246 -40.50 47.51 -14.59
CA GLY E 246 -40.24 48.87 -15.00
C GLY E 246 -38.87 48.96 -15.66
N PHE E 247 -38.44 50.20 -15.89
CA PHE E 247 -37.18 50.47 -16.55
C PHE E 247 -36.71 51.89 -16.18
N VAL E 248 -35.44 52.17 -16.49
CA VAL E 248 -34.83 53.45 -16.17
C VAL E 248 -34.76 54.27 -17.45
N THR E 249 -35.35 55.47 -17.42
CA THR E 249 -35.36 56.34 -18.59
C THR E 249 -33.97 56.93 -18.83
N GLU E 250 -33.78 57.52 -20.01
CA GLU E 250 -32.49 58.10 -20.37
C GLU E 250 -32.06 59.22 -19.42
N SER E 251 -33.00 59.77 -18.64
CA SER E 251 -32.72 60.83 -17.70
C SER E 251 -32.50 60.34 -16.27
N GLY E 252 -32.63 59.03 -16.01
CA GLY E 252 -32.41 58.50 -14.69
C GLY E 252 -33.68 58.20 -13.92
N GLU E 253 -34.85 58.56 -14.45
CA GLU E 253 -36.12 58.25 -13.83
C GLU E 253 -36.40 56.75 -13.87
N LYS E 254 -36.83 56.20 -12.73
CA LYS E 254 -37.18 54.79 -12.61
C LYS E 254 -38.69 54.65 -12.75
N ILE E 255 -39.14 54.30 -13.95
CA ILE E 255 -40.54 53.98 -14.17
C ILE E 255 -40.89 52.71 -13.41
N LYS E 256 -42.05 52.73 -12.75
CA LYS E 256 -42.43 51.65 -11.83
C LYS E 256 -43.11 50.52 -12.58
N GLY E 257 -42.76 49.28 -12.21
CA GLY E 257 -43.43 48.10 -12.71
C GLY E 257 -44.48 47.59 -11.74
N LEU E 258 -45.20 46.55 -12.18
CA LEU E 258 -46.30 46.03 -11.37
C LEU E 258 -45.82 45.55 -10.01
N ASN E 259 -44.60 45.00 -9.95
CA ASN E 259 -44.13 44.51 -8.66
C ASN E 259 -43.82 45.66 -7.72
N GLU E 260 -43.31 46.78 -8.25
CA GLU E 260 -43.13 47.95 -7.39
C GLU E 260 -44.47 48.39 -6.81
N TYR E 261 -45.53 48.38 -7.63
CA TYR E 261 -46.84 48.82 -7.15
C TYR E 261 -47.40 47.86 -6.12
N ILE E 262 -47.23 46.56 -6.33
CA ILE E 262 -47.62 45.57 -5.33
C ILE E 262 -46.87 45.82 -4.03
N ASN E 263 -45.55 46.03 -4.13
CA ASN E 263 -44.74 46.21 -2.93
C ASN E 263 -45.14 47.48 -2.18
N LEU E 264 -45.36 48.59 -2.89
CA LEU E 264 -45.76 49.82 -2.22
C LEU E 264 -47.14 49.67 -1.61
N TYR E 265 -48.00 48.89 -2.24
CA TYR E 265 -49.30 48.61 -1.66
C TYR E 265 -49.18 47.76 -0.40
N ASN E 266 -48.32 46.74 -0.45
CA ASN E 266 -48.14 45.89 0.72
C ASN E 266 -47.62 46.69 1.90
N GLN E 267 -46.60 47.53 1.66
CA GLN E 267 -46.00 48.26 2.77
C GLN E 267 -46.92 49.35 3.28
N LYS E 268 -47.75 49.91 2.40
CA LYS E 268 -48.73 50.91 2.80
C LYS E 268 -49.81 50.30 3.66
N THR E 269 -50.40 49.21 3.22
CA THR E 269 -51.54 48.60 3.91
C THR E 269 -51.16 47.46 4.84
N LYS E 270 -49.87 47.12 4.94
CA LYS E 270 -49.42 45.98 5.75
C LYS E 270 -50.13 44.69 5.34
N GLN E 271 -50.54 44.62 4.08
CA GLN E 271 -50.97 43.37 3.47
C GLN E 271 -49.77 42.64 2.87
N LYS E 272 -50.00 41.45 2.31
CA LYS E 272 -48.94 40.62 1.76
C LYS E 272 -49.38 40.00 0.44
N LEU E 273 -49.66 40.85 -0.56
CA LEU E 273 -50.07 40.32 -1.86
C LEU E 273 -48.88 39.71 -2.60
N PRO E 274 -49.10 38.65 -3.36
CA PRO E 274 -48.00 38.03 -4.09
C PRO E 274 -47.51 38.92 -5.23
N LYS E 275 -46.22 38.82 -5.52
CA LYS E 275 -45.63 39.54 -6.66
C LYS E 275 -45.50 38.61 -7.87
N PHE E 276 -45.25 39.20 -9.04
CA PHE E 276 -45.08 38.41 -10.25
C PHE E 276 -43.66 37.86 -10.37
N LYS E 277 -43.53 36.77 -11.19
CA LYS E 277 -42.23 36.20 -11.57
C LYS E 277 -41.86 36.68 -12.97
N PRO E 278 -40.65 37.17 -13.18
CA PRO E 278 -40.22 37.51 -14.53
C PRO E 278 -39.95 36.25 -15.34
N LEU E 279 -40.01 36.39 -16.66
CA LEU E 279 -39.69 35.28 -17.54
C LEU E 279 -38.18 35.17 -17.72
N TYR E 280 -37.71 33.92 -17.83
CA TYR E 280 -36.34 33.59 -18.23
C TYR E 280 -36.08 34.04 -19.66
N LYS E 281 -34.79 34.18 -20.00
CA LYS E 281 -34.46 34.67 -21.33
C LYS E 281 -34.70 33.58 -22.38
N GLN E 282 -34.80 34.00 -23.63
CA GLN E 282 -34.86 33.00 -24.68
CA GLN E 282 -34.85 33.09 -24.77
C GLN E 282 -33.44 32.55 -25.04
N VAL E 283 -33.35 31.26 -25.40
CA VAL E 283 -32.04 30.65 -25.64
C VAL E 283 -31.31 31.37 -26.76
N LEU E 284 -30.06 31.77 -26.49
CA LEU E 284 -29.10 32.31 -27.44
C LEU E 284 -29.31 33.78 -27.73
N SER E 285 -30.35 34.41 -27.20
CA SER E 285 -30.57 35.83 -27.48
C SER E 285 -29.44 36.67 -26.91
N ASP E 286 -29.15 37.78 -27.57
CA ASP E 286 -28.16 38.74 -27.10
C ASP E 286 -28.89 40.06 -27.23
N ARG E 287 -29.63 40.43 -26.18
CA ARG E 287 -30.41 41.66 -26.25
C ARG E 287 -30.00 42.62 -25.14
N GLU E 288 -30.20 43.90 -25.43
CA GLU E 288 -29.86 44.97 -24.51
C GLU E 288 -31.04 45.26 -23.60
N SER E 289 -30.72 45.78 -22.41
CA SER E 289 -31.73 46.18 -21.44
C SER E 289 -32.68 47.22 -22.03
N LEU E 290 -33.90 47.27 -21.49
CA LEU E 290 -34.74 48.42 -21.78
C LEU E 290 -34.36 49.62 -20.94
N SER E 291 -33.61 49.42 -19.87
CA SER E 291 -33.14 50.51 -19.03
C SER E 291 -31.87 51.13 -19.59
N PHE E 292 -31.75 52.43 -19.45
CA PHE E 292 -30.55 53.14 -19.85
C PHE E 292 -29.54 53.18 -18.71
N TYR E 293 -28.27 53.14 -19.08
CA TYR E 293 -27.17 53.24 -18.12
C TYR E 293 -25.94 53.74 -18.84
N GLY E 294 -25.35 54.83 -18.34
CA GLY E 294 -24.35 55.55 -19.07
C GLY E 294 -23.16 54.70 -19.46
N GLU E 295 -22.36 55.24 -20.37
CA GLU E 295 -21.10 54.62 -20.77
C GLU E 295 -20.10 54.71 -19.62
N GLY E 296 -19.25 53.70 -19.53
CA GLY E 296 -18.26 53.59 -18.47
C GLY E 296 -16.88 54.00 -18.92
N TYR E 297 -15.87 53.40 -18.31
CA TYR E 297 -14.47 53.66 -18.59
C TYR E 297 -13.81 52.38 -19.07
N THR E 298 -12.73 52.53 -19.86
CA THR E 298 -12.12 51.37 -20.51
C THR E 298 -10.59 51.36 -20.43
N SER E 299 -9.99 52.16 -19.56
CA SER E 299 -8.53 52.13 -19.44
C SER E 299 -8.12 52.83 -18.16
N ASP E 300 -6.96 52.43 -17.63
CA ASP E 300 -6.46 53.03 -16.40
C ASP E 300 -6.27 54.52 -16.56
N GLU E 301 -5.64 54.94 -17.67
CA GLU E 301 -5.38 56.36 -17.89
C GLU E 301 -6.68 57.15 -17.98
N GLU E 302 -7.73 56.55 -18.51
CA GLU E 302 -9.02 57.23 -18.56
C GLU E 302 -9.58 57.44 -17.16
N VAL E 303 -9.50 56.41 -16.32
CA VAL E 303 -9.98 56.52 -14.93
C VAL E 303 -9.17 57.56 -14.17
N LEU E 304 -7.85 57.55 -14.35
CA LEU E 304 -7.00 58.45 -13.58
C LEU E 304 -7.21 59.90 -13.99
N GLU E 305 -7.37 60.16 -15.29
CA GLU E 305 -7.63 61.52 -15.73
C GLU E 305 -9.00 62.00 -15.25
N VAL E 306 -10.00 61.12 -15.28
CA VAL E 306 -11.32 61.46 -14.74
C VAL E 306 -11.23 61.73 -13.24
N PHE E 307 -10.58 60.83 -12.50
CA PHE E 307 -10.46 61.00 -11.06
C PHE E 307 -9.69 62.25 -10.69
N ARG E 308 -8.69 62.63 -11.50
CA ARG E 308 -7.96 63.86 -11.24
C ARG E 308 -8.73 65.10 -11.68
N ASN E 309 -9.31 65.05 -12.89
CA ASN E 309 -9.97 66.25 -13.39
C ASN E 309 -11.21 66.61 -12.57
N THR E 310 -11.95 65.62 -12.05
CA THR E 310 -13.22 65.88 -11.40
C THR E 310 -13.17 65.94 -9.88
N LEU E 311 -12.08 65.49 -9.26
CA LEU E 311 -12.01 65.46 -7.80
C LEU E 311 -10.80 66.18 -7.22
N ASN E 312 -9.98 66.83 -8.05
CA ASN E 312 -8.90 67.65 -7.52
C ASN E 312 -9.48 68.90 -6.85
N LYS E 313 -8.60 69.65 -6.17
CA LYS E 313 -9.07 70.76 -5.34
C LYS E 313 -9.57 71.94 -6.16
N ASN E 314 -9.16 72.06 -7.43
CA ASN E 314 -9.67 73.09 -8.34
C ASN E 314 -10.99 72.73 -9.02
N SER E 315 -11.45 71.49 -8.89
CA SER E 315 -12.65 71.02 -9.59
C SER E 315 -13.91 71.61 -8.98
N GLU E 316 -14.99 71.61 -9.78
CA GLU E 316 -16.26 72.13 -9.30
C GLU E 316 -16.85 71.27 -8.18
N ILE E 317 -16.53 69.98 -8.11
CA ILE E 317 -17.07 69.17 -7.03
C ILE E 317 -16.47 69.58 -5.69
N PHE E 318 -15.16 69.82 -5.65
CA PHE E 318 -14.54 70.20 -4.40
C PHE E 318 -15.02 71.58 -3.94
N SER E 319 -15.15 72.53 -4.86
CA SER E 319 -15.63 73.84 -4.47
C SER E 319 -17.05 73.76 -3.92
N SER E 320 -17.92 73.02 -4.60
CA SER E 320 -19.28 72.88 -4.10
C SER E 320 -19.29 72.23 -2.72
N ILE E 321 -18.30 71.38 -2.44
CA ILE E 321 -18.13 70.91 -1.07
C ILE E 321 -17.77 72.07 -0.16
N LYS E 322 -16.85 72.93 -0.60
CA LYS E 322 -16.45 74.05 0.23
C LYS E 322 -17.59 75.05 0.39
N LYS E 323 -18.28 75.40 -0.71
CA LYS E 323 -19.44 76.27 -0.60
C LYS E 323 -20.47 75.68 0.36
N LEU E 324 -20.73 74.37 0.26
CA LEU E 324 -21.64 73.72 1.22
C LEU E 324 -21.06 73.74 2.63
N GLU E 325 -19.74 73.68 2.74
CA GLU E 325 -19.08 73.79 4.05
C GLU E 325 -19.37 75.15 4.68
N LYS E 326 -19.06 76.23 3.96
CA LYS E 326 -19.31 77.58 4.45
C LYS E 326 -20.78 77.76 4.85
N LEU E 327 -21.69 77.24 4.03
CA LEU E 327 -23.12 77.42 4.26
C LEU E 327 -23.52 76.89 5.63
N PHE E 328 -23.17 75.63 5.92
CA PHE E 328 -23.55 75.04 7.20
C PHE E 328 -22.80 75.67 8.37
N LYS E 329 -21.54 76.07 8.17
CA LYS E 329 -20.82 76.82 9.19
C LYS E 329 -21.58 78.08 9.58
N ASN E 330 -22.39 78.62 8.66
CA ASN E 330 -23.19 79.81 8.93
C ASN E 330 -24.64 79.48 9.24
N PHE E 331 -24.91 78.23 9.67
CA PHE E 331 -26.28 77.79 9.91
C PHE E 331 -27.06 78.79 10.76
N ASP E 332 -26.38 79.43 11.72
CA ASP E 332 -27.04 80.39 12.59
C ASP E 332 -27.43 81.67 11.86
N GLU E 333 -26.88 81.92 10.68
CA GLU E 333 -27.25 83.08 9.88
C GLU E 333 -28.55 82.86 9.11
N TYR E 334 -29.17 81.70 9.23
CA TYR E 334 -30.39 81.42 8.51
C TYR E 334 -31.50 81.11 9.52
N SER E 335 -32.73 81.15 9.04
CA SER E 335 -33.88 80.82 9.88
C SER E 335 -33.97 79.31 10.04
N SER E 336 -33.90 78.84 11.29
CA SER E 336 -34.06 77.42 11.55
C SER E 336 -35.51 76.97 11.33
N ALA E 337 -36.46 77.91 11.29
CA ALA E 337 -37.83 77.57 10.91
C ALA E 337 -38.00 77.38 9.41
N GLY E 338 -37.05 77.85 8.61
CA GLY E 338 -37.20 77.80 7.17
C GLY E 338 -36.33 76.78 6.48
N ILE E 339 -35.59 76.00 7.26
CA ILE E 339 -34.75 74.92 6.76
C ILE E 339 -35.37 73.60 7.20
N PHE E 340 -35.55 72.68 6.26
CA PHE E 340 -36.41 71.53 6.48
C PHE E 340 -35.69 70.22 6.18
N VAL E 341 -36.15 69.17 6.85
CA VAL E 341 -35.70 67.80 6.68
C VAL E 341 -36.91 66.97 6.27
N LYS E 342 -36.81 66.27 5.13
CA LYS E 342 -37.97 65.63 4.54
C LYS E 342 -38.33 64.37 5.33
N ASN E 343 -39.61 64.21 5.62
CA ASN E 343 -40.05 63.02 6.32
C ASN E 343 -39.78 61.79 5.46
N GLY E 344 -39.21 60.77 6.08
CA GLY E 344 -38.72 59.62 5.37
C GLY E 344 -37.34 59.28 5.87
N PRO E 345 -36.51 58.71 5.00
CA PRO E 345 -35.11 58.45 5.40
C PRO E 345 -34.40 59.65 5.99
N ALA E 346 -34.67 60.87 5.49
CA ALA E 346 -33.92 62.03 5.99
C ALA E 346 -34.21 62.28 7.46
N ILE E 347 -35.46 62.13 7.88
CA ILE E 347 -35.80 62.28 9.29
C ILE E 347 -35.16 61.18 10.11
N SER E 348 -35.25 59.93 9.62
CA SER E 348 -34.58 58.81 10.27
C SER E 348 -33.10 59.06 10.39
N THR E 349 -32.47 59.54 9.30
CA THR E 349 -31.04 59.85 9.33
C THR E 349 -30.73 60.91 10.38
N ILE E 350 -31.44 62.05 10.32
CA ILE E 350 -31.21 63.13 11.27
C ILE E 350 -31.54 62.68 12.69
N SER E 351 -32.51 61.77 12.86
CA SER E 351 -32.88 61.31 14.19
C SER E 351 -31.74 60.55 14.86
N LYS E 352 -31.12 59.61 14.13
CA LYS E 352 -29.98 58.87 14.71
C LYS E 352 -28.81 59.78 15.01
N ASP E 353 -28.55 60.76 14.13
CA ASP E 353 -27.43 61.69 14.33
C ASP E 353 -27.65 62.58 15.55
N ILE E 354 -28.88 63.05 15.75
CA ILE E 354 -29.14 64.02 16.80
C ILE E 354 -29.63 63.38 18.11
N PHE E 355 -30.20 62.19 18.05
CA PHE E 355 -30.73 61.58 19.27
C PHE E 355 -30.26 60.15 19.53
N GLY E 356 -29.54 59.53 18.60
CA GLY E 356 -29.00 58.20 18.86
C GLY E 356 -29.68 57.07 18.10
N GLU E 357 -31.01 57.07 18.07
CA GLU E 357 -31.77 56.02 17.42
C GLU E 357 -32.63 56.62 16.31
N TRP E 358 -32.71 55.89 15.20
CA TRP E 358 -33.42 56.35 14.00
C TRP E 358 -34.86 56.76 14.29
N ASN E 359 -35.47 56.24 15.36
CA ASN E 359 -36.90 56.34 15.58
C ASN E 359 -37.31 57.41 16.59
N VAL E 360 -36.35 58.06 17.24
CA VAL E 360 -36.67 59.01 18.31
C VAL E 360 -37.63 60.10 17.81
N ILE E 361 -37.31 60.69 16.65
CA ILE E 361 -38.14 61.78 16.14
C ILE E 361 -39.59 61.32 15.98
N ARG E 362 -39.78 60.14 15.37
CA ARG E 362 -41.11 59.56 15.26
C ARG E 362 -41.78 59.47 16.62
N ASP E 363 -41.08 58.93 17.62
CA ASP E 363 -41.72 58.72 18.92
C ASP E 363 -42.06 60.04 19.61
N LYS E 364 -41.17 61.03 19.53
CA LYS E 364 -41.51 62.34 20.11
C LYS E 364 -42.74 62.94 19.45
N TRP E 365 -42.87 62.76 18.13
CA TRP E 365 -44.08 63.23 17.45
C TRP E 365 -45.30 62.42 17.87
N ASN E 366 -45.13 61.10 18.08
CA ASN E 366 -46.26 60.26 18.48
C ASN E 366 -46.79 60.66 19.85
N ALA E 367 -45.90 61.08 20.74
CA ALA E 367 -46.34 61.57 22.05
C ALA E 367 -47.13 62.86 21.92
N GLU E 368 -46.68 63.79 21.06
CA GLU E 368 -47.39 65.04 20.89
C GLU E 368 -48.76 64.82 20.26
N TYR E 369 -48.85 63.84 19.36
CA TYR E 369 -50.15 63.40 18.85
C TYR E 369 -50.97 62.72 19.94
N ASP E 370 -50.29 61.98 20.84
CA ASP E 370 -50.99 61.26 21.90
C ASP E 370 -51.66 62.22 22.87
N ASP E 371 -50.92 63.24 23.33
CA ASP E 371 -51.50 64.17 24.31
C ASP E 371 -52.79 64.77 23.79
N ILE E 372 -52.85 65.06 22.49
CA ILE E 372 -54.03 65.68 21.90
C ILE E 372 -55.15 64.65 21.70
N HIS E 373 -54.81 63.48 21.15
CA HIS E 373 -55.82 62.54 20.63
C HIS E 373 -56.10 61.35 21.54
N LEU E 374 -55.45 61.23 22.69
CA LEU E 374 -55.64 60.08 23.57
C LEU E 374 -56.04 60.51 24.99
N VAL E 380 -56.86 52.74 22.51
CA VAL E 380 -55.63 51.96 22.51
C VAL E 380 -55.61 51.02 21.30
N THR E 381 -56.54 51.21 20.37
CA THR E 381 -56.81 50.24 19.31
C THR E 381 -55.79 50.32 18.18
N GLU E 382 -55.91 49.36 17.26
CA GLU E 382 -55.15 49.41 16.01
C GLU E 382 -55.65 50.53 15.11
N LYS E 383 -56.94 50.86 15.18
CA LYS E 383 -57.43 52.02 14.46
C LYS E 383 -56.70 53.28 14.91
N TYR E 384 -56.50 53.44 16.22
CA TYR E 384 -55.82 54.62 16.73
C TYR E 384 -54.40 54.71 16.20
N GLU E 385 -53.63 53.63 16.32
CA GLU E 385 -52.25 53.62 15.84
C GLU E 385 -52.19 53.73 14.33
N ASP E 386 -53.16 53.19 13.60
CA ASP E 386 -53.12 53.31 12.15
C ASP E 386 -53.56 54.70 11.70
N ASP E 387 -54.58 55.26 12.35
CA ASP E 387 -54.87 56.67 12.16
C ASP E 387 -53.61 57.49 12.43
N ARG E 388 -52.98 57.26 13.58
CA ARG E 388 -51.79 58.01 13.98
C ARG E 388 -50.72 57.95 12.88
N ARG E 389 -50.41 56.76 12.38
CA ARG E 389 -49.38 56.61 11.37
C ARG E 389 -49.76 57.31 10.06
N LYS E 390 -51.04 57.25 9.68
CA LYS E 390 -51.49 57.96 8.49
C LYS E 390 -51.26 59.46 8.64
N SER E 391 -51.67 60.03 9.78
CA SER E 391 -51.45 61.46 10.01
C SER E 391 -49.97 61.82 9.94
N PHE E 392 -49.11 60.99 10.54
CA PHE E 392 -47.67 61.23 10.46
C PHE E 392 -47.20 61.28 9.02
N LYS E 393 -47.76 60.40 8.17
CA LYS E 393 -47.38 60.43 6.77
C LYS E 393 -47.71 61.78 6.14
N LYS E 394 -48.87 62.34 6.49
CA LYS E 394 -49.27 63.62 5.92
C LYS E 394 -48.31 64.76 6.25
N ILE E 395 -47.35 64.52 7.14
CA ILE E 395 -46.34 65.53 7.48
C ILE E 395 -45.17 65.37 6.52
N GLY E 396 -45.07 66.30 5.57
CA GLY E 396 -44.06 66.16 4.54
C GLY E 396 -42.65 66.36 5.03
N SER E 397 -42.47 67.20 6.06
CA SER E 397 -41.13 67.54 6.52
C SER E 397 -41.20 68.26 7.86
N PHE E 398 -40.04 68.36 8.50
CA PHE E 398 -39.89 69.09 9.75
C PHE E 398 -38.82 70.17 9.59
N SER E 399 -39.06 71.32 10.21
CA SER E 399 -38.05 72.36 10.20
C SER E 399 -37.03 72.09 11.29
N LEU E 400 -35.82 72.63 11.08
CA LEU E 400 -34.83 72.60 12.15
C LEU E 400 -35.41 73.14 13.44
N GLU E 401 -36.12 74.28 13.38
CA GLU E 401 -36.69 74.84 14.61
C GLU E 401 -37.69 73.89 15.25
N GLN E 402 -38.46 73.16 14.44
CA GLN E 402 -39.36 72.16 15.03
C GLN E 402 -38.57 71.08 15.75
N LEU E 403 -37.50 70.58 15.12
CA LEU E 403 -36.70 69.52 15.73
C LEU E 403 -36.03 70.00 17.01
N GLN E 404 -35.75 71.31 17.11
CA GLN E 404 -35.17 71.85 18.32
C GLN E 404 -36.18 71.81 19.46
N GLU E 405 -37.47 71.90 19.15
CA GLU E 405 -38.47 71.77 20.19
C GLU E 405 -38.46 70.37 20.81
N TYR E 406 -37.94 69.39 20.08
CA TYR E 406 -37.85 68.03 20.58
C TYR E 406 -36.62 67.82 21.46
N ALA E 407 -35.54 68.56 21.20
CA ALA E 407 -34.29 68.35 21.93
C ALA E 407 -34.40 68.89 23.35
N ASP E 408 -33.51 68.39 24.21
CA ASP E 408 -33.36 68.92 25.55
C ASP E 408 -32.76 70.32 25.50
N ALA E 409 -32.67 70.97 26.67
CA ALA E 409 -32.02 72.27 26.76
C ALA E 409 -30.50 72.17 26.71
N ASP E 410 -29.94 70.97 26.84
CA ASP E 410 -28.50 70.76 26.71
C ASP E 410 -28.07 70.56 25.26
N LEU E 411 -28.99 70.16 24.37
CA LEU E 411 -28.69 69.88 22.98
C LEU E 411 -29.19 71.03 22.10
N SER E 412 -28.28 71.69 21.40
CA SER E 412 -28.65 72.56 20.30
C SER E 412 -28.62 71.78 19.00
N VAL E 413 -29.79 71.66 18.36
CA VAL E 413 -29.87 70.87 17.13
C VAL E 413 -28.98 71.45 16.04
N VAL E 414 -29.09 72.76 15.81
CA VAL E 414 -28.28 73.42 14.79
C VAL E 414 -26.79 73.22 15.06
N GLU E 415 -26.36 73.40 16.31
CA GLU E 415 -24.94 73.24 16.58
C GLU E 415 -24.52 71.79 16.45
N LYS E 416 -25.43 70.85 16.71
CA LYS E 416 -25.10 69.44 16.58
C LYS E 416 -24.93 69.06 15.12
N LEU E 417 -25.76 69.62 14.24
CA LEU E 417 -25.62 69.34 12.82
C LEU E 417 -24.38 70.00 12.26
N LYS E 418 -24.01 71.18 12.78
CA LYS E 418 -22.75 71.81 12.40
C LYS E 418 -21.55 70.93 12.75
N GLU E 419 -21.55 70.36 13.95
CA GLU E 419 -20.44 69.50 14.34
C GLU E 419 -20.33 68.30 13.42
N ILE E 420 -21.45 67.81 12.90
CA ILE E 420 -21.40 66.60 12.08
C ILE E 420 -20.81 66.90 10.71
N ILE E 421 -21.28 67.97 10.06
CA ILE E 421 -20.78 68.29 8.73
C ILE E 421 -19.29 68.64 8.78
N ILE E 422 -18.86 69.34 9.84
CA ILE E 422 -17.43 69.58 10.05
C ILE E 422 -16.67 68.27 10.13
N GLN E 423 -17.22 67.26 10.81
CA GLN E 423 -16.57 65.96 10.87
C GLN E 423 -16.39 65.36 9.49
N LYS E 424 -17.38 65.52 8.61
CA LYS E 424 -17.33 64.90 7.29
C LYS E 424 -16.40 65.67 6.35
N VAL E 425 -16.40 67.00 6.45
CA VAL E 425 -15.43 67.77 5.70
C VAL E 425 -14.02 67.49 6.19
N ASP E 426 -13.84 67.46 7.52
CA ASP E 426 -12.56 67.04 8.09
C ASP E 426 -12.11 65.72 7.47
N GLU E 427 -12.97 64.69 7.53
CA GLU E 427 -12.63 63.40 6.94
C GLU E 427 -12.28 63.53 5.46
N ILE E 428 -12.92 64.46 4.75
CA ILE E 428 -12.58 64.64 3.34
C ILE E 428 -11.13 65.09 3.21
N TYR E 429 -10.71 66.05 4.04
CA TYR E 429 -9.34 66.56 3.92
C TYR E 429 -8.32 65.52 4.36
N LYS E 430 -8.63 64.73 5.40
CA LYS E 430 -7.69 63.68 5.81
C LYS E 430 -7.45 62.68 4.69
N VAL E 431 -8.44 62.47 3.82
CA VAL E 431 -8.26 61.59 2.67
C VAL E 431 -7.64 62.33 1.48
N TYR E 432 -7.99 63.60 1.28
CA TYR E 432 -7.32 64.39 0.25
C TYR E 432 -5.82 64.45 0.47
N GLY E 433 -5.39 64.47 1.73
CA GLY E 433 -3.97 64.45 2.02
C GLY E 433 -3.30 63.20 1.47
N SER E 434 -3.89 62.04 1.76
CA SER E 434 -3.35 60.77 1.30
C SER E 434 -3.42 60.60 -0.21
N SER E 435 -4.17 61.45 -0.90
CA SER E 435 -4.34 61.31 -2.34
C SER E 435 -3.56 62.34 -3.13
N GLU E 436 -2.79 63.22 -2.48
CA GLU E 436 -2.11 64.29 -3.19
C GLU E 436 -1.20 63.74 -4.28
N LYS E 437 -0.50 62.63 -4.00
CA LYS E 437 0.42 62.06 -4.99
C LYS E 437 -0.34 61.55 -6.22
N LEU E 438 -1.52 60.95 -6.02
CA LEU E 438 -2.35 60.57 -7.16
C LEU E 438 -2.65 61.76 -8.05
N PHE E 439 -2.98 62.91 -7.44
CA PHE E 439 -3.27 64.10 -8.22
C PHE E 439 -2.02 64.72 -8.83
N ASP E 440 -0.85 64.43 -8.26
CA ASP E 440 0.38 65.14 -8.60
C ASP E 440 0.70 65.03 -10.09
N ALA E 441 1.68 65.85 -10.50
CA ALA E 441 1.99 66.12 -11.90
C ALA E 441 2.29 64.85 -12.70
N ASP E 442 1.31 64.40 -13.48
CA ASP E 442 1.45 63.24 -14.36
C ASP E 442 2.00 62.03 -13.59
N PHE E 443 1.29 61.66 -12.53
CA PHE E 443 1.67 60.51 -11.73
C PHE E 443 1.65 59.25 -12.59
N VAL E 444 2.66 58.41 -12.41
CA VAL E 444 2.80 57.17 -13.17
C VAL E 444 2.50 56.00 -12.24
N LEU E 445 1.43 55.29 -12.52
CA LEU E 445 1.08 54.13 -11.72
C LEU E 445 1.98 52.97 -12.12
N GLU E 446 2.52 52.27 -11.13
CA GLU E 446 3.45 51.17 -11.40
C GLU E 446 2.75 49.83 -11.60
N LYS E 447 1.47 49.72 -11.24
CA LYS E 447 0.72 48.49 -11.44
C LYS E 447 -0.65 48.81 -11.98
N SER E 448 -1.16 47.91 -12.81
CA SER E 448 -2.50 48.05 -13.34
C SER E 448 -3.51 48.26 -12.22
N LEU E 449 -4.50 49.13 -12.49
CA LEU E 449 -5.49 49.47 -11.46
C LEU E 449 -6.25 48.24 -10.99
N LYS E 450 -6.53 47.29 -11.88
CA LYS E 450 -7.24 46.10 -11.42
C LYS E 450 -6.37 45.19 -10.55
N LYS E 451 -5.06 45.44 -10.47
CA LYS E 451 -4.17 44.69 -9.58
C LYS E 451 -3.60 45.55 -8.46
N ASN E 452 -3.99 46.83 -8.38
CA ASN E 452 -3.31 47.80 -7.53
C ASN E 452 -4.21 48.14 -6.35
N ASP E 453 -4.08 47.37 -5.27
CA ASP E 453 -4.88 47.61 -4.08
C ASP E 453 -4.58 48.98 -3.48
N ALA E 454 -3.30 49.35 -3.43
CA ALA E 454 -2.92 50.58 -2.75
C ALA E 454 -3.52 51.80 -3.44
N VAL E 455 -3.41 51.87 -4.77
CA VAL E 455 -3.94 53.04 -5.46
C VAL E 455 -5.46 53.05 -5.41
N VAL E 456 -6.09 51.89 -5.45
CA VAL E 456 -7.55 51.83 -5.44
C VAL E 456 -8.08 52.22 -4.06
N ALA E 457 -7.43 51.74 -2.99
CA ALA E 457 -7.84 52.15 -1.65
C ALA E 457 -7.83 53.67 -1.51
N ILE E 458 -6.79 54.33 -2.05
CA ILE E 458 -6.74 55.79 -2.01
C ILE E 458 -7.92 56.40 -2.75
N MET E 459 -8.19 55.91 -3.97
CA MET E 459 -9.33 56.42 -4.72
C MET E 459 -10.64 56.18 -3.97
N LYS E 460 -10.81 54.98 -3.43
CA LYS E 460 -12.09 54.63 -2.81
C LYS E 460 -12.31 55.41 -1.52
N ASP E 461 -11.24 55.64 -0.75
CA ASP E 461 -11.35 56.50 0.43
C ASP E 461 -11.86 57.87 0.05
N LEU E 462 -11.28 58.47 -0.99
CA LEU E 462 -11.72 59.80 -1.41
C LEU E 462 -13.17 59.78 -1.80
N LEU E 463 -13.54 58.83 -2.67
CA LEU E 463 -14.91 58.76 -3.17
C LEU E 463 -15.90 58.49 -2.04
N ASP E 464 -15.53 57.63 -1.09
CA ASP E 464 -16.42 57.30 0.02
C ASP E 464 -16.68 58.52 0.89
N SER E 465 -15.62 59.25 1.27
CA SER E 465 -15.83 60.46 2.06
C SER E 465 -16.74 61.43 1.34
N VAL E 466 -16.57 61.59 0.02
CA VAL E 466 -17.44 62.50 -0.71
C VAL E 466 -18.87 62.00 -0.74
N LYS E 467 -19.06 60.69 -0.80
CA LYS E 467 -20.42 60.16 -0.84
C LYS E 467 -21.09 60.28 0.53
N SER E 468 -20.33 60.01 1.60
CA SER E 468 -20.86 60.19 2.94
C SER E 468 -21.37 61.62 3.14
N PHE E 469 -20.56 62.60 2.75
CA PHE E 469 -20.94 64.01 2.85
C PHE E 469 -22.19 64.30 2.01
N GLU E 470 -22.17 63.88 0.74
CA GLU E 470 -23.33 64.07 -0.13
C GLU E 470 -24.60 63.47 0.48
N ASN E 471 -24.47 62.28 1.07
CA ASN E 471 -25.65 61.62 1.62
C ASN E 471 -26.22 62.41 2.78
N TYR E 472 -25.36 62.82 3.71
CA TYR E 472 -25.83 63.64 4.83
C TYR E 472 -26.44 64.96 4.33
N ILE E 473 -25.79 65.62 3.37
CA ILE E 473 -26.28 66.90 2.85
C ILE E 473 -27.69 66.76 2.30
N LYS E 474 -27.98 65.60 1.68
CA LYS E 474 -29.28 65.38 1.04
C LYS E 474 -30.42 65.50 2.02
N ALA E 475 -30.16 65.18 3.29
CA ALA E 475 -31.20 65.23 4.32
C ALA E 475 -31.84 66.61 4.45
N PHE E 476 -31.13 67.67 4.06
CA PHE E 476 -31.57 69.03 4.35
C PHE E 476 -32.34 69.67 3.20
N PHE E 477 -32.63 68.90 2.14
CA PHE E 477 -33.32 69.47 0.99
C PHE E 477 -34.75 69.83 1.35
N GLY E 478 -35.40 69.02 2.17
CA GLY E 478 -36.77 69.25 2.54
C GLY E 478 -37.72 68.55 1.58
N GLU E 479 -39.00 68.88 1.74
CA GLU E 479 -40.01 68.32 0.86
C GLU E 479 -39.97 69.01 -0.51
N GLY E 480 -39.72 70.32 -0.53
CA GLY E 480 -39.55 71.09 -1.76
C GLY E 480 -40.59 72.17 -1.97
N LYS E 481 -41.77 72.03 -1.36
CA LYS E 481 -42.89 72.95 -1.57
C LYS E 481 -43.28 73.73 -0.32
N GLU E 482 -42.51 73.62 0.76
CA GLU E 482 -42.90 74.25 2.02
C GLU E 482 -43.04 75.77 1.85
N THR E 483 -43.81 76.38 2.75
CA THR E 483 -44.12 77.78 2.58
C THR E 483 -43.09 78.70 3.25
N ASN E 484 -42.48 78.29 4.36
CA ASN E 484 -41.55 79.16 5.05
C ASN E 484 -40.10 78.97 4.58
N ARG E 485 -39.91 78.38 3.41
CA ARG E 485 -38.57 77.99 2.96
CA ARG E 485 -38.58 77.99 2.94
C ARG E 485 -37.66 79.21 2.85
N ASP E 486 -36.50 79.13 3.50
CA ASP E 486 -35.53 80.23 3.56
C ASP E 486 -34.70 80.20 2.28
N GLU E 487 -35.03 81.10 1.34
CA GLU E 487 -34.42 81.05 0.02
C GLU E 487 -32.99 81.55 -0.01
N SER E 488 -32.58 82.39 0.95
CA SER E 488 -31.17 82.73 1.05
C SER E 488 -30.34 81.50 1.31
N PHE E 489 -30.82 80.61 2.19
CA PHE E 489 -30.16 79.33 2.35
C PHE E 489 -30.30 78.48 1.10
N TYR E 490 -31.54 78.19 0.68
CA TYR E 490 -31.70 77.16 -0.35
C TYR E 490 -31.25 77.62 -1.74
N GLY E 491 -31.02 78.91 -1.96
CA GLY E 491 -30.46 79.32 -3.24
C GLY E 491 -29.08 78.73 -3.47
N ASP E 492 -28.18 78.93 -2.52
CA ASP E 492 -26.83 78.39 -2.66
C ASP E 492 -26.82 76.87 -2.48
N PHE E 493 -27.63 76.36 -1.55
CA PHE E 493 -27.64 74.92 -1.28
C PHE E 493 -27.94 74.13 -2.55
N VAL E 494 -29.08 74.41 -3.17
CA VAL E 494 -29.45 73.72 -4.40
C VAL E 494 -28.34 73.83 -5.44
N LEU E 495 -27.74 75.00 -5.57
CA LEU E 495 -26.72 75.21 -6.59
C LEU E 495 -25.51 74.33 -6.32
N ALA E 496 -25.04 74.29 -5.07
CA ALA E 496 -23.89 73.46 -4.76
C ALA E 496 -24.25 71.98 -4.76
N TYR E 497 -25.50 71.64 -4.42
CA TYR E 497 -25.86 70.24 -4.31
C TYR E 497 -25.94 69.59 -5.68
N ASP E 498 -26.45 70.31 -6.67
CA ASP E 498 -26.55 69.73 -8.00
C ASP E 498 -25.16 69.48 -8.60
N ILE E 499 -24.20 70.36 -8.32
CA ILE E 499 -22.83 70.09 -8.74
C ILE E 499 -22.29 68.88 -8.00
N LEU E 500 -22.54 68.81 -6.68
CA LEU E 500 -22.10 67.65 -5.90
C LEU E 500 -22.65 66.35 -6.46
N LEU E 501 -23.85 66.40 -7.04
CA LEU E 501 -24.51 65.21 -7.55
C LEU E 501 -23.76 64.56 -8.69
N LYS E 502 -22.90 65.32 -9.39
CA LYS E 502 -22.14 64.74 -10.47
C LYS E 502 -21.20 63.63 -10.01
N VAL E 503 -20.93 63.52 -8.71
CA VAL E 503 -20.07 62.44 -8.24
C VAL E 503 -20.75 61.08 -8.40
N ASP E 504 -22.09 61.06 -8.41
CA ASP E 504 -22.85 59.82 -8.50
C ASP E 504 -22.37 58.95 -9.67
N HIS E 505 -22.35 59.52 -10.89
CA HIS E 505 -21.95 58.72 -12.04
C HIS E 505 -20.48 58.35 -11.95
N ILE E 506 -19.64 59.28 -11.50
CA ILE E 506 -18.21 59.01 -11.40
C ILE E 506 -17.96 57.87 -10.43
N TYR E 507 -18.70 57.85 -9.32
CA TYR E 507 -18.53 56.79 -8.33
C TYR E 507 -18.84 55.43 -8.94
N ASP E 508 -20.00 55.30 -9.59
CA ASP E 508 -20.37 54.03 -10.19
C ASP E 508 -19.37 53.61 -11.25
N ALA E 509 -18.97 54.54 -12.11
CA ALA E 509 -18.12 54.16 -13.22
C ALA E 509 -16.72 53.78 -12.75
N ILE E 510 -16.21 54.44 -11.71
CA ILE E 510 -14.92 54.03 -11.17
C ILE E 510 -15.02 52.66 -10.53
N ARG E 511 -16.04 52.44 -9.69
CA ARG E 511 -16.27 51.12 -9.11
C ARG E 511 -16.43 50.05 -10.21
N ASN E 512 -17.21 50.37 -11.25
CA ASN E 512 -17.50 49.40 -12.30
C ASN E 512 -16.23 48.93 -12.99
N TYR E 513 -15.29 49.84 -13.23
CA TYR E 513 -14.03 49.48 -13.84
C TYR E 513 -13.11 48.77 -12.84
N VAL E 514 -12.93 49.38 -11.67
CA VAL E 514 -11.83 49.03 -10.80
C VAL E 514 -12.05 47.70 -10.10
N THR E 515 -13.27 47.17 -10.12
CA THR E 515 -13.54 45.88 -9.54
C THR E 515 -13.51 44.75 -10.57
N GLN E 516 -13.18 45.03 -11.84
CA GLN E 516 -13.01 43.99 -12.84
C GLN E 516 -11.78 43.15 -12.55
N LYS E 517 -11.93 41.82 -12.56
CA LYS E 517 -10.74 41.02 -12.36
C LYS E 517 -9.81 41.18 -13.57
N PRO E 518 -8.49 41.19 -13.35
CA PRO E 518 -7.60 41.40 -14.49
C PRO E 518 -7.71 40.25 -15.47
N TYR E 519 -7.50 40.55 -16.74
CA TYR E 519 -7.66 39.53 -17.76
C TYR E 519 -6.57 38.47 -17.62
N SER E 520 -6.97 37.22 -17.80
CA SER E 520 -6.05 36.09 -17.87
C SER E 520 -6.43 35.23 -19.06
N LYS E 521 -5.44 34.91 -19.89
CA LYS E 521 -5.68 34.10 -21.08
C LYS E 521 -5.94 32.64 -20.69
N ASP E 522 -6.89 32.01 -21.37
CA ASP E 522 -7.15 30.60 -21.16
CA ASP E 522 -7.09 30.60 -21.08
C ASP E 522 -6.05 29.77 -21.81
N LYS E 523 -5.95 28.52 -21.38
CA LYS E 523 -5.21 27.56 -22.18
C LYS E 523 -5.86 27.48 -23.56
N PHE E 524 -5.12 26.95 -24.52
CA PHE E 524 -5.70 26.73 -25.85
C PHE E 524 -5.36 25.34 -26.35
N LYS E 525 -6.27 24.80 -27.13
CA LYS E 525 -6.16 23.46 -27.69
C LYS E 525 -5.14 23.40 -28.82
N LEU E 526 -4.44 22.26 -28.92
CA LEU E 526 -3.47 22.06 -30.00
C LEU E 526 -3.98 21.02 -30.99
N TYR E 527 -3.81 21.31 -32.28
CA TYR E 527 -4.38 20.48 -33.33
C TYR E 527 -3.35 19.79 -34.20
N PHE E 528 -2.08 20.20 -34.14
CA PHE E 528 -1.05 19.80 -35.10
C PHE E 528 -1.63 19.64 -36.50
N GLN E 529 -2.41 20.67 -36.89
CA GLN E 529 -2.93 20.86 -38.24
C GLN E 529 -3.92 19.78 -38.67
N ASN E 530 -4.49 19.03 -37.73
CA ASN E 530 -5.50 18.03 -38.05
C ASN E 530 -6.82 18.44 -37.42
N PRO E 531 -7.89 18.60 -38.19
CA PRO E 531 -9.17 18.93 -37.57
C PRO E 531 -9.71 17.84 -36.66
N GLN E 532 -9.29 16.58 -36.81
CA GLN E 532 -9.72 15.60 -35.83
C GLN E 532 -8.51 14.94 -35.17
N PHE E 533 -7.55 15.76 -34.75
CA PHE E 533 -6.30 15.27 -34.18
C PHE E 533 -6.55 14.48 -32.90
N MET E 534 -5.91 13.32 -32.80
CA MET E 534 -6.01 12.50 -31.61
C MET E 534 -7.47 12.16 -31.31
N GLY E 535 -8.28 12.03 -32.37
CA GLY E 535 -9.68 11.69 -32.19
C GLY E 535 -9.89 10.30 -31.63
N GLY E 536 -8.97 9.38 -31.90
CA GLY E 536 -9.03 8.03 -31.37
C GLY E 536 -7.66 7.40 -31.35
N TRP E 537 -7.60 6.20 -30.76
CA TRP E 537 -6.34 5.48 -30.59
C TRP E 537 -6.18 4.29 -31.51
N ASP E 538 -7.15 4.00 -32.39
CA ASP E 538 -7.10 2.75 -33.16
C ASP E 538 -5.90 2.72 -34.09
N LYS E 539 -5.26 1.54 -34.15
CA LYS E 539 -4.10 1.33 -35.01
C LYS E 539 -4.37 1.75 -36.45
N ASP E 540 -5.51 1.34 -37.00
CA ASP E 540 -5.81 1.62 -38.41
C ASP E 540 -6.14 3.08 -38.67
N LYS E 541 -6.22 3.91 -37.63
CA LYS E 541 -6.52 5.33 -37.77
C LYS E 541 -5.30 6.19 -37.47
N GLU E 542 -4.17 5.57 -37.16
CA GLU E 542 -3.00 6.26 -36.64
C GLU E 542 -2.48 7.31 -37.62
N THR E 543 -2.57 7.01 -38.91
CA THR E 543 -2.09 7.92 -39.94
C THR E 543 -2.94 9.16 -40.06
N ASP E 544 -4.20 9.09 -39.60
CA ASP E 544 -5.12 10.21 -39.62
C ASP E 544 -5.01 11.02 -38.33
N TYR E 545 -5.22 10.38 -37.19
CA TYR E 545 -5.17 11.06 -35.89
C TYR E 545 -3.76 11.51 -35.53
N ARG E 546 -2.74 10.76 -35.97
CA ARG E 546 -1.33 11.09 -35.80
C ARG E 546 -0.91 11.23 -34.34
N ALA E 547 -1.52 10.42 -33.45
CA ALA E 547 -1.06 10.36 -32.07
C ALA E 547 -1.15 8.93 -31.55
N THR E 548 -0.13 8.51 -30.81
CA THR E 548 -0.13 7.20 -30.18
C THR E 548 0.62 7.31 -28.86
N ILE E 549 0.69 6.21 -28.13
CA ILE E 549 1.30 6.19 -26.81
C ILE E 549 2.49 5.25 -26.83
N LEU E 550 3.60 5.69 -26.24
CA LEU E 550 4.81 4.91 -26.10
C LEU E 550 5.12 4.69 -24.63
N ARG E 551 5.93 3.68 -24.35
CA ARG E 551 6.32 3.36 -23.00
C ARG E 551 7.79 2.98 -23.00
N TYR E 552 8.51 3.39 -21.96
CA TYR E 552 9.90 3.01 -21.79
C TYR E 552 10.12 2.84 -20.30
N GLY E 553 10.20 1.60 -19.83
CA GLY E 553 10.30 1.39 -18.39
C GLY E 553 9.00 1.82 -17.73
N SER E 554 9.10 2.64 -16.68
CA SER E 554 7.90 3.08 -15.98
C SER E 554 7.27 4.32 -16.62
N LYS E 555 7.89 4.89 -17.63
CA LYS E 555 7.49 6.17 -18.16
C LYS E 555 6.66 5.98 -19.43
N TYR E 556 5.62 6.81 -19.56
CA TYR E 556 4.76 6.82 -20.73
C TYR E 556 4.99 8.11 -21.50
N TYR E 557 4.70 8.04 -22.79
CA TYR E 557 4.97 9.13 -23.69
C TYR E 557 3.87 9.21 -24.73
N LEU E 558 3.47 10.44 -25.03
CA LEU E 558 2.63 10.72 -26.19
C LEU E 558 3.52 11.01 -27.40
N ALA E 559 3.36 10.24 -28.46
CA ALA E 559 4.09 10.52 -29.70
C ALA E 559 3.11 11.06 -30.75
N ILE E 560 3.50 12.14 -31.42
CA ILE E 560 2.68 12.79 -32.40
C ILE E 560 3.46 12.89 -33.71
N MET E 561 2.89 12.34 -34.77
CA MET E 561 3.55 12.37 -36.08
C MET E 561 3.19 13.67 -36.79
N ASP E 562 4.19 14.35 -37.33
CA ASP E 562 3.95 15.48 -38.21
C ASP E 562 3.11 15.05 -39.41
N LYS E 563 2.21 15.94 -39.85
CA LYS E 563 1.37 15.66 -41.02
C LYS E 563 2.20 15.32 -42.25
N LYS E 564 3.42 15.85 -42.33
CA LYS E 564 4.26 15.57 -43.48
C LYS E 564 4.83 14.15 -43.45
N TYR E 565 4.79 13.49 -42.30
CA TYR E 565 5.40 12.17 -42.13
C TYR E 565 4.47 11.27 -41.30
N ALA E 566 3.18 11.27 -41.66
CA ALA E 566 2.16 10.55 -40.90
C ALA E 566 2.49 9.07 -40.70
N LYS E 567 3.30 8.47 -41.57
CA LYS E 567 3.61 7.04 -41.48
C LYS E 567 4.95 6.75 -40.81
N CYS E 568 5.63 7.77 -40.29
CA CYS E 568 7.00 7.58 -39.79
C CYS E 568 7.05 6.50 -38.72
N LEU E 569 6.12 6.54 -37.76
CA LEU E 569 6.13 5.54 -36.70
C LEU E 569 5.77 4.15 -37.22
N GLN E 570 5.10 4.06 -38.37
CA GLN E 570 4.68 2.75 -38.86
C GLN E 570 5.83 1.97 -39.46
N LYS E 571 6.82 2.66 -40.03
CA LYS E 571 7.93 2.00 -40.71
C LYS E 571 9.05 1.55 -39.78
N ILE E 572 8.96 1.84 -38.48
CA ILE E 572 10.02 1.50 -37.53
C ILE E 572 9.76 0.12 -36.96
N ASP E 573 10.79 -0.73 -36.96
CA ASP E 573 10.69 -2.14 -36.58
C ASP E 573 11.38 -2.39 -35.25
N LYS E 574 11.23 -3.62 -34.76
CA LYS E 574 11.86 -4.06 -33.51
C LYS E 574 13.38 -4.07 -33.64
N ASP E 575 14.06 -3.37 -32.73
CA ASP E 575 15.52 -3.39 -32.66
C ASP E 575 15.94 -4.59 -31.80
N ASP E 576 16.46 -5.62 -32.47
CA ASP E 576 16.87 -6.82 -31.73
C ASP E 576 18.11 -6.57 -30.90
N VAL E 577 19.06 -5.78 -31.42
CA VAL E 577 20.36 -5.63 -30.77
C VAL E 577 20.28 -4.68 -29.57
N ASN E 578 19.68 -3.50 -29.74
CA ASN E 578 19.71 -2.54 -28.63
C ASN E 578 18.31 -2.21 -28.10
N GLY E 579 18.18 -1.08 -27.38
CA GLY E 579 16.99 -0.82 -26.58
C GLY E 579 15.76 -0.50 -27.42
N ASN E 580 14.60 -0.61 -26.80
CA ASN E 580 13.34 -0.48 -27.52
C ASN E 580 12.30 0.30 -26.73
N TYR E 581 11.55 1.14 -27.44
CA TYR E 581 10.31 1.63 -26.88
C TYR E 581 9.25 0.52 -26.98
N GLU E 582 8.21 0.68 -26.19
CA GLU E 582 6.99 -0.10 -26.35
C GLU E 582 5.93 0.79 -26.98
N LYS E 583 5.38 0.33 -28.10
CA LYS E 583 4.38 1.06 -28.87
C LYS E 583 3.03 0.44 -28.61
N ILE E 584 2.02 1.27 -28.40
CA ILE E 584 0.69 0.73 -28.15
C ILE E 584 0.09 0.19 -29.44
N ASN E 585 -0.61 -0.93 -29.33
CA ASN E 585 -1.44 -1.46 -30.41
C ASN E 585 -2.87 -1.52 -29.88
N TYR E 586 -3.69 -0.61 -30.35
CA TYR E 586 -5.04 -0.42 -29.85
C TYR E 586 -6.02 -0.69 -30.98
N LYS E 587 -7.05 -1.48 -30.68
CA LYS E 587 -8.09 -1.80 -31.64
C LYS E 587 -9.41 -1.74 -30.90
N LEU E 588 -10.32 -0.92 -31.41
CA LEU E 588 -11.60 -0.68 -30.79
C LEU E 588 -12.66 -0.82 -31.85
N LEU E 589 -13.74 -1.55 -31.54
CA LEU E 589 -14.89 -1.59 -32.44
C LEU E 589 -16.04 -0.86 -31.75
N PRO E 590 -16.19 0.44 -31.96
CA PRO E 590 -17.18 1.20 -31.21
C PRO E 590 -18.57 1.12 -31.84
N GLY E 591 -19.59 1.17 -30.98
CA GLY E 591 -20.99 1.12 -31.36
C GLY E 591 -21.37 0.07 -32.41
N PRO E 592 -21.18 -1.21 -32.09
CA PRO E 592 -21.53 -2.28 -33.06
C PRO E 592 -22.90 -2.12 -33.69
N ASN E 593 -23.92 -1.79 -32.89
CA ASN E 593 -25.28 -1.60 -33.42
C ASN E 593 -25.32 -0.56 -34.52
N LYS E 594 -24.32 0.32 -34.57
CA LYS E 594 -24.22 1.27 -35.66
C LYS E 594 -23.18 0.85 -36.69
N MET E 595 -22.05 0.32 -36.25
CA MET E 595 -20.98 0.08 -37.21
C MET E 595 -21.23 -1.17 -38.07
N LEU E 596 -21.53 -2.32 -37.44
CA LEU E 596 -21.83 -3.53 -38.21
C LEU E 596 -22.79 -3.28 -39.38
N PRO E 597 -23.95 -2.63 -39.21
CA PRO E 597 -24.79 -2.35 -40.39
C PRO E 597 -24.10 -1.46 -41.41
N LYS E 598 -23.35 -0.45 -40.96
CA LYS E 598 -22.69 0.46 -41.89
C LYS E 598 -21.65 -0.25 -42.75
N VAL E 599 -20.89 -1.17 -42.14
CA VAL E 599 -19.80 -1.80 -42.86
C VAL E 599 -20.31 -2.89 -43.80
N PHE E 600 -21.33 -3.63 -43.38
CA PHE E 600 -21.75 -4.83 -44.10
C PHE E 600 -22.90 -4.59 -45.07
N PHE E 601 -23.58 -3.45 -44.97
CA PHE E 601 -24.57 -3.05 -45.95
C PHE E 601 -24.09 -1.87 -46.78
N SER E 602 -22.78 -1.70 -46.86
CA SER E 602 -22.16 -0.71 -47.74
C SER E 602 -21.97 -1.31 -49.12
N LYS E 603 -21.89 -0.42 -50.13
CA LYS E 603 -21.66 -0.89 -51.49
C LYS E 603 -20.36 -1.67 -51.59
N LYS E 604 -19.30 -1.17 -50.95
CA LYS E 604 -18.01 -1.84 -50.96
C LYS E 604 -18.13 -3.30 -50.54
N TRP E 605 -18.85 -3.56 -49.45
CA TRP E 605 -18.92 -4.93 -48.91
C TRP E 605 -19.85 -5.80 -49.72
N MET E 606 -21.08 -5.34 -50.00
CA MET E 606 -22.04 -6.17 -50.71
C MET E 606 -21.51 -6.62 -52.05
N ALA E 607 -20.56 -5.90 -52.64
CA ALA E 607 -19.87 -6.35 -53.84
C ALA E 607 -19.02 -7.60 -53.60
N TYR E 608 -18.67 -7.87 -52.34
CA TYR E 608 -17.82 -8.98 -51.95
C TYR E 608 -18.61 -10.11 -51.31
N TYR E 609 -19.41 -9.81 -50.29
CA TYR E 609 -20.21 -10.81 -49.58
C TYR E 609 -21.67 -10.37 -49.66
N ASN E 610 -22.28 -10.56 -50.81
CA ASN E 610 -23.62 -10.00 -51.02
C ASN E 610 -24.66 -10.77 -50.20
N PRO E 611 -25.36 -10.11 -49.28
CA PRO E 611 -26.44 -10.78 -48.56
C PRO E 611 -27.65 -11.00 -49.46
N SER E 612 -28.43 -12.02 -49.11
CA SER E 612 -29.65 -12.30 -49.85
C SER E 612 -30.61 -11.13 -49.75
N GLU E 613 -31.42 -10.96 -50.81
CA GLU E 613 -32.47 -9.95 -50.79
C GLU E 613 -33.32 -10.05 -49.52
N ASP E 614 -33.57 -11.29 -49.05
CA ASP E 614 -34.22 -11.48 -47.76
C ASP E 614 -33.49 -10.73 -46.65
N ILE E 615 -32.16 -10.88 -46.58
CA ILE E 615 -31.40 -10.21 -45.53
C ILE E 615 -31.53 -8.69 -45.64
N GLN E 616 -31.42 -8.17 -46.86
CA GLN E 616 -31.52 -6.73 -47.07
C GLN E 616 -32.92 -6.22 -46.73
N LYS E 617 -33.95 -7.02 -47.03
CA LYS E 617 -35.32 -6.63 -46.69
C LYS E 617 -35.52 -6.60 -45.17
N ILE E 618 -34.96 -7.59 -44.47
CA ILE E 618 -35.04 -7.62 -43.00
C ILE E 618 -34.43 -6.37 -42.41
N TYR E 619 -33.29 -5.94 -42.95
CA TYR E 619 -32.64 -4.74 -42.43
C TYR E 619 -33.44 -3.48 -42.78
N LYS E 620 -33.82 -3.34 -44.07
CA LYS E 620 -34.48 -2.12 -44.51
C LYS E 620 -35.81 -1.91 -43.81
N ASN E 621 -36.52 -2.99 -43.47
CA ASN E 621 -37.81 -2.90 -42.80
C ASN E 621 -37.73 -2.97 -41.28
N GLY E 622 -36.55 -3.20 -40.71
CA GLY E 622 -36.42 -3.26 -39.27
C GLY E 622 -37.07 -4.45 -38.62
N THR E 623 -37.12 -5.59 -39.32
CA THR E 623 -37.75 -6.79 -38.75
C THR E 623 -36.94 -7.35 -37.58
N PHE E 624 -35.63 -7.09 -37.54
CA PHE E 624 -34.78 -7.54 -36.45
C PHE E 624 -34.97 -6.74 -35.16
N LYS E 625 -35.55 -5.55 -35.26
CA LYS E 625 -35.70 -4.67 -34.11
C LYS E 625 -36.90 -5.09 -33.27
N LYS E 626 -36.70 -5.16 -31.95
CA LYS E 626 -37.81 -5.33 -31.03
C LYS E 626 -38.76 -4.14 -31.17
N GLY E 627 -39.90 -4.36 -31.82
CA GLY E 627 -40.91 -3.34 -32.04
C GLY E 627 -42.19 -3.96 -32.57
N ASP E 628 -43.00 -3.19 -33.31
CA ASP E 628 -44.21 -3.77 -33.87
C ASP E 628 -43.89 -4.83 -34.92
N MET E 629 -42.87 -4.60 -35.75
CA MET E 629 -42.58 -5.46 -36.88
C MET E 629 -41.54 -6.54 -36.56
N PHE E 630 -41.36 -6.89 -35.30
CA PHE E 630 -40.31 -7.84 -34.92
C PHE E 630 -40.63 -9.25 -35.38
N ASN E 631 -39.57 -10.01 -35.67
CA ASN E 631 -39.67 -11.43 -36.00
C ASN E 631 -38.35 -12.08 -35.60
N LEU E 632 -38.43 -13.09 -34.72
CA LEU E 632 -37.23 -13.64 -34.10
C LEU E 632 -36.32 -14.31 -35.13
N ASN E 633 -36.91 -15.10 -36.02
CA ASN E 633 -36.12 -15.75 -37.06
C ASN E 633 -35.46 -14.72 -37.97
N ASP E 634 -36.19 -13.66 -38.36
CA ASP E 634 -35.58 -12.60 -39.14
C ASP E 634 -34.48 -11.90 -38.35
N CYS E 635 -34.63 -11.82 -37.03
CA CYS E 635 -33.55 -11.31 -36.19
C CYS E 635 -32.34 -12.25 -36.23
N HIS E 636 -32.58 -13.55 -36.07
CA HIS E 636 -31.48 -14.52 -36.02
C HIS E 636 -30.74 -14.56 -37.36
N LYS E 637 -31.47 -14.48 -38.47
CA LYS E 637 -30.85 -14.63 -39.78
C LYS E 637 -29.94 -13.45 -40.10
N LEU E 638 -30.28 -12.24 -39.65
CA LEU E 638 -29.39 -11.10 -39.83
C LEU E 638 -28.16 -11.22 -38.94
N ILE E 639 -28.31 -11.76 -37.73
CA ILE E 639 -27.15 -12.04 -36.89
C ILE E 639 -26.18 -12.97 -37.62
N ASP E 640 -26.71 -14.03 -38.21
CA ASP E 640 -25.87 -14.98 -38.94
C ASP E 640 -25.14 -14.31 -40.09
N PHE E 641 -25.84 -13.41 -40.80
CA PHE E 641 -25.15 -12.65 -41.83
C PHE E 641 -23.96 -11.90 -41.26
N PHE E 642 -24.18 -11.19 -40.14
CA PHE E 642 -23.10 -10.45 -39.49
C PHE E 642 -21.98 -11.37 -39.06
N LYS E 643 -22.34 -12.49 -38.42
CA LYS E 643 -21.32 -13.42 -37.93
C LYS E 643 -20.49 -13.94 -39.08
N ASP E 644 -21.15 -14.46 -40.12
CA ASP E 644 -20.44 -14.86 -41.33
C ASP E 644 -19.61 -13.71 -41.86
N SER E 645 -20.23 -12.52 -41.97
CA SER E 645 -19.54 -11.39 -42.56
C SER E 645 -18.30 -11.01 -41.74
N ILE E 646 -18.41 -11.06 -40.41
CA ILE E 646 -17.26 -10.77 -39.56
C ILE E 646 -16.11 -11.72 -39.88
N SER E 647 -16.42 -13.02 -40.01
CA SER E 647 -15.36 -13.99 -40.23
C SER E 647 -14.64 -13.77 -41.56
N ARG E 648 -15.30 -13.17 -42.53
CA ARG E 648 -14.70 -12.83 -43.81
C ARG E 648 -14.24 -11.38 -43.89
N TYR E 649 -14.16 -10.70 -42.74
CA TYR E 649 -13.70 -9.31 -42.63
C TYR E 649 -12.41 -9.30 -41.80
N PRO E 650 -11.24 -9.37 -42.45
CA PRO E 650 -10.00 -9.64 -41.69
C PRO E 650 -9.59 -8.54 -40.71
N LYS E 651 -9.89 -7.26 -40.99
CA LYS E 651 -9.51 -6.22 -40.04
C LYS E 651 -10.15 -6.41 -38.67
N TRP E 652 -11.24 -7.18 -38.60
CA TRP E 652 -11.93 -7.45 -37.34
C TRP E 652 -11.67 -8.85 -36.81
N SER E 653 -11.77 -9.88 -37.67
CA SER E 653 -11.58 -11.24 -37.20
C SER E 653 -10.14 -11.48 -36.73
N ASN E 654 -9.17 -10.80 -37.33
CA ASN E 654 -7.80 -10.89 -36.84
C ASN E 654 -7.64 -10.12 -35.53
N ALA E 655 -8.10 -8.86 -35.50
CA ALA E 655 -7.79 -7.97 -34.39
C ALA E 655 -8.40 -8.46 -33.09
N TYR E 656 -9.58 -9.07 -33.15
CA TYR E 656 -10.25 -9.62 -31.98
C TYR E 656 -10.31 -11.14 -32.09
N ASP E 657 -10.73 -11.77 -31.01
CA ASP E 657 -11.00 -13.21 -31.01
C ASP E 657 -12.46 -13.33 -30.66
N PHE E 658 -13.32 -13.23 -31.68
CA PHE E 658 -14.74 -13.32 -31.40
C PHE E 658 -15.13 -14.74 -31.02
N ASN E 659 -15.97 -14.84 -30.00
CA ASN E 659 -16.46 -16.13 -29.49
C ASN E 659 -17.92 -15.89 -29.15
N PHE E 660 -18.79 -16.22 -30.11
CA PHE E 660 -20.18 -15.79 -30.05
C PHE E 660 -21.06 -16.91 -29.52
N SER E 661 -22.02 -16.54 -28.66
CA SER E 661 -23.05 -17.46 -28.23
C SER E 661 -23.81 -17.99 -29.45
N GLU E 662 -24.42 -19.17 -29.29
CA GLU E 662 -25.21 -19.73 -30.38
C GLU E 662 -26.34 -18.78 -30.74
N THR E 663 -26.50 -18.56 -32.05
CA THR E 663 -27.47 -17.56 -32.51
C THR E 663 -28.88 -17.91 -32.07
N GLU E 664 -29.15 -19.20 -31.87
CA GLU E 664 -30.43 -19.64 -31.34
C GLU E 664 -30.73 -19.05 -29.96
N LYS E 665 -29.70 -18.68 -29.20
CA LYS E 665 -29.87 -18.26 -27.82
C LYS E 665 -30.19 -16.78 -27.65
N TYR E 666 -30.00 -15.94 -28.68
CA TYR E 666 -30.28 -14.53 -28.51
C TYR E 666 -31.78 -14.28 -28.48
N LYS E 667 -32.21 -13.42 -27.57
CA LYS E 667 -33.60 -13.00 -27.51
C LYS E 667 -33.87 -11.81 -28.41
N ASP E 668 -32.86 -10.98 -28.64
CA ASP E 668 -32.95 -9.84 -29.56
C ASP E 668 -31.59 -9.66 -30.23
N ILE E 669 -31.51 -8.66 -31.10
CA ILE E 669 -30.23 -8.36 -31.75
C ILE E 669 -29.26 -7.75 -30.74
N ALA E 670 -29.78 -7.01 -29.75
CA ALA E 670 -28.92 -6.37 -28.76
C ALA E 670 -28.02 -7.37 -28.06
N GLY E 671 -28.50 -8.58 -27.84
CA GLY E 671 -27.67 -9.60 -27.23
C GLY E 671 -26.44 -9.92 -28.04
N PHE E 672 -26.54 -9.86 -29.37
CA PHE E 672 -25.37 -10.08 -30.21
C PHE E 672 -24.45 -8.86 -30.20
N TYR E 673 -25.05 -7.67 -30.26
CA TYR E 673 -24.25 -6.44 -30.25
C TYR E 673 -23.41 -6.34 -28.98
N ARG E 674 -23.99 -6.67 -27.83
CA ARG E 674 -23.26 -6.61 -26.57
C ARG E 674 -22.00 -7.46 -26.62
N GLU E 675 -22.13 -8.69 -27.11
CA GLU E 675 -20.96 -9.56 -27.17
C GLU E 675 -19.92 -8.96 -28.12
N VAL E 676 -20.36 -8.42 -29.25
CA VAL E 676 -19.45 -7.73 -30.16
C VAL E 676 -18.78 -6.58 -29.45
N GLU E 677 -19.56 -5.79 -28.71
CA GLU E 677 -19.01 -4.66 -27.98
C GLU E 677 -17.98 -5.11 -26.97
N GLU E 678 -18.29 -6.16 -26.20
CA GLU E 678 -17.40 -6.53 -25.11
C GLU E 678 -16.07 -7.08 -25.63
N GLN E 679 -16.12 -7.87 -26.70
CA GLN E 679 -14.92 -8.45 -27.27
C GLN E 679 -14.21 -7.53 -28.26
N GLY E 680 -14.90 -6.53 -28.81
CA GLY E 680 -14.31 -5.64 -29.81
C GLY E 680 -13.42 -4.55 -29.25
N TYR E 681 -12.48 -4.92 -28.38
CA TYR E 681 -11.57 -3.96 -27.76
C TYR E 681 -10.31 -4.70 -27.34
N LYS E 682 -9.15 -4.27 -27.83
CA LYS E 682 -7.91 -4.94 -27.49
C LYS E 682 -6.73 -3.97 -27.51
N VAL E 683 -5.92 -4.01 -26.46
CA VAL E 683 -4.73 -3.18 -26.32
C VAL E 683 -3.54 -4.09 -26.06
N SER E 684 -2.46 -3.88 -26.81
CA SER E 684 -1.24 -4.63 -26.63
C SER E 684 -0.05 -3.70 -26.91
N PHE E 685 1.15 -4.26 -26.80
CA PHE E 685 2.37 -3.52 -27.04
C PHE E 685 3.29 -4.31 -27.98
N GLU E 686 3.89 -3.59 -28.91
CA GLU E 686 4.91 -4.15 -29.78
C GLU E 686 6.13 -3.25 -29.65
N SER E 687 7.31 -3.83 -29.81
CA SER E 687 8.55 -3.09 -29.62
C SER E 687 8.83 -2.20 -30.82
N ALA E 688 9.43 -1.03 -30.54
CA ALA E 688 9.88 -0.12 -31.59
C ALA E 688 11.27 0.38 -31.23
N SER E 689 12.19 0.30 -32.19
CA SER E 689 13.59 0.67 -31.98
C SER E 689 13.72 2.04 -31.34
N LYS E 690 14.37 2.09 -30.17
CA LYS E 690 14.56 3.37 -29.50
C LYS E 690 15.50 4.27 -30.29
N LYS E 691 16.49 3.69 -30.97
CA LYS E 691 17.37 4.48 -31.81
C LYS E 691 16.59 5.18 -32.91
N GLU E 692 15.67 4.47 -33.54
CA GLU E 692 14.98 5.00 -34.71
C GLU E 692 13.88 5.97 -34.30
N VAL E 693 13.15 5.64 -33.23
CA VAL E 693 12.14 6.59 -32.75
C VAL E 693 12.79 7.90 -32.33
N ASP E 694 13.92 7.83 -31.62
CA ASP E 694 14.54 9.06 -31.14
C ASP E 694 15.06 9.92 -32.29
N LYS E 695 15.58 9.29 -33.35
CA LYS E 695 16.00 10.07 -34.51
C LYS E 695 14.82 10.83 -35.11
N LEU E 696 13.66 10.18 -35.22
CA LEU E 696 12.47 10.89 -35.66
C LEU E 696 12.25 12.17 -34.88
N VAL E 697 12.56 12.14 -33.58
CA VAL E 697 12.34 13.31 -32.73
C VAL E 697 13.39 14.38 -33.00
N GLU E 698 14.65 14.00 -33.19
CA GLU E 698 15.66 15.03 -33.49
C GLU E 698 15.40 15.66 -34.85
N GLU E 699 14.83 14.91 -35.79
CA GLU E 699 14.54 15.40 -37.14
C GLU E 699 13.20 16.12 -37.24
N GLY E 700 12.47 16.28 -36.14
CA GLY E 700 11.19 16.94 -36.23
C GLY E 700 10.12 16.19 -36.98
N LYS E 701 10.34 14.92 -37.30
CA LYS E 701 9.31 14.10 -37.90
C LYS E 701 8.31 13.63 -36.86
N LEU E 702 8.73 13.57 -35.61
CA LEU E 702 7.91 13.12 -34.51
C LEU E 702 8.08 14.10 -33.37
N TYR E 703 7.01 14.28 -32.60
CA TYR E 703 7.05 15.05 -31.37
C TYR E 703 6.73 14.13 -30.20
N MET E 704 7.50 14.25 -29.12
CA MET E 704 7.38 13.32 -28.00
C MET E 704 7.23 14.10 -26.71
N PHE E 705 6.25 13.72 -25.90
CA PHE E 705 5.98 14.30 -24.59
C PHE E 705 5.90 13.18 -23.57
N GLN E 706 6.63 13.32 -22.46
CA GLN E 706 6.40 12.42 -21.34
C GLN E 706 5.08 12.77 -20.67
N ILE E 707 4.20 11.77 -20.52
CA ILE E 707 2.93 11.94 -19.83
C ILE E 707 3.23 11.92 -18.34
N TYR E 708 3.07 13.05 -17.67
CA TYR E 708 3.66 13.19 -16.34
C TYR E 708 2.66 13.67 -15.28
N ASN E 709 2.75 13.06 -14.09
CA ASN E 709 2.41 13.69 -12.83
C ASN E 709 3.47 13.29 -11.81
N LYS E 710 3.39 13.90 -10.62
CA LYS E 710 4.47 13.71 -9.64
C LYS E 710 4.65 12.25 -9.23
N ASP E 711 3.63 11.39 -9.40
CA ASP E 711 3.83 9.97 -9.09
C ASP E 711 4.88 9.33 -9.98
N PHE E 712 5.21 9.94 -11.13
CA PHE E 712 6.21 9.40 -12.03
C PHE E 712 7.61 9.91 -11.73
N SER E 713 7.78 10.73 -10.69
CA SER E 713 9.10 11.20 -10.33
C SER E 713 9.92 10.04 -9.75
N ASP E 714 11.21 10.01 -10.08
CA ASP E 714 12.08 9.02 -9.46
C ASP E 714 12.19 9.22 -7.95
N LYS E 715 11.72 10.35 -7.44
CA LYS E 715 11.70 10.63 -6.02
C LYS E 715 10.37 10.31 -5.36
N SER E 716 9.36 9.90 -6.12
CA SER E 716 8.06 9.58 -5.54
C SER E 716 8.10 8.19 -4.90
N HIS E 717 7.83 8.12 -3.60
CA HIS E 717 7.80 6.86 -2.88
CA HIS E 717 7.79 6.82 -2.94
C HIS E 717 6.44 6.51 -2.30
N GLY E 718 5.53 7.48 -2.19
CA GLY E 718 4.26 7.24 -1.54
C GLY E 718 3.19 6.60 -2.43
N THR E 719 2.03 6.42 -1.84
CA THR E 719 0.86 5.93 -2.55
C THR E 719 0.53 6.82 -3.74
N PRO E 720 0.33 6.25 -4.92
CA PRO E 720 -0.05 7.08 -6.08
C PRO E 720 -1.45 7.64 -5.91
N ASN E 721 -1.66 8.84 -6.50
CA ASN E 721 -3.00 9.32 -6.82
C ASN E 721 -3.82 8.21 -7.46
N LEU E 722 -5.10 8.12 -7.08
CA LEU E 722 -6.02 7.18 -7.71
C LEU E 722 -5.94 7.23 -9.23
N HIS E 723 -5.92 8.44 -9.80
CA HIS E 723 -5.92 8.58 -11.27
C HIS E 723 -4.67 7.99 -11.90
N THR E 724 -3.53 8.09 -11.21
CA THR E 724 -2.33 7.42 -11.68
C THR E 724 -2.53 5.91 -11.79
N MET E 725 -3.22 5.32 -10.81
CA MET E 725 -3.51 3.89 -10.87
C MET E 725 -4.46 3.56 -12.01
N TYR E 726 -5.51 4.39 -12.21
CA TYR E 726 -6.39 4.20 -13.36
C TYR E 726 -5.59 4.17 -14.65
N PHE E 727 -4.74 5.18 -14.82
CA PHE E 727 -3.97 5.28 -16.04
C PHE E 727 -3.12 4.03 -16.25
N LYS E 728 -2.35 3.63 -15.24
CA LYS E 728 -1.52 2.44 -15.38
C LYS E 728 -2.36 1.20 -15.63
N LEU E 729 -3.55 1.11 -15.01
CA LEU E 729 -4.39 -0.06 -15.22
C LEU E 729 -4.88 -0.21 -16.65
N LEU E 730 -4.93 0.88 -17.42
CA LEU E 730 -5.36 0.80 -18.82
C LEU E 730 -4.55 -0.23 -19.59
N PHE E 731 -3.27 -0.37 -19.26
CA PHE E 731 -2.36 -1.18 -20.06
C PHE E 731 -1.91 -2.43 -19.33
N ASP E 732 -2.56 -2.77 -18.22
CA ASP E 732 -2.18 -3.92 -17.44
C ASP E 732 -3.04 -5.11 -17.82
N GLU E 733 -2.39 -6.25 -18.08
CA GLU E 733 -3.08 -7.45 -18.50
C GLU E 733 -4.05 -7.97 -17.45
N ASN E 734 -4.00 -7.47 -16.21
CA ASN E 734 -5.02 -7.85 -15.24
C ASN E 734 -6.36 -7.17 -15.50
N ASN E 735 -6.37 -6.13 -16.33
CA ASN E 735 -7.58 -5.36 -16.62
C ASN E 735 -8.22 -5.97 -17.86
N HIS E 736 -9.29 -6.74 -17.66
CA HIS E 736 -9.97 -7.37 -18.80
C HIS E 736 -11.11 -6.52 -19.32
N GLY E 737 -10.84 -5.24 -19.60
CA GLY E 737 -11.88 -4.36 -20.09
C GLY E 737 -12.70 -3.65 -19.04
N GLN E 738 -12.37 -3.80 -17.75
CA GLN E 738 -13.09 -3.03 -16.74
C GLN E 738 -12.80 -1.54 -16.86
N ILE E 739 -11.57 -1.17 -17.21
CA ILE E 739 -11.23 0.22 -17.52
C ILE E 739 -10.65 0.25 -18.94
N ARG E 740 -11.33 0.96 -19.84
CA ARG E 740 -10.92 1.08 -21.22
C ARG E 740 -10.38 2.47 -21.50
N LEU E 741 -9.47 2.56 -22.45
CA LEU E 741 -8.96 3.82 -22.95
C LEU E 741 -9.90 4.34 -24.05
N SER E 742 -10.34 5.57 -23.91
CA SER E 742 -11.34 6.16 -24.78
C SER E 742 -10.67 7.06 -25.81
N GLY E 743 -11.36 7.25 -26.94
CA GLY E 743 -11.05 8.31 -27.86
C GLY E 743 -11.36 9.67 -27.26
N GLY E 744 -11.15 10.71 -28.07
CA GLY E 744 -11.51 12.05 -27.63
C GLY E 744 -10.51 12.75 -26.74
N ALA E 745 -9.26 12.29 -26.67
CA ALA E 745 -8.29 12.97 -25.84
C ALA E 745 -7.95 14.33 -26.45
N GLU E 746 -7.44 15.24 -25.60
CA GLU E 746 -7.09 16.59 -26.04
C GLU E 746 -5.77 17.04 -25.42
N LEU E 747 -5.05 17.90 -26.15
CA LEU E 747 -3.78 18.46 -25.69
C LEU E 747 -3.89 19.98 -25.68
N PHE E 748 -3.50 20.60 -24.56
CA PHE E 748 -3.62 22.04 -24.40
C PHE E 748 -2.28 22.62 -24.00
N MET E 749 -2.07 23.88 -24.37
CA MET E 749 -0.99 24.71 -23.86
C MET E 749 -1.56 25.71 -22.87
N ARG E 750 -1.01 25.72 -21.66
CA ARG E 750 -1.35 26.74 -20.67
C ARG E 750 -0.12 27.59 -20.45
N ARG E 751 -0.12 28.78 -21.03
CA ARG E 751 0.97 29.71 -20.81
C ARG E 751 1.15 30.00 -19.33
N ALA E 752 2.40 30.16 -18.92
CA ALA E 752 2.74 30.67 -17.59
C ALA E 752 1.86 31.87 -17.23
N SER E 753 1.47 31.95 -15.97
CA SER E 753 0.74 33.11 -15.48
C SER E 753 1.45 33.85 -14.36
N LEU E 754 2.64 33.42 -13.96
CA LEU E 754 3.39 34.11 -12.92
C LEU E 754 4.84 34.19 -13.36
N LYS E 755 5.53 35.24 -12.89
CA LYS E 755 6.97 35.38 -13.14
C LYS E 755 7.74 34.74 -11.99
N LYS E 756 8.73 33.92 -12.34
CA LYS E 756 9.45 33.15 -11.32
C LYS E 756 10.06 34.06 -10.26
N GLU E 757 10.69 35.16 -10.68
CA GLU E 757 11.28 36.11 -9.74
C GLU E 757 10.25 36.81 -8.87
N GLU E 758 8.96 36.58 -9.11
CA GLU E 758 7.90 37.11 -8.26
C GLU E 758 7.27 36.04 -7.37
N LEU E 759 7.86 34.85 -7.30
CA LEU E 759 7.31 33.76 -6.51
C LEU E 759 7.83 33.83 -5.09
N VAL E 760 6.97 33.44 -4.14
CA VAL E 760 7.37 33.34 -2.74
C VAL E 760 8.33 32.17 -2.58
N VAL E 761 9.52 32.45 -2.05
CA VAL E 761 10.62 31.50 -2.01
C VAL E 761 10.97 31.17 -0.56
N HIS E 762 11.30 29.91 -0.30
CA HIS E 762 12.03 29.51 0.89
C HIS E 762 13.42 29.06 0.47
N PRO E 763 14.45 29.87 0.69
CA PRO E 763 15.76 29.56 0.13
C PRO E 763 16.37 28.32 0.78
N ALA E 764 17.17 27.61 -0.02
CA ALA E 764 17.88 26.44 0.47
C ALA E 764 18.58 26.74 1.78
N ASN E 765 18.64 25.73 2.64
CA ASN E 765 19.47 25.72 3.85
C ASN E 765 19.01 26.72 4.89
N SER E 766 17.75 27.15 4.85
CA SER E 766 17.21 27.98 5.91
C SER E 766 15.98 27.32 6.50
N PRO E 767 15.86 27.26 7.83
CA PRO E 767 14.77 26.50 8.45
C PRO E 767 13.40 27.11 8.14
N ILE E 768 12.45 26.23 7.78
CA ILE E 768 11.09 26.60 7.46
C ILE E 768 10.18 26.16 8.60
N ALA E 769 9.28 27.05 9.02
CA ALA E 769 8.35 26.73 10.09
C ALA E 769 7.34 25.69 9.63
N ASN E 770 7.19 24.61 10.41
CA ASN E 770 6.14 23.63 10.18
C ASN E 770 4.85 24.07 10.86
N LYS E 771 3.72 23.86 10.19
CA LYS E 771 2.46 24.43 10.62
C LYS E 771 1.61 23.52 11.49
N ASN E 772 1.87 22.23 11.53
CA ASN E 772 0.97 21.37 12.30
C ASN E 772 1.43 21.36 13.75
N PRO E 773 0.68 21.96 14.67
CA PRO E 773 1.10 21.99 16.07
C PRO E 773 1.28 20.60 16.70
N ASP E 774 0.63 19.57 16.15
CA ASP E 774 0.79 18.21 16.63
C ASP E 774 2.01 17.53 16.04
N ASN E 775 2.70 18.17 15.10
CA ASN E 775 3.94 17.63 14.57
C ASN E 775 5.08 17.94 15.55
N PRO E 776 5.76 16.93 16.09
CA PRO E 776 6.86 17.24 17.01
C PRO E 776 8.08 17.82 16.32
N LYS E 777 8.27 17.59 15.02
CA LYS E 777 9.35 18.26 14.30
C LYS E 777 8.87 19.66 13.93
N LYS E 778 9.41 20.67 14.63
CA LYS E 778 8.91 22.03 14.50
C LYS E 778 9.40 22.69 13.23
N THR E 779 10.54 22.27 12.71
CA THR E 779 11.20 22.98 11.62
C THR E 779 11.62 21.98 10.54
N THR E 780 11.72 22.47 9.31
CA THR E 780 12.29 21.69 8.20
C THR E 780 13.29 22.55 7.43
N THR E 781 14.45 21.97 7.15
CA THR E 781 15.49 22.65 6.38
C THR E 781 15.88 21.78 5.20
N LEU E 782 15.78 22.33 3.99
CA LEU E 782 16.03 21.60 2.77
C LEU E 782 17.27 22.15 2.05
N SER E 783 17.92 21.29 1.26
CA SER E 783 19.11 21.67 0.52
C SER E 783 18.79 22.38 -0.80
N TYR E 784 17.53 22.72 -1.04
CA TYR E 784 17.13 23.32 -2.30
C TYR E 784 15.99 24.30 -2.06
N ASP E 785 15.73 25.15 -3.05
CA ASP E 785 14.71 26.18 -2.95
C ASP E 785 13.31 25.59 -3.09
N VAL E 786 12.34 26.27 -2.48
CA VAL E 786 10.92 25.90 -2.61
C VAL E 786 10.14 27.17 -2.95
N TYR E 787 9.43 27.13 -4.07
CA TYR E 787 8.70 28.28 -4.59
C TYR E 787 7.21 28.00 -4.52
N LYS E 788 6.43 28.94 -4.02
CA LYS E 788 4.98 28.81 -4.04
C LYS E 788 4.45 28.95 -5.47
N ASP E 789 3.41 28.17 -5.78
CA ASP E 789 2.74 28.20 -7.09
C ASP E 789 3.75 28.06 -8.26
N LYS E 790 4.78 27.23 -8.04
CA LYS E 790 5.85 27.10 -9.02
C LYS E 790 5.33 26.62 -10.38
N ARG E 791 4.42 25.65 -10.37
CA ARG E 791 3.86 25.12 -11.61
C ARG E 791 3.25 26.19 -12.52
N PHE E 792 2.87 27.35 -12.00
CA PHE E 792 2.26 28.40 -12.82
C PHE E 792 3.26 29.41 -13.34
N SER E 793 4.56 29.18 -13.16
CA SER E 793 5.59 30.12 -13.59
C SER E 793 6.27 29.71 -14.88
N GLU E 794 5.80 28.65 -15.52
CA GLU E 794 6.32 28.15 -16.79
C GLU E 794 5.16 27.66 -17.64
N ASP E 795 5.25 27.88 -18.95
CA ASP E 795 4.32 27.26 -19.88
C ASP E 795 4.16 25.77 -19.54
N GLN E 796 2.97 25.24 -19.77
CA GLN E 796 2.73 23.84 -19.44
C GLN E 796 1.71 23.22 -20.40
N TYR E 797 2.10 22.12 -21.02
CA TYR E 797 1.21 21.31 -21.83
C TYR E 797 0.44 20.39 -20.92
N GLU E 798 -0.89 20.34 -21.08
CA GLU E 798 -1.68 19.39 -20.33
C GLU E 798 -2.45 18.45 -21.25
N LEU E 799 -2.46 17.17 -20.88
CA LEU E 799 -3.08 16.12 -21.66
C LEU E 799 -4.28 15.59 -20.89
N HIS E 800 -5.45 15.63 -21.51
CA HIS E 800 -6.69 15.16 -20.91
C HIS E 800 -7.05 13.85 -21.59
N ILE E 801 -7.17 12.79 -20.80
CA ILE E 801 -7.35 11.44 -21.33
C ILE E 801 -8.67 10.86 -20.84
N PRO E 802 -9.66 10.67 -21.69
CA PRO E 802 -10.91 10.05 -21.24
C PRO E 802 -10.77 8.54 -21.16
N ILE E 803 -11.46 7.97 -20.18
CA ILE E 803 -11.47 6.54 -19.94
C ILE E 803 -12.91 6.10 -19.71
N ALA E 804 -13.17 4.82 -19.94
CA ALA E 804 -14.51 4.26 -19.79
C ALA E 804 -14.45 3.14 -18.76
N ILE E 805 -15.29 3.24 -17.73
CA ILE E 805 -15.30 2.27 -16.65
C ILE E 805 -16.55 1.40 -16.79
N ASN E 806 -16.36 0.08 -16.70
CA ASN E 806 -17.47 -0.87 -16.77
C ASN E 806 -18.28 -0.66 -18.04
N LYS E 807 -17.59 -0.59 -19.18
CA LYS E 807 -18.26 -0.43 -20.47
C LYS E 807 -19.23 -1.56 -20.74
N CYS E 808 -18.99 -2.75 -20.21
CA CYS E 808 -19.82 -3.93 -20.47
C CYS E 808 -20.26 -4.50 -19.14
N PRO E 809 -21.21 -3.84 -18.47
CA PRO E 809 -21.58 -4.26 -17.11
C PRO E 809 -22.45 -5.50 -17.15
N LYS E 810 -22.30 -6.32 -16.12
CA LYS E 810 -23.00 -7.59 -16.00
C LYS E 810 -24.09 -7.57 -14.94
N ASN E 811 -23.81 -7.04 -13.74
CA ASN E 811 -24.81 -6.92 -12.69
C ASN E 811 -25.85 -5.87 -13.02
N ILE E 812 -26.57 -6.05 -14.13
CA ILE E 812 -27.69 -5.19 -14.48
C ILE E 812 -28.85 -5.58 -13.57
N PHE E 813 -29.11 -4.76 -12.56
CA PHE E 813 -30.29 -4.89 -11.75
C PHE E 813 -30.63 -3.51 -11.19
N LYS E 814 -31.91 -3.33 -10.87
CA LYS E 814 -32.37 -2.16 -10.11
C LYS E 814 -31.55 -2.02 -8.83
N ILE E 815 -30.70 -1.00 -8.75
CA ILE E 815 -29.85 -0.87 -7.56
C ILE E 815 -30.70 -0.60 -6.32
N ASN E 816 -31.71 0.27 -6.43
CA ASN E 816 -32.58 0.54 -5.27
C ASN E 816 -33.27 -0.72 -4.79
N THR E 817 -33.88 -1.48 -5.72
CA THR E 817 -34.56 -2.72 -5.35
C THR E 817 -33.62 -3.68 -4.65
N GLU E 818 -32.42 -3.86 -5.21
CA GLU E 818 -31.44 -4.76 -4.63
C GLU E 818 -31.03 -4.32 -3.23
N VAL E 819 -30.87 -3.00 -3.02
CA VAL E 819 -30.57 -2.51 -1.67
C VAL E 819 -31.67 -2.90 -0.71
N ARG E 820 -32.94 -2.75 -1.12
CA ARG E 820 -34.05 -3.08 -0.23
C ARG E 820 -34.10 -4.57 0.08
N VAL E 821 -33.87 -5.42 -0.94
CA VAL E 821 -33.87 -6.86 -0.72
C VAL E 821 -32.80 -7.22 0.30
N LEU E 822 -31.63 -6.60 0.19
CA LEU E 822 -30.53 -6.91 1.09
C LEU E 822 -30.80 -6.40 2.49
N LEU E 823 -31.37 -5.19 2.61
CA LEU E 823 -31.72 -4.69 3.95
C LEU E 823 -32.74 -5.59 4.61
N LYS E 824 -33.74 -6.02 3.85
CA LYS E 824 -34.78 -6.88 4.40
C LYS E 824 -34.20 -8.15 5.00
N HIS E 825 -33.21 -8.75 4.33
CA HIS E 825 -32.65 -10.01 4.75
C HIS E 825 -31.39 -9.86 5.58
N ASP E 826 -30.99 -8.62 5.90
CA ASP E 826 -29.88 -8.38 6.80
C ASP E 826 -30.36 -8.42 8.26
N ASP E 827 -29.70 -9.26 9.05
CA ASP E 827 -30.05 -9.43 10.47
C ASP E 827 -29.89 -8.15 11.27
N ASN E 828 -28.88 -7.34 10.94
CA ASN E 828 -28.44 -6.27 11.82
C ASN E 828 -27.84 -5.15 10.99
N PRO E 829 -28.66 -4.47 10.18
CA PRO E 829 -28.11 -3.46 9.26
C PRO E 829 -27.68 -2.20 10.00
N TYR E 830 -26.50 -1.69 9.64
CA TYR E 830 -25.95 -0.47 10.22
C TYR E 830 -26.36 0.72 9.37
N VAL E 831 -26.56 1.86 10.04
CA VAL E 831 -26.96 3.09 9.38
C VAL E 831 -26.02 4.22 9.78
N ILE E 832 -25.53 4.95 8.78
CA ILE E 832 -24.80 6.19 8.98
C ILE E 832 -25.77 7.35 8.82
N GLY E 833 -26.10 8.02 9.92
CA GLY E 833 -26.94 9.21 9.85
C GLY E 833 -26.10 10.47 9.80
N ILE E 834 -26.44 11.37 8.87
CA ILE E 834 -25.69 12.60 8.65
C ILE E 834 -26.64 13.79 8.74
N ASP E 835 -26.36 14.70 9.66
CA ASP E 835 -27.12 15.93 9.86
C ASP E 835 -26.28 17.12 9.39
N ARG E 836 -26.94 18.10 8.79
CA ARG E 836 -26.30 19.31 8.31
C ARG E 836 -26.84 20.48 9.12
N GLY E 837 -25.95 21.39 9.51
CA GLY E 837 -26.30 22.35 10.55
C GLY E 837 -25.59 23.67 10.47
N GLU E 838 -26.00 24.57 11.36
CA GLU E 838 -25.34 25.87 11.52
C GLU E 838 -24.10 25.71 12.38
N ARG E 839 -24.28 25.27 13.62
CA ARG E 839 -23.15 25.02 14.51
C ARG E 839 -22.17 24.02 13.90
N ASN E 840 -22.68 22.94 13.29
CA ASN E 840 -21.85 21.89 12.72
C ASN E 840 -22.17 21.76 11.24
N LEU E 841 -21.18 21.99 10.39
CA LEU E 841 -21.40 21.78 8.95
C LEU E 841 -21.98 20.40 8.70
N LEU E 842 -21.34 19.37 9.23
CA LEU E 842 -21.85 18.02 9.14
C LEU E 842 -21.70 17.34 10.50
N TYR E 843 -22.65 16.49 10.83
CA TYR E 843 -22.56 15.71 12.04
C TYR E 843 -22.95 14.27 11.75
N ILE E 844 -22.13 13.33 12.24
CA ILE E 844 -22.25 11.91 11.91
C ILE E 844 -22.64 11.14 13.16
N VAL E 845 -23.68 10.31 13.04
CA VAL E 845 -23.97 9.25 14.02
C VAL E 845 -24.12 7.93 13.28
N VAL E 846 -23.42 6.90 13.75
CA VAL E 846 -23.59 5.54 13.24
C VAL E 846 -24.38 4.74 14.26
N VAL E 847 -25.36 3.97 13.78
CA VAL E 847 -26.13 3.09 14.65
C VAL E 847 -26.13 1.69 14.05
N ASP E 848 -26.38 0.70 14.92
CA ASP E 848 -26.58 -0.67 14.45
C ASP E 848 -28.07 -0.91 14.16
N GLY E 849 -28.41 -2.15 13.80
CA GLY E 849 -29.78 -2.50 13.48
C GLY E 849 -30.78 -2.28 14.59
N LYS E 850 -30.31 -2.23 15.84
CA LYS E 850 -31.19 -2.04 16.99
C LYS E 850 -31.22 -0.59 17.49
N GLY E 851 -30.61 0.34 16.76
CA GLY E 851 -30.62 1.73 17.16
C GLY E 851 -29.60 2.14 18.20
N ASN E 852 -28.68 1.26 18.60
CA ASN E 852 -27.57 1.66 19.47
C ASN E 852 -26.59 2.57 18.74
N ILE E 853 -26.17 3.64 19.42
CA ILE E 853 -25.13 4.49 18.86
C ILE E 853 -23.80 3.76 18.92
N VAL E 854 -23.13 3.69 17.79
CA VAL E 854 -21.81 3.06 17.69
C VAL E 854 -20.71 4.11 17.59
N GLU E 855 -20.93 5.16 16.81
CA GLU E 855 -20.01 6.28 16.64
C GLU E 855 -20.83 7.56 16.58
N GLN E 856 -20.29 8.65 17.14
CA GLN E 856 -20.89 9.97 16.94
C GLN E 856 -19.84 11.07 17.06
N TYR E 857 -19.78 11.95 16.07
CA TYR E 857 -18.88 13.09 16.15
C TYR E 857 -19.25 14.15 15.12
N SER E 858 -18.76 15.36 15.37
CA SER E 858 -18.85 16.45 14.42
C SER E 858 -17.74 16.35 13.37
N LEU E 859 -17.98 16.99 12.23
CA LEU E 859 -17.01 17.12 11.15
C LEU E 859 -16.67 18.58 10.86
N ASN E 860 -16.82 19.47 11.86
CA ASN E 860 -16.27 20.81 11.75
C ASN E 860 -14.76 20.76 11.57
N GLU E 861 -14.12 19.82 12.24
CA GLU E 861 -12.69 19.58 12.13
C GLU E 861 -12.47 18.20 11.53
N ILE E 862 -11.51 18.12 10.61
CA ILE E 862 -11.09 16.83 10.05
C ILE E 862 -9.86 16.38 10.82
N ILE E 863 -9.95 15.19 11.39
CA ILE E 863 -8.87 14.60 12.17
C ILE E 863 -8.30 13.47 11.34
N ASN E 864 -7.02 13.57 10.98
CA ASN E 864 -6.32 12.49 10.32
C ASN E 864 -5.10 12.11 11.15
N ASN E 865 -4.67 10.87 10.95
CA ASN E 865 -3.57 10.30 11.71
C ASN E 865 -2.70 9.54 10.73
N PHE E 866 -1.44 9.93 10.61
CA PHE E 866 -0.56 9.25 9.68
C PHE E 866 0.83 9.12 10.28
N ASN E 867 1.41 7.93 10.14
CA ASN E 867 2.71 7.63 10.74
C ASN E 867 2.78 8.09 12.19
N GLY E 868 1.69 7.86 12.93
CA GLY E 868 1.62 8.22 14.33
C GLY E 868 1.50 9.70 14.59
N ILE E 869 1.38 10.52 13.55
CA ILE E 869 1.23 11.97 13.66
C ILE E 869 -0.24 12.34 13.49
N ARG E 870 -0.80 13.02 14.48
CA ARG E 870 -2.13 13.58 14.39
C ARG E 870 -2.11 14.91 13.65
N ILE E 871 -3.11 15.11 12.78
CA ILE E 871 -3.31 16.39 12.10
C ILE E 871 -4.80 16.73 12.11
N LYS E 872 -5.11 17.91 12.60
CA LYS E 872 -6.48 18.37 12.79
C LYS E 872 -6.63 19.67 12.01
N THR E 873 -7.58 19.68 11.08
CA THR E 873 -7.89 20.87 10.28
C THR E 873 -9.29 21.33 10.65
N ASP E 874 -9.40 22.58 11.09
CA ASP E 874 -10.69 23.18 11.44
C ASP E 874 -11.23 23.87 10.19
N TYR E 875 -11.88 23.07 9.33
CA TYR E 875 -12.43 23.62 8.09
C TYR E 875 -13.58 24.57 8.36
N HIS E 876 -14.34 24.34 9.44
CA HIS E 876 -15.39 25.29 9.80
C HIS E 876 -14.81 26.67 10.01
N SER E 877 -13.68 26.75 10.71
CA SER E 877 -12.96 28.00 10.87
C SER E 877 -12.39 28.49 9.53
N LEU E 878 -11.78 27.61 8.73
CA LEU E 878 -11.21 28.06 7.46
C LEU E 878 -12.29 28.62 6.53
N LEU E 879 -13.44 27.95 6.46
CA LEU E 879 -14.53 28.45 5.61
C LEU E 879 -15.05 29.79 6.13
N ASP E 880 -15.16 29.95 7.45
CA ASP E 880 -15.64 31.21 8.01
C ASP E 880 -14.71 32.36 7.64
N LYS E 881 -13.41 32.16 7.83
CA LYS E 881 -12.45 33.21 7.47
C LYS E 881 -12.55 33.58 6.00
N LYS E 882 -12.70 32.59 5.12
CA LYS E 882 -12.73 32.87 3.69
C LYS E 882 -14.01 33.59 3.31
N GLU E 883 -15.14 33.23 3.92
CA GLU E 883 -16.35 34.03 3.71
C GLU E 883 -16.11 35.48 4.12
N LYS E 884 -15.48 35.68 5.28
CA LYS E 884 -15.17 37.04 5.73
C LYS E 884 -14.30 37.78 4.72
N GLU E 885 -13.23 37.14 4.24
CA GLU E 885 -12.35 37.78 3.26
C GLU E 885 -13.16 38.23 2.06
N ARG E 886 -14.00 37.36 1.52
CA ARG E 886 -14.77 37.67 0.33
C ARG E 886 -15.72 38.83 0.55
N PHE E 887 -16.49 38.78 1.64
CA PHE E 887 -17.37 39.89 2.01
C PHE E 887 -16.59 41.21 2.09
N GLU E 888 -15.49 41.23 2.85
CA GLU E 888 -14.67 42.43 2.95
C GLU E 888 -14.17 42.87 1.58
N ALA E 889 -13.79 41.91 0.74
CA ALA E 889 -13.22 42.23 -0.56
C ALA E 889 -14.26 42.91 -1.45
N ARG E 890 -15.49 42.39 -1.43
CA ARG E 890 -16.57 43.01 -2.19
C ARG E 890 -16.79 44.44 -1.74
N GLN E 891 -16.67 44.71 -0.43
CA GLN E 891 -16.92 46.05 0.07
C GLN E 891 -15.76 46.99 -0.22
N ASN E 892 -14.52 46.48 -0.21
CA ASN E 892 -13.32 47.29 -0.36
C ASN E 892 -12.85 47.40 -1.81
N TRP E 893 -13.53 46.77 -2.78
CA TRP E 893 -13.09 46.79 -4.17
C TRP E 893 -11.72 46.09 -4.34
N THR E 894 -11.47 45.04 -3.56
CA THR E 894 -10.26 44.25 -3.70
C THR E 894 -10.61 42.83 -4.13
N SER E 895 -9.57 42.06 -4.44
CA SER E 895 -9.73 40.77 -5.10
C SER E 895 -10.57 39.80 -4.27
N ILE E 896 -11.60 39.24 -4.90
CA ILE E 896 -12.51 38.31 -4.25
C ILE E 896 -11.98 36.90 -4.50
N GLU E 897 -11.42 36.29 -3.48
CA GLU E 897 -10.81 34.99 -3.61
C GLU E 897 -11.88 33.91 -3.70
N ASN E 898 -11.50 32.78 -4.29
CA ASN E 898 -12.44 31.68 -4.45
C ASN E 898 -12.72 31.01 -3.11
N ILE E 899 -13.92 30.46 -2.98
CA ILE E 899 -14.21 29.58 -1.85
C ILE E 899 -14.54 28.14 -2.28
N LYS E 900 -14.92 27.90 -3.53
CA LYS E 900 -15.37 26.55 -3.90
C LYS E 900 -14.25 25.51 -3.81
N GLU E 901 -13.00 25.89 -4.06
CA GLU E 901 -11.94 24.91 -3.89
C GLU E 901 -11.79 24.55 -2.42
N LEU E 902 -11.83 25.54 -1.53
CA LEU E 902 -11.74 25.22 -0.11
C LEU E 902 -12.88 24.32 0.32
N LYS E 903 -14.12 24.58 -0.17
CA LYS E 903 -15.24 23.68 0.14
C LYS E 903 -14.98 22.29 -0.40
N ALA E 904 -14.53 22.21 -1.65
CA ALA E 904 -14.21 20.91 -2.23
C ALA E 904 -13.15 20.19 -1.42
N GLY E 905 -12.12 20.92 -0.97
CA GLY E 905 -11.09 20.30 -0.15
C GLY E 905 -11.66 19.67 1.10
N TYR E 906 -12.52 20.42 1.79
CA TYR E 906 -13.16 19.92 2.99
C TYR E 906 -14.02 18.70 2.70
N ILE E 907 -14.87 18.84 1.68
CA ILE E 907 -15.83 17.78 1.42
C ILE E 907 -15.10 16.50 1.02
N SER E 908 -13.96 16.60 0.34
CA SER E 908 -13.29 15.37 -0.06
C SER E 908 -12.78 14.58 1.14
N GLN E 909 -12.36 15.26 2.20
CA GLN E 909 -12.05 14.54 3.44
C GLN E 909 -13.32 13.93 4.05
N VAL E 910 -14.44 14.67 4.00
CA VAL E 910 -15.70 14.15 4.55
C VAL E 910 -16.14 12.88 3.81
N VAL E 911 -16.11 12.94 2.48
CA VAL E 911 -16.51 11.82 1.65
C VAL E 911 -15.62 10.63 1.93
N HIS E 912 -14.31 10.87 2.03
CA HIS E 912 -13.38 9.78 2.30
C HIS E 912 -13.76 9.05 3.58
N LYS E 913 -14.03 9.81 4.66
CA LYS E 913 -14.38 9.20 5.94
C LYS E 913 -15.70 8.46 5.85
N ILE E 914 -16.67 9.01 5.13
CA ILE E 914 -17.96 8.35 5.00
C ILE E 914 -17.78 7.03 4.26
N CYS E 915 -16.96 7.01 3.20
CA CYS E 915 -16.69 5.78 2.47
C CYS E 915 -16.05 4.72 3.36
N GLU E 916 -15.12 5.15 4.21
CA GLU E 916 -14.57 4.20 5.18
C GLU E 916 -15.67 3.67 6.09
N LEU E 917 -16.59 4.54 6.53
CA LEU E 917 -17.67 4.06 7.38
C LEU E 917 -18.53 3.05 6.64
N VAL E 918 -18.89 3.34 5.39
CA VAL E 918 -19.71 2.41 4.60
C VAL E 918 -19.02 1.06 4.50
N GLU E 919 -17.73 1.06 4.15
CA GLU E 919 -16.97 -0.18 4.06
C GLU E 919 -16.87 -0.86 5.41
N LYS E 920 -16.49 -0.12 6.44
CA LYS E 920 -16.26 -0.73 7.75
C LYS E 920 -17.52 -1.41 8.26
N TYR E 921 -18.69 -0.77 8.10
CA TYR E 921 -19.91 -1.27 8.70
C TYR E 921 -20.91 -1.85 7.71
N ASP E 922 -20.59 -1.89 6.41
CA ASP E 922 -21.56 -2.36 5.42
C ASP E 922 -22.86 -1.56 5.54
N ALA E 923 -22.73 -0.24 5.74
CA ALA E 923 -23.81 0.60 6.24
C ALA E 923 -24.44 1.43 5.13
N VAL E 924 -25.74 1.65 5.25
CA VAL E 924 -26.40 2.62 4.37
C VAL E 924 -26.35 4.00 5.02
N ILE E 925 -26.68 5.02 4.22
CA ILE E 925 -26.56 6.42 4.61
C ILE E 925 -27.96 7.02 4.74
N ALA E 926 -28.16 7.83 5.78
CA ALA E 926 -29.42 8.51 6.03
C ALA E 926 -29.20 10.02 6.00
N LEU E 927 -30.01 10.74 5.21
CA LEU E 927 -29.94 12.19 5.10
C LEU E 927 -31.32 12.81 5.21
N GLU E 928 -31.34 14.10 5.57
CA GLU E 928 -32.56 14.89 5.54
C GLU E 928 -33.06 15.03 4.11
N ASP E 929 -34.32 14.68 3.89
CA ASP E 929 -34.90 15.01 2.60
C ASP E 929 -35.18 16.50 2.61
N LEU E 930 -34.23 17.29 2.10
CA LEU E 930 -34.42 18.73 2.00
C LEU E 930 -35.17 19.15 0.75
N ASN E 931 -36.20 18.36 0.39
CA ASN E 931 -37.07 18.58 -0.78
C ASN E 931 -36.31 19.12 -2.00
N VAL E 939 -27.39 29.38 0.91
CA VAL E 939 -26.37 29.86 -0.03
C VAL E 939 -25.95 31.26 0.41
N LYS E 940 -26.92 32.03 0.93
CA LYS E 940 -26.60 33.28 1.60
C LYS E 940 -25.57 33.05 2.70
N VAL E 941 -25.79 32.03 3.54
CA VAL E 941 -24.75 31.54 4.44
C VAL E 941 -23.68 30.90 3.57
N GLU E 942 -22.81 31.73 2.99
CA GLU E 942 -21.84 31.33 1.97
C GLU E 942 -21.02 30.12 2.40
N LYS E 943 -21.07 29.79 3.69
CA LYS E 943 -20.39 28.61 4.25
C LYS E 943 -21.02 27.30 3.80
N GLN E 944 -22.25 27.35 3.31
CA GLN E 944 -23.03 26.13 3.17
C GLN E 944 -22.35 25.12 2.24
N VAL E 945 -22.58 23.87 2.53
CA VAL E 945 -21.74 22.80 2.00
C VAL E 945 -22.70 21.69 1.55
N TYR E 946 -23.97 21.84 1.93
CA TYR E 946 -24.92 20.74 1.82
C TYR E 946 -25.01 20.21 0.40
N GLN E 947 -25.19 21.11 -0.58
CA GLN E 947 -25.37 20.66 -1.95
C GLN E 947 -24.10 20.01 -2.50
N LYS E 948 -22.96 20.72 -2.38
CA LYS E 948 -21.70 20.19 -2.90
C LYS E 948 -21.32 18.88 -2.22
N PHE E 949 -21.68 18.74 -0.94
CA PHE E 949 -21.42 17.49 -0.23
C PHE E 949 -22.23 16.35 -0.85
N GLU E 950 -23.49 16.62 -1.18
CA GLU E 950 -24.31 15.59 -1.83
C GLU E 950 -23.69 15.15 -3.14
N LYS E 951 -23.32 16.14 -3.97
CA LYS E 951 -22.83 15.83 -5.31
C LYS E 951 -21.53 15.03 -5.26
N MET E 952 -20.59 15.45 -4.41
CA MET E 952 -19.32 14.73 -4.34
C MET E 952 -19.50 13.35 -3.74
N LEU E 953 -20.41 13.24 -2.75
CA LEU E 953 -20.68 11.94 -2.14
C LEU E 953 -21.34 11.01 -3.15
N ILE E 954 -22.35 11.51 -3.85
CA ILE E 954 -23.02 10.71 -4.87
C ILE E 954 -22.02 10.27 -5.95
N ASP E 955 -21.18 11.21 -6.42
CA ASP E 955 -20.18 10.91 -7.44
C ASP E 955 -19.23 9.81 -6.99
N LYS E 956 -18.65 9.95 -5.80
CA LYS E 956 -17.76 8.91 -5.31
C LYS E 956 -18.48 7.56 -5.31
N LEU E 957 -19.73 7.54 -4.89
CA LEU E 957 -20.42 6.27 -4.70
C LEU E 957 -20.89 5.67 -6.02
N ASN E 958 -20.85 6.44 -7.11
CA ASN E 958 -20.99 5.86 -8.43
C ASN E 958 -19.87 4.87 -8.74
N TYR E 959 -18.70 5.07 -8.13
CA TYR E 959 -17.59 4.14 -8.38
C TYR E 959 -16.57 4.31 -7.24
N MET E 960 -16.78 3.56 -6.17
CA MET E 960 -16.07 3.74 -4.91
C MET E 960 -14.93 2.74 -4.83
N VAL E 961 -13.70 3.25 -4.74
CA VAL E 961 -12.49 2.46 -4.81
C VAL E 961 -11.70 2.65 -3.52
N ASP E 962 -11.07 1.58 -3.04
CA ASP E 962 -10.00 1.72 -2.06
C ASP E 962 -8.67 1.71 -2.81
N LYS E 963 -7.99 2.86 -2.81
CA LYS E 963 -6.71 3.01 -3.50
C LYS E 963 -5.72 1.91 -3.13
N LYS E 964 -5.59 1.63 -1.85
CA LYS E 964 -4.46 0.84 -1.40
C LYS E 964 -4.74 -0.67 -1.42
N SER E 965 -5.70 -1.12 -2.23
CA SER E 965 -6.04 -2.53 -2.34
C SER E 965 -5.60 -3.10 -3.68
N ASN E 966 -5.40 -4.42 -3.70
CA ASN E 966 -5.29 -5.17 -4.95
C ASN E 966 -6.35 -4.69 -5.93
N PRO E 967 -5.97 -4.02 -7.01
CA PRO E 967 -6.97 -3.45 -7.93
C PRO E 967 -7.95 -4.49 -8.44
N CYS E 968 -7.55 -5.78 -8.45
CA CYS E 968 -8.39 -6.89 -8.87
C CYS E 968 -9.32 -7.38 -7.78
N ALA E 969 -9.02 -7.11 -6.51
CA ALA E 969 -9.93 -7.43 -5.43
C ALA E 969 -11.17 -6.56 -5.49
N THR E 970 -12.26 -7.08 -4.92
CA THR E 970 -13.51 -6.34 -4.78
C THR E 970 -13.27 -5.05 -4.01
N GLY E 971 -13.88 -3.97 -4.47
CA GLY E 971 -13.52 -2.64 -3.99
C GLY E 971 -12.20 -2.10 -4.51
N GLY E 972 -11.43 -2.90 -5.26
CA GLY E 972 -10.21 -2.40 -5.85
C GLY E 972 -10.49 -1.58 -7.10
N ALA E 973 -9.42 -1.02 -7.66
CA ALA E 973 -9.59 -0.03 -8.73
C ALA E 973 -10.28 -0.60 -9.96
N LEU E 974 -10.15 -1.91 -10.22
CA LEU E 974 -10.80 -2.56 -11.36
C LEU E 974 -12.17 -3.11 -11.03
N LYS E 975 -12.58 -3.03 -9.76
CA LYS E 975 -13.78 -3.66 -9.26
C LYS E 975 -14.41 -2.77 -8.19
N GLY E 976 -14.66 -1.52 -8.55
CA GLY E 976 -15.17 -0.56 -7.58
C GLY E 976 -16.65 -0.72 -7.29
N TYR E 977 -17.08 -0.17 -6.16
CA TYR E 977 -18.47 -0.28 -5.75
C TYR E 977 -19.31 0.79 -6.43
N GLN E 978 -20.55 0.43 -6.75
CA GLN E 978 -21.49 1.34 -7.40
C GLN E 978 -22.77 1.25 -6.57
N ILE E 979 -22.85 2.08 -5.54
CA ILE E 979 -23.94 1.99 -4.60
C ILE E 979 -24.85 3.22 -4.66
N THR E 980 -24.61 4.09 -5.62
CA THR E 980 -25.61 5.06 -6.04
C THR E 980 -25.86 4.89 -7.52
N ASN E 981 -27.06 5.27 -7.95
CA ASN E 981 -27.38 5.25 -9.36
C ASN E 981 -26.51 6.25 -10.10
N LYS E 982 -26.25 5.97 -11.38
CA LYS E 982 -25.44 6.87 -12.19
C LYS E 982 -25.99 8.28 -12.07
N PHE E 983 -25.16 9.21 -11.60
CA PHE E 983 -25.65 10.56 -11.37
C PHE E 983 -25.95 11.23 -12.70
N GLU E 984 -27.23 11.40 -13.01
CA GLU E 984 -27.63 12.16 -14.19
C GLU E 984 -27.87 13.61 -13.84
N SER E 985 -28.67 13.85 -12.81
CA SER E 985 -29.08 15.20 -12.40
C SER E 985 -29.76 15.11 -11.04
N PHE E 986 -29.83 16.26 -10.37
CA PHE E 986 -30.63 16.32 -9.15
C PHE E 986 -32.13 16.24 -9.47
N LYS E 987 -32.54 16.84 -10.59
CA LYS E 987 -33.94 16.83 -11.01
C LYS E 987 -34.58 15.45 -10.89
N SER E 988 -33.87 14.45 -11.38
CA SER E 988 -34.46 13.12 -11.60
C SER E 988 -34.36 12.21 -10.37
N MET E 989 -33.83 12.71 -9.26
CA MET E 989 -33.60 11.84 -8.10
C MET E 989 -34.86 11.68 -7.26
N SER E 990 -34.94 10.54 -6.58
CA SER E 990 -36.03 10.21 -5.67
C SER E 990 -35.49 10.30 -4.25
N THR E 991 -36.27 9.78 -3.29
CA THR E 991 -35.81 9.81 -1.91
C THR E 991 -34.93 8.61 -1.56
N GLN E 992 -34.70 7.70 -2.51
CA GLN E 992 -33.71 6.66 -2.34
C GLN E 992 -32.78 6.67 -3.54
N ASN E 993 -31.48 6.69 -3.26
CA ASN E 993 -30.46 6.67 -4.29
C ASN E 993 -29.48 5.60 -3.86
N GLY E 994 -29.82 4.35 -4.13
CA GLY E 994 -28.96 3.24 -3.76
C GLY E 994 -28.81 3.13 -2.25
N PHE E 995 -27.60 3.26 -1.75
CA PHE E 995 -27.38 3.18 -0.30
C PHE E 995 -27.85 4.42 0.43
N ILE E 996 -28.23 5.48 -0.28
CA ILE E 996 -28.60 6.76 0.33
C ILE E 996 -30.11 6.85 0.44
N PHE E 997 -30.62 7.08 1.66
CA PHE E 997 -32.04 7.31 1.90
C PHE E 997 -32.25 8.73 2.43
N TYR E 998 -33.23 9.44 1.84
CA TYR E 998 -33.67 10.75 2.29
C TYR E 998 -34.99 10.63 3.03
N ILE E 999 -35.04 11.10 4.28
CA ILE E 999 -36.23 10.90 5.11
C ILE E 999 -36.68 12.25 5.67
N PRO E 1000 -37.96 12.35 6.07
CA PRO E 1000 -38.46 13.63 6.61
C PRO E 1000 -37.72 14.02 7.89
N ALA E 1001 -37.27 15.27 7.96
CA ALA E 1001 -36.51 15.75 9.10
C ALA E 1001 -37.36 16.14 10.32
N TRP E 1002 -38.69 16.02 10.23
CA TRP E 1002 -39.59 16.53 11.27
C TRP E 1002 -39.23 16.00 12.66
N LEU E 1003 -38.93 16.93 13.57
CA LEU E 1003 -38.66 16.62 14.98
C LEU E 1003 -37.62 15.50 15.13
N THR E 1004 -36.54 15.62 14.37
CA THR E 1004 -35.40 14.75 14.60
C THR E 1004 -34.42 15.31 15.61
N SER E 1005 -34.38 16.63 15.78
CA SER E 1005 -33.49 17.30 16.72
C SER E 1005 -34.20 17.82 17.97
N LYS E 1006 -35.39 18.41 17.82
CA LYS E 1006 -36.11 18.95 18.97
C LYS E 1006 -36.98 17.86 19.62
N ILE E 1007 -36.31 16.81 20.07
CA ILE E 1007 -36.95 15.63 20.65
C ILE E 1007 -36.01 15.03 21.68
N ASP E 1008 -36.57 14.61 22.81
CA ASP E 1008 -35.87 13.94 23.89
C ASP E 1008 -35.62 12.51 23.49
N PRO E 1009 -34.37 12.11 23.23
CA PRO E 1009 -34.12 10.76 22.74
C PRO E 1009 -34.40 9.68 23.76
N SER E 1010 -34.32 10.00 25.05
CA SER E 1010 -34.51 9.01 26.10
C SER E 1010 -35.97 8.63 26.31
N THR E 1011 -36.91 9.45 25.86
CA THR E 1011 -38.34 9.23 26.09
C THR E 1011 -39.21 9.38 24.87
N GLY E 1012 -38.71 10.00 23.81
CA GLY E 1012 -39.57 10.33 22.70
C GLY E 1012 -40.39 11.59 22.90
N PHE E 1013 -40.27 12.27 24.04
CA PHE E 1013 -41.06 13.48 24.25
C PHE E 1013 -40.74 14.56 23.23
N VAL E 1014 -41.79 15.18 22.71
CA VAL E 1014 -41.69 16.38 21.89
C VAL E 1014 -42.70 17.39 22.41
N ASN E 1015 -42.41 18.67 22.17
CA ASN E 1015 -43.30 19.76 22.55
C ASN E 1015 -44.32 19.98 21.43
N LEU E 1016 -45.58 19.69 21.70
CA LEU E 1016 -46.65 19.92 20.76
C LEU E 1016 -47.60 21.02 21.21
N LEU E 1017 -47.33 21.65 22.35
CA LEU E 1017 -48.15 22.73 22.87
C LEU E 1017 -47.86 24.03 22.14
N LYS E 1018 -48.90 24.87 22.00
CA LYS E 1018 -48.78 26.22 21.46
C LYS E 1018 -48.77 27.19 22.63
N THR E 1019 -47.61 27.81 22.89
CA THR E 1019 -47.44 28.60 24.10
C THR E 1019 -47.32 30.10 23.84
N LYS E 1020 -47.51 30.57 22.60
CA LYS E 1020 -47.52 32.01 22.36
C LYS E 1020 -48.74 32.63 23.02
N TYR E 1021 -48.52 33.68 23.82
CA TYR E 1021 -49.62 34.37 24.48
C TYR E 1021 -50.53 35.02 23.45
N THR E 1022 -51.84 34.93 23.70
CA THR E 1022 -52.85 35.54 22.83
C THR E 1022 -53.86 36.37 23.60
N SER E 1023 -54.34 35.89 24.74
CA SER E 1023 -55.26 36.65 25.57
C SER E 1023 -55.30 36.02 26.95
N ILE E 1024 -55.82 36.79 27.91
CA ILE E 1024 -56.03 36.25 29.25
C ILE E 1024 -56.98 35.05 29.20
N ALA E 1025 -58.06 35.16 28.42
CA ALA E 1025 -59.03 34.07 28.33
C ALA E 1025 -58.39 32.79 27.84
N ASP E 1026 -57.48 32.89 26.85
CA ASP E 1026 -56.85 31.70 26.30
C ASP E 1026 -55.78 31.15 27.24
N SER E 1027 -55.00 32.02 27.88
CA SER E 1027 -54.00 31.56 28.83
C SER E 1027 -54.66 30.81 29.99
N LYS E 1028 -55.82 31.29 30.44
CA LYS E 1028 -56.54 30.60 31.51
C LYS E 1028 -57.05 29.24 31.04
N LYS E 1029 -57.50 29.15 29.78
CA LYS E 1029 -57.95 27.86 29.25
C LYS E 1029 -56.79 26.88 29.14
N PHE E 1030 -55.62 27.36 28.70
CA PHE E 1030 -54.41 26.54 28.66
C PHE E 1030 -54.05 26.02 30.05
N ILE E 1031 -54.06 26.90 31.06
CA ILE E 1031 -53.73 26.48 32.42
C ILE E 1031 -54.70 25.41 32.91
N SER E 1032 -56.01 25.67 32.77
CA SER E 1032 -57.04 24.74 33.20
C SER E 1032 -57.06 23.46 32.38
N SER E 1033 -56.43 23.43 31.21
CA SER E 1033 -56.35 22.22 30.40
C SER E 1033 -55.35 21.21 30.94
N PHE E 1034 -54.35 21.67 31.69
CA PHE E 1034 -53.49 20.74 32.41
C PHE E 1034 -54.30 19.98 33.44
N ASP E 1035 -53.84 18.79 33.78
CA ASP E 1035 -54.54 17.99 34.78
C ASP E 1035 -54.19 18.46 36.19
N ARG E 1036 -52.91 18.77 36.41
CA ARG E 1036 -52.48 19.27 37.70
C ARG E 1036 -51.22 20.09 37.47
N ILE E 1037 -51.07 21.13 38.28
CA ILE E 1037 -49.85 21.94 38.35
C ILE E 1037 -49.57 22.14 39.83
N MET E 1038 -48.37 21.75 40.27
CA MET E 1038 -48.08 21.81 41.70
C MET E 1038 -46.59 21.96 41.93
N TYR E 1039 -46.26 22.42 43.14
CA TYR E 1039 -44.89 22.48 43.61
C TYR E 1039 -44.57 21.19 44.34
N VAL E 1040 -43.43 20.59 44.01
CA VAL E 1040 -42.95 19.42 44.72
C VAL E 1040 -41.75 19.86 45.54
N PRO E 1041 -41.93 20.38 46.76
CA PRO E 1041 -40.78 20.79 47.57
C PRO E 1041 -39.77 19.68 47.81
N GLU E 1042 -40.16 18.41 47.72
CA GLU E 1042 -39.20 17.33 47.84
C GLU E 1042 -38.18 17.36 46.72
N GLU E 1043 -38.58 17.77 45.52
CA GLU E 1043 -37.68 17.85 44.37
C GLU E 1043 -37.32 19.28 43.99
N ASP E 1044 -37.83 20.28 44.72
CA ASP E 1044 -37.69 21.69 44.38
C ASP E 1044 -38.01 21.93 42.90
N LEU E 1045 -39.15 21.37 42.46
CA LEU E 1045 -39.59 21.50 41.08
C LEU E 1045 -41.08 21.74 41.03
N PHE E 1046 -41.50 22.48 40.01
CA PHE E 1046 -42.91 22.59 39.67
C PHE E 1046 -43.25 21.51 38.65
N GLU E 1047 -44.28 20.73 38.95
CA GLU E 1047 -44.72 19.63 38.09
C GLU E 1047 -45.99 20.03 37.35
N PHE E 1048 -45.99 19.81 36.03
CA PHE E 1048 -47.11 20.18 35.15
C PHE E 1048 -47.59 18.91 34.46
N ALA E 1049 -48.61 18.27 35.02
CA ALA E 1049 -49.12 17.00 34.51
C ALA E 1049 -50.21 17.25 33.48
N LEU E 1050 -49.99 16.82 32.24
CA LEU E 1050 -50.92 17.08 31.16
C LEU E 1050 -51.24 15.82 30.38
N ASP E 1051 -52.40 15.83 29.73
CA ASP E 1051 -52.84 14.81 28.79
C ASP E 1051 -53.03 15.50 27.44
N TYR E 1052 -52.16 15.18 26.48
CA TYR E 1052 -52.20 15.84 25.18
C TYR E 1052 -53.58 15.80 24.53
N LYS E 1053 -54.45 14.86 24.90
CA LYS E 1053 -55.77 14.84 24.31
C LYS E 1053 -56.60 16.07 24.67
N ASN E 1054 -56.19 16.85 25.67
CA ASN E 1054 -56.87 18.08 26.06
C ASN E 1054 -56.39 19.31 25.30
N PHE E 1055 -55.37 19.18 24.46
CA PHE E 1055 -54.77 20.29 23.74
C PHE E 1055 -54.91 20.05 22.25
N SER E 1056 -54.99 21.15 21.50
CA SER E 1056 -55.37 21.07 20.09
C SER E 1056 -54.23 20.59 19.21
N ARG E 1057 -54.55 19.73 18.26
CA ARG E 1057 -53.66 19.36 17.16
C ARG E 1057 -52.38 18.71 17.66
N THR E 1058 -52.46 18.04 18.81
CA THR E 1058 -51.38 17.23 19.33
C THR E 1058 -51.53 15.75 18.97
N ASP E 1059 -52.32 15.46 17.93
CA ASP E 1059 -52.73 14.09 17.60
C ASP E 1059 -51.54 13.16 17.31
N ALA E 1060 -50.45 13.69 16.76
CA ALA E 1060 -49.33 12.82 16.41
C ALA E 1060 -48.75 12.10 17.63
N ASP E 1061 -48.91 12.67 18.83
CA ASP E 1061 -48.27 12.06 19.99
C ASP E 1061 -48.87 10.69 20.28
N TYR E 1062 -48.06 9.84 20.90
CA TYR E 1062 -48.47 8.47 21.20
C TYR E 1062 -48.72 8.23 22.67
N ILE E 1063 -47.84 8.72 23.56
CA ILE E 1063 -47.99 8.48 24.99
C ILE E 1063 -49.11 9.34 25.59
N LYS E 1064 -49.35 10.51 25.02
CA LYS E 1064 -50.40 11.45 25.45
C LYS E 1064 -50.18 11.99 26.88
N LYS E 1065 -49.98 11.12 27.86
CA LYS E 1065 -49.91 11.53 29.27
C LYS E 1065 -48.46 11.77 29.67
N TRP E 1066 -48.13 13.03 29.98
CA TRP E 1066 -46.78 13.41 30.37
C TRP E 1066 -46.80 14.26 31.63
N LYS E 1067 -45.72 14.15 32.41
CA LYS E 1067 -45.49 15.02 33.55
C LYS E 1067 -44.22 15.81 33.27
N LEU E 1068 -44.36 17.14 33.20
CA LEU E 1068 -43.28 18.05 32.88
C LEU E 1068 -42.77 18.69 34.16
N TYR E 1069 -41.48 19.07 34.17
CA TYR E 1069 -40.88 19.66 35.34
C TYR E 1069 -40.05 20.89 34.96
N SER E 1070 -40.00 21.86 35.89
CA SER E 1070 -39.19 23.05 35.68
C SER E 1070 -37.72 22.79 36.02
N TYR E 1071 -37.19 21.66 35.53
CA TYR E 1071 -35.85 21.19 35.86
C TYR E 1071 -34.83 21.84 34.93
N GLY E 1072 -33.90 22.59 35.51
CA GLY E 1072 -32.77 23.12 34.77
C GLY E 1072 -32.91 24.57 34.38
N ASN E 1073 -32.05 24.97 33.44
CA ASN E 1073 -32.02 26.32 32.91
C ASN E 1073 -32.31 26.31 31.42
N ARG E 1074 -32.66 27.49 30.90
CA ARG E 1074 -32.93 27.67 29.49
C ARG E 1074 -32.26 28.95 29.01
N ILE E 1075 -31.90 28.98 27.73
CA ILE E 1075 -31.32 30.17 27.11
C ILE E 1075 -32.44 30.85 26.33
N ARG E 1076 -32.99 31.92 26.92
CA ARG E 1076 -33.98 32.71 26.21
C ARG E 1076 -33.27 33.70 25.30
N ILE E 1077 -33.75 33.82 24.06
CA ILE E 1077 -33.26 34.81 23.11
C ILE E 1077 -34.30 35.93 23.08
N PHE E 1078 -33.93 37.12 23.57
CA PHE E 1078 -34.86 38.23 23.76
C PHE E 1078 -34.88 39.22 22.58
N ASP E 1088 -28.95 40.23 22.44
CA ASP E 1088 -30.14 40.02 23.25
C ASP E 1088 -30.38 38.53 23.47
N TRP E 1089 -29.95 38.05 24.64
CA TRP E 1089 -30.19 36.68 25.10
C TRP E 1089 -29.97 36.67 26.59
N GLU E 1090 -30.57 35.70 27.27
CA GLU E 1090 -30.40 35.58 28.70
C GLU E 1090 -30.60 34.15 29.16
N GLU E 1091 -29.87 33.78 30.20
CA GLU E 1091 -30.09 32.51 30.88
C GLU E 1091 -31.19 32.65 31.92
N VAL E 1092 -32.02 31.62 32.04
CA VAL E 1092 -33.17 31.61 32.93
C VAL E 1092 -33.16 30.31 33.74
N CYS E 1093 -33.04 30.43 35.05
CA CYS E 1093 -33.31 29.29 35.93
C CYS E 1093 -34.82 29.15 36.08
N LEU E 1094 -35.37 28.03 35.61
CA LEU E 1094 -36.83 27.92 35.49
C LEU E 1094 -37.52 27.95 36.85
N THR E 1095 -37.11 27.09 37.77
CA THR E 1095 -37.82 27.00 39.06
C THR E 1095 -37.78 28.33 39.81
N SER E 1096 -36.61 28.98 39.85
CA SER E 1096 -36.52 30.29 40.50
C SER E 1096 -37.34 31.33 39.75
N ALA E 1097 -37.42 31.24 38.42
CA ALA E 1097 -38.20 32.19 37.64
C ALA E 1097 -39.68 32.04 37.93
N TYR E 1098 -40.16 30.80 38.09
CA TYR E 1098 -41.57 30.60 38.44
C TYR E 1098 -41.86 31.13 39.83
N LYS E 1099 -40.93 30.94 40.78
CA LYS E 1099 -41.10 31.50 42.10
C LYS E 1099 -41.10 33.03 42.07
N GLU E 1100 -40.19 33.62 41.28
CA GLU E 1100 -40.18 35.08 41.13
C GLU E 1100 -41.50 35.59 40.55
N LEU E 1101 -42.20 34.75 39.78
CA LEU E 1101 -43.43 35.18 39.12
C LEU E 1101 -44.65 35.03 40.01
N PHE E 1102 -44.75 33.92 40.75
CA PHE E 1102 -45.84 33.80 41.71
C PHE E 1102 -45.65 34.72 42.91
N ASN E 1103 -44.40 35.01 43.27
CA ASN E 1103 -44.14 35.97 44.34
C ASN E 1103 -44.49 37.38 43.90
N LYS E 1104 -44.26 37.71 42.62
CA LYS E 1104 -44.58 39.06 42.16
C LYS E 1104 -46.06 39.36 42.32
N TYR E 1105 -46.92 38.39 42.01
CA TYR E 1105 -48.35 38.58 42.02
C TYR E 1105 -49.02 37.98 43.25
N GLY E 1106 -48.26 37.74 44.31
CA GLY E 1106 -48.81 37.22 45.56
C GLY E 1106 -49.58 35.93 45.43
N ILE E 1107 -48.92 34.85 45.03
CA ILE E 1107 -49.55 33.55 44.85
C ILE E 1107 -48.86 32.56 45.78
N ASN E 1108 -49.65 32.01 46.71
CA ASN E 1108 -49.16 30.93 47.58
C ASN E 1108 -49.01 29.65 46.77
N TYR E 1109 -47.84 29.47 46.12
CA TYR E 1109 -47.62 28.34 45.22
C TYR E 1109 -47.47 27.00 45.94
N GLN E 1110 -47.69 26.92 47.25
CA GLN E 1110 -47.66 25.64 47.95
C GLN E 1110 -49.03 24.99 48.08
N GLN E 1111 -50.11 25.75 47.90
CA GLN E 1111 -51.47 25.26 48.19
C GLN E 1111 -51.90 24.15 47.22
N GLY E 1112 -51.13 23.06 47.15
CA GLY E 1112 -51.53 21.89 46.38
C GLY E 1112 -51.65 22.17 44.90
N ASP E 1113 -52.75 21.68 44.31
CA ASP E 1113 -53.07 22.03 42.93
C ASP E 1113 -53.34 23.52 42.83
N ILE E 1114 -52.65 24.16 41.89
CA ILE E 1114 -52.59 25.62 41.77
C ILE E 1114 -53.34 26.13 40.55
N ARG E 1115 -53.88 25.24 39.72
CA ARG E 1115 -54.52 25.65 38.46
C ARG E 1115 -55.57 26.72 38.67
N ALA E 1116 -56.56 26.45 39.55
CA ALA E 1116 -57.57 27.46 39.84
C ALA E 1116 -56.95 28.72 40.41
N LEU E 1117 -55.97 28.57 41.31
CA LEU E 1117 -55.32 29.73 41.91
C LEU E 1117 -54.71 30.64 40.86
N LEU E 1118 -54.10 30.06 39.82
CA LEU E 1118 -53.47 30.86 38.78
C LEU E 1118 -54.51 31.65 37.99
N CYS E 1119 -55.59 30.99 37.57
CA CYS E 1119 -56.62 31.66 36.80
C CYS E 1119 -57.38 32.70 37.61
N GLU E 1120 -57.13 32.79 38.92
CA GLU E 1120 -57.67 33.88 39.71
C GLU E 1120 -57.08 35.21 39.30
N GLN E 1121 -55.83 35.22 38.82
CA GLN E 1121 -55.16 36.47 38.46
C GLN E 1121 -55.93 37.19 37.34
N SER E 1122 -55.84 38.52 37.34
CA SER E 1122 -56.63 39.36 36.45
C SER E 1122 -55.83 40.20 35.46
N ASP E 1123 -54.54 40.37 35.64
CA ASP E 1123 -53.75 41.22 34.76
C ASP E 1123 -53.13 40.42 33.62
N LYS E 1124 -52.97 41.09 32.47
CA LYS E 1124 -52.34 40.47 31.31
C LYS E 1124 -50.85 40.23 31.53
N ALA E 1125 -50.21 40.95 32.45
CA ALA E 1125 -48.77 40.82 32.61
C ALA E 1125 -48.38 39.51 33.28
N PHE E 1126 -49.27 38.93 34.10
CA PHE E 1126 -48.96 37.66 34.75
C PHE E 1126 -49.01 36.50 33.74
N TYR E 1127 -50.08 36.45 32.95
CA TYR E 1127 -50.21 35.36 31.99
C TYR E 1127 -49.17 35.46 30.89
N SER E 1128 -48.87 36.69 30.44
CA SER E 1128 -47.81 36.88 29.45
C SER E 1128 -46.48 36.32 29.93
N SER E 1129 -46.13 36.58 31.19
CA SER E 1129 -44.88 36.03 31.74
C SER E 1129 -44.96 34.52 31.91
N PHE E 1130 -46.08 34.04 32.49
CA PHE E 1130 -46.28 32.61 32.68
C PHE E 1130 -46.27 31.85 31.36
N MET E 1131 -46.76 32.47 30.28
CA MET E 1131 -46.76 31.81 28.98
C MET E 1131 -45.37 31.72 28.39
N ALA E 1132 -44.54 32.75 28.59
CA ALA E 1132 -43.18 32.72 28.08
C ALA E 1132 -42.30 31.80 28.93
N LEU E 1133 -42.66 31.61 30.20
CA LEU E 1133 -41.93 30.64 31.00
C LEU E 1133 -42.27 29.21 30.58
N MET E 1134 -43.50 29.00 30.10
CA MET E 1134 -43.89 27.68 29.61
C MET E 1134 -43.19 27.36 28.30
N SER E 1135 -43.09 28.35 27.39
CA SER E 1135 -42.35 28.15 26.15
C SER E 1135 -40.89 27.84 26.46
N LEU E 1136 -40.30 28.54 27.44
CA LEU E 1136 -38.92 28.29 27.82
C LEU E 1136 -38.75 26.87 28.33
N MET E 1137 -39.69 26.40 29.14
CA MET E 1137 -39.61 25.06 29.70
C MET E 1137 -39.77 23.98 28.62
N LEU E 1138 -40.57 24.24 27.60
CA LEU E 1138 -40.78 23.31 26.48
C LEU E 1138 -39.78 23.51 25.36
N GLN E 1139 -38.83 24.45 25.50
CA GLN E 1139 -37.76 24.66 24.54
C GLN E 1139 -36.60 23.76 24.94
N MET E 1140 -36.52 22.58 24.30
CA MET E 1140 -35.52 21.59 24.71
C MET E 1140 -34.13 21.91 24.14
N ARG E 1141 -34.07 22.41 22.91
CA ARG E 1141 -32.81 22.83 22.32
C ARG E 1141 -32.45 24.22 22.83
N ASN E 1142 -31.27 24.36 23.42
CA ASN E 1142 -30.83 25.60 24.03
C ASN E 1142 -29.44 25.95 23.50
N SER E 1143 -29.39 26.92 22.62
CA SER E 1143 -28.14 27.30 21.99
C SER E 1143 -27.98 28.80 22.07
N ILE E 1144 -26.80 29.25 21.67
CA ILE E 1144 -26.49 30.68 21.58
C ILE E 1144 -25.46 30.86 20.49
N THR E 1145 -25.78 31.73 19.52
CA THR E 1145 -24.85 32.03 18.46
C THR E 1145 -23.59 32.67 19.04
N GLY E 1146 -22.47 32.49 18.34
CA GLY E 1146 -21.17 32.88 18.84
C GLY E 1146 -20.56 31.91 19.82
N ARG E 1147 -21.37 31.09 20.48
CA ARG E 1147 -20.91 30.02 21.36
C ARG E 1147 -21.21 28.70 20.65
N THR E 1148 -20.15 28.03 20.19
CA THR E 1148 -20.33 26.73 19.53
C THR E 1148 -20.45 25.59 20.53
N ASP E 1149 -20.07 25.81 21.79
CA ASP E 1149 -20.12 24.80 22.83
C ASP E 1149 -21.45 24.73 23.56
N VAL E 1150 -22.32 25.73 23.40
CA VAL E 1150 -23.65 25.70 24.00
C VAL E 1150 -24.65 25.37 22.90
N ASP E 1151 -24.74 24.10 22.55
CA ASP E 1151 -25.77 23.59 21.65
C ASP E 1151 -26.51 22.49 22.38
N PHE E 1152 -26.90 22.75 23.63
CA PHE E 1152 -27.24 21.68 24.54
C PHE E 1152 -28.75 21.42 24.56
N LEU E 1153 -29.08 20.15 24.74
CA LEU E 1153 -30.44 19.64 24.72
C LEU E 1153 -30.82 19.21 26.12
N ILE E 1154 -31.95 19.72 26.64
CA ILE E 1154 -32.44 19.33 27.96
C ILE E 1154 -33.95 19.06 27.86
N SER E 1155 -34.39 18.02 28.52
CA SER E 1155 -35.78 17.60 28.46
C SER E 1155 -36.50 17.93 29.76
N PRO E 1156 -37.76 18.36 29.69
CA PRO E 1156 -38.54 18.60 30.91
C PRO E 1156 -39.27 17.38 31.44
N VAL E 1157 -39.07 16.19 30.87
CA VAL E 1157 -39.75 14.98 31.33
C VAL E 1157 -38.69 14.02 31.86
N LYS E 1158 -39.16 13.06 32.67
CA LYS E 1158 -38.32 12.02 33.24
C LYS E 1158 -38.48 10.72 32.46
N ASN E 1159 -37.37 10.01 32.29
CA ASN E 1159 -37.42 8.67 31.73
C ASN E 1159 -37.97 7.71 32.77
N SER E 1160 -37.88 6.41 32.48
CA SER E 1160 -38.42 5.40 33.39
C SER E 1160 -37.73 5.40 34.74
N ASP E 1161 -36.47 5.85 34.79
CA ASP E 1161 -35.67 5.80 36.00
C ASP E 1161 -35.67 7.11 36.77
N GLY E 1162 -36.45 8.10 36.33
CA GLY E 1162 -36.51 9.36 37.02
C GLY E 1162 -35.46 10.37 36.62
N ILE E 1163 -34.74 10.13 35.53
CA ILE E 1163 -33.65 11.01 35.12
C ILE E 1163 -34.14 11.90 33.98
N PHE E 1164 -33.81 13.17 34.06
CA PHE E 1164 -34.02 14.09 32.95
C PHE E 1164 -32.85 13.96 31.97
N TYR E 1165 -33.16 13.78 30.69
CA TYR E 1165 -32.10 13.81 29.71
C TYR E 1165 -31.53 15.23 29.64
N ASP E 1166 -30.21 15.33 29.81
CA ASP E 1166 -29.45 16.55 29.56
C ASP E 1166 -28.25 16.14 28.73
N SER E 1167 -28.13 16.71 27.52
CA SER E 1167 -27.08 16.25 26.61
C SER E 1167 -25.69 16.55 27.14
N ARG E 1168 -25.53 17.60 27.96
CA ARG E 1168 -24.23 17.90 28.54
C ARG E 1168 -23.70 16.75 29.38
N ASN E 1169 -24.59 15.93 29.93
CA ASN E 1169 -24.17 14.72 30.63
C ASN E 1169 -23.52 13.70 29.70
N TYR E 1170 -23.66 13.88 28.39
CA TYR E 1170 -23.03 12.98 27.43
C TYR E 1170 -21.90 13.61 26.65
N GLU E 1171 -21.89 14.94 26.50
CA GLU E 1171 -20.74 15.61 25.89
C GLU E 1171 -19.46 15.36 26.66
N ALA E 1172 -19.56 14.98 27.94
CA ALA E 1172 -18.39 14.73 28.76
C ALA E 1172 -17.82 13.34 28.55
N GLN E 1173 -18.64 12.38 28.11
CA GLN E 1173 -18.16 11.02 27.88
C GLN E 1173 -17.33 10.94 26.61
N GLU E 1174 -16.45 9.93 26.57
CA GLU E 1174 -15.81 9.56 25.32
C GLU E 1174 -16.72 8.65 24.50
N ASN E 1175 -17.34 7.68 25.16
CA ASN E 1175 -18.23 6.70 24.55
C ASN E 1175 -19.60 6.93 25.21
N ALA E 1176 -20.43 7.73 24.57
CA ALA E 1176 -21.74 8.08 25.11
C ALA E 1176 -22.82 7.27 24.39
N ILE E 1177 -23.76 6.74 25.16
CA ILE E 1177 -24.80 5.88 24.61
C ILE E 1177 -25.94 6.69 24.01
N LEU E 1178 -26.14 7.92 24.47
CA LEU E 1178 -27.11 8.87 23.92
C LEU E 1178 -26.38 10.03 23.24
N PRO E 1179 -27.09 10.83 22.44
CA PRO E 1179 -26.40 11.91 21.70
C PRO E 1179 -25.80 12.96 22.63
N LYS E 1180 -24.72 13.56 22.16
CA LYS E 1180 -23.92 14.50 22.95
C LYS E 1180 -24.35 15.96 22.81
N ASN E 1181 -25.28 16.26 21.92
CA ASN E 1181 -25.74 17.63 21.65
C ASN E 1181 -26.95 17.53 20.72
N ALA E 1182 -27.49 18.68 20.33
CA ALA E 1182 -28.71 18.64 19.52
C ALA E 1182 -28.42 18.22 18.09
N ASP E 1183 -27.27 18.64 17.55
CA ASP E 1183 -26.93 18.24 16.19
C ASP E 1183 -26.71 16.73 16.10
N ALA E 1184 -26.11 16.14 17.14
CA ALA E 1184 -25.91 14.68 17.12
C ALA E 1184 -27.24 13.97 17.29
N ASN E 1185 -28.12 14.54 18.11
CA ASN E 1185 -29.46 13.98 18.20
C ASN E 1185 -30.12 13.99 16.83
N GLY E 1186 -29.88 15.05 16.05
CA GLY E 1186 -30.43 15.09 14.71
C GLY E 1186 -29.95 13.92 13.86
N ALA E 1187 -28.63 13.72 13.82
CA ALA E 1187 -28.08 12.62 13.03
C ALA E 1187 -28.58 11.27 13.53
N TYR E 1188 -28.62 11.10 14.85
CA TYR E 1188 -29.14 9.88 15.43
C TYR E 1188 -30.56 9.59 14.95
N ASN E 1189 -31.42 10.60 14.98
CA ASN E 1189 -32.82 10.35 14.69
C ASN E 1189 -33.08 10.25 13.20
N ILE E 1190 -32.31 10.98 12.39
CA ILE E 1190 -32.31 10.74 10.95
C ILE E 1190 -32.00 9.27 10.67
N ALA E 1191 -30.97 8.73 11.34
CA ALA E 1191 -30.64 7.32 11.13
C ALA E 1191 -31.78 6.42 11.60
N ARG E 1192 -32.45 6.77 12.68
CA ARG E 1192 -33.49 5.89 13.17
C ARG E 1192 -34.71 5.86 12.25
N LYS E 1193 -34.97 6.97 11.56
CA LYS E 1193 -36.08 6.98 10.62
C LYS E 1193 -35.80 6.06 9.44
N VAL E 1194 -34.53 5.86 9.11
CA VAL E 1194 -34.19 4.86 8.10
C VAL E 1194 -34.30 3.46 8.69
N LEU E 1195 -33.96 3.29 9.98
CA LEU E 1195 -34.22 2.03 10.65
C LEU E 1195 -35.69 1.65 10.55
N TRP E 1196 -36.57 2.61 10.81
CA TRP E 1196 -38.01 2.35 10.65
C TRP E 1196 -38.31 1.89 9.23
N ALA E 1197 -37.64 2.49 8.24
CA ALA E 1197 -37.95 2.14 6.85
C ALA E 1197 -37.46 0.73 6.53
N ILE E 1198 -36.31 0.35 7.08
CA ILE E 1198 -35.83 -1.01 6.94
C ILE E 1198 -36.84 -1.98 7.57
N GLY E 1199 -37.44 -1.60 8.70
CA GLY E 1199 -38.47 -2.43 9.30
C GLY E 1199 -39.69 -2.58 8.43
N GLN E 1200 -39.97 -1.57 7.60
CA GLN E 1200 -41.05 -1.68 6.62
C GLN E 1200 -40.66 -2.58 5.47
N PHE E 1201 -39.40 -2.52 5.03
CA PHE E 1201 -38.90 -3.52 4.09
C PHE E 1201 -39.06 -4.92 4.66
N LYS E 1202 -38.87 -5.05 5.98
CA LYS E 1202 -38.93 -6.37 6.59
C LYS E 1202 -40.37 -6.86 6.73
N LYS E 1203 -41.36 -5.96 6.64
CA LYS E 1203 -42.76 -6.39 6.66
C LYS E 1203 -43.27 -6.79 5.27
N ALA E 1204 -42.49 -6.56 4.23
CA ALA E 1204 -42.96 -6.71 2.86
C ALA E 1204 -42.41 -7.99 2.23
N GLU E 1205 -43.16 -8.51 1.27
CA GLU E 1205 -42.62 -9.55 0.40
C GLU E 1205 -41.52 -8.97 -0.50
N ASP E 1206 -40.57 -9.84 -0.88
CA ASP E 1206 -39.48 -9.45 -1.76
C ASP E 1206 -39.99 -8.75 -3.01
N GLU E 1207 -41.04 -9.33 -3.62
CA GLU E 1207 -41.62 -8.83 -4.86
C GLU E 1207 -42.25 -7.45 -4.72
N LYS E 1208 -42.67 -7.06 -3.51
CA LYS E 1208 -43.37 -5.79 -3.32
C LYS E 1208 -42.49 -4.72 -2.68
N LEU E 1209 -41.18 -4.95 -2.56
CA LEU E 1209 -40.32 -3.99 -1.87
C LEU E 1209 -40.25 -2.64 -2.58
N ASP E 1210 -40.31 -2.62 -3.91
CA ASP E 1210 -40.25 -1.35 -4.64
C ASP E 1210 -41.33 -0.38 -4.21
N LYS E 1211 -42.44 -0.87 -3.67
CA LYS E 1211 -43.59 -0.04 -3.35
C LYS E 1211 -43.65 0.37 -1.88
N VAL E 1212 -42.74 -0.14 -1.04
CA VAL E 1212 -42.73 0.30 0.36
C VAL E 1212 -42.45 1.81 0.41
N LYS E 1213 -43.31 2.53 1.10
CA LYS E 1213 -43.07 3.94 1.38
C LYS E 1213 -42.03 4.05 2.48
N ILE E 1214 -41.03 4.93 2.29
CA ILE E 1214 -39.98 5.15 3.29
C ILE E 1214 -40.14 6.46 4.03
N ALA E 1215 -41.12 7.28 3.67
CA ALA E 1215 -41.36 8.54 4.37
C ALA E 1215 -42.21 8.22 5.60
N ILE E 1216 -41.55 8.13 6.75
CA ILE E 1216 -42.27 7.92 8.00
C ILE E 1216 -43.10 9.17 8.31
N SER E 1217 -44.37 8.97 8.68
CA SER E 1217 -45.22 10.10 9.01
C SER E 1217 -44.98 10.53 10.45
N ASN E 1218 -45.40 11.76 10.76
CA ASN E 1218 -45.17 12.32 12.09
C ASN E 1218 -45.75 11.43 13.16
N LYS E 1219 -47.02 11.04 13.00
CA LYS E 1219 -47.65 10.10 13.91
C LYS E 1219 -46.83 8.82 14.05
N GLU E 1220 -46.38 8.24 12.93
CA GLU E 1220 -45.60 7.00 13.00
C GLU E 1220 -44.29 7.23 13.77
N TRP E 1221 -43.67 8.40 13.58
CA TRP E 1221 -42.38 8.70 14.20
C TRP E 1221 -42.49 8.77 15.72
N LEU E 1222 -43.48 9.52 16.24
CA LEU E 1222 -43.60 9.67 17.69
C LEU E 1222 -43.88 8.34 18.35
N GLU E 1223 -44.67 7.48 17.70
CA GLU E 1223 -44.90 6.14 18.23
C GLU E 1223 -43.60 5.33 18.25
N TYR E 1224 -42.82 5.42 17.16
CA TYR E 1224 -41.56 4.70 17.11
C TYR E 1224 -40.60 5.22 18.18
N ALA E 1225 -40.46 6.55 18.29
CA ALA E 1225 -39.51 7.11 19.23
C ALA E 1225 -39.94 6.91 20.69
N GLN E 1226 -41.26 6.88 20.95
CA GLN E 1226 -41.74 6.81 22.33
C GLN E 1226 -41.90 5.39 22.84
N THR E 1227 -41.76 4.38 21.98
CA THR E 1227 -41.82 3.00 22.43
C THR E 1227 -40.49 2.28 22.33
N SER E 1228 -39.50 2.86 21.66
CA SER E 1228 -38.18 2.24 21.62
C SER E 1228 -37.44 2.37 22.94
N VAL E 1229 -37.83 3.31 23.79
CA VAL E 1229 -37.14 3.62 25.03
C VAL E 1229 -37.12 2.43 25.99
MG MG I . 18.75 4.49 9.36
C1 EDO J . 11.20 7.24 16.35
O1 EDO J . 9.85 7.55 16.00
C2 EDO J . 11.57 6.00 15.56
O2 EDO J . 11.36 6.21 14.16
NA NA K . 36.46 -34.23 11.22
C1 EDO L . 11.04 -13.80 22.97
O1 EDO L . 12.32 -14.35 23.32
C2 EDO L . 10.22 -14.81 22.18
O2 EDO L . 10.56 -14.71 20.80
NA NA M . 41.11 -39.41 8.06
MG MG N . 0.99 10.01 -2.91
C1 EDO O . 4.98 5.62 -11.67
O1 EDO O . 5.15 4.19 -11.64
C2 EDO O . 3.54 5.94 -11.27
O2 EDO O . 3.09 4.98 -10.29
NA NA P . -27.40 41.50 -7.43
C1 EDO Q . -12.01 14.85 -23.31
O1 EDO Q . -12.72 14.83 -22.06
C2 EDO Q . -10.65 15.53 -23.14
O2 EDO Q . -10.78 16.95 -22.96
#